data_4V37
#
_entry.id   4V37
#
_cell.length_a   68.296
_cell.length_b   80.372
_cell.length_c   85.833
_cell.angle_alpha   82.07
_cell.angle_beta   86.40
_cell.angle_gamma   79.06
#
_symmetry.space_group_name_H-M   'P 1'
#
loop_
_entity.id
_entity.type
_entity.pdbx_description
1 polymer 'BETAINE ALDEHYDE DEHYDROGENASE, CHLOROPLASTIC'
2 non-polymer NICOTINAMIDE-ADENINE-DINUCLEOTIDE
3 non-polymer 3-aminopropan-1-ol
4 non-polymer 'FORMIC ACID'
5 non-polymer 'TETRAETHYLENE GLYCOL'
6 non-polymer 'POTASSIUM ION'
7 non-polymer 2-(2-ETHOXYETHOXY)ETHANOL
8 water water
#
_entity_poly.entity_id   1
_entity_poly.type   'polypeptide(L)'
_entity_poly.pdbx_seq_one_letter_code
;MAFPIPARQLFIDGEWREPIKKNRIPVINPSTEEIIGDIPAATAEDVEVAVVAARRAFRRNNWSATSGAHRATYLRAIAA
KITEKKDHFVKLETIDSGKPFDEAVLDIDDVASCFEYFAGQAEALDGKQKAPVTLPMERFKSHVLRQPLGVVGLISPWNY
PLLMATWKIAPALAAGCTAVLKPSELASVTCLEFGEVCNEVGLPPGVLNILTGLGPDAGAPLVSHPDVDKIAFTGSSATG
SKVMASAAQLVKPVTLELGGKSPIVVFEDVDIDKVVEWTIFGCFWTNGQIASATSRLLVHESIAAEFVDKLVKWTKNIKI
SDPFEEGCRLGPVISKGQYDKIMKFISTAKSEGATILYGGSRPEHLKKGYYIEPTIVTDISTSMQIWKEEVFGPVLCVKT
FSSEDEAIALANDTEYGLAAAVFSNDLERCERITKALEVGAVWVNCSQPCFVQAPWGGIKRSGFGRELGEWGIQNYLNIK
QVTQDISDEPWGWYKSP
;
_entity_poly.pdbx_strand_id   A,B,C,D
#
loop_
_chem_comp.id
_chem_comp.type
_chem_comp.name
_chem_comp.formula
0D8 non-polymer 3-aminopropan-1-ol 'C3 H9 N O'
AE3 non-polymer 2-(2-ETHOXYETHOXY)ETHANOL 'C6 H14 O3'
FMT non-polymer 'FORMIC ACID' 'C H2 O2'
K non-polymer 'POTASSIUM ION' 'K 1'
NAD non-polymer NICOTINAMIDE-ADENINE-DINUCLEOTIDE 'C21 H27 N7 O14 P2'
PG4 non-polymer 'TETRAETHYLENE GLYCOL' 'C8 H18 O5'
#
# COMPACT_ATOMS: atom_id res chain seq x y z
N PHE A 3 -24.06 -41.37 -24.44
CA PHE A 3 -23.02 -41.57 -23.42
C PHE A 3 -23.21 -40.69 -22.16
N PRO A 4 -22.76 -41.19 -21.00
CA PRO A 4 -22.93 -40.47 -19.73
C PRO A 4 -21.89 -39.35 -19.53
N ILE A 5 -22.30 -38.28 -18.86
CA ILE A 5 -21.38 -37.25 -18.40
C ILE A 5 -20.96 -37.59 -16.97
N PRO A 6 -19.66 -37.83 -16.76
CA PRO A 6 -19.17 -38.21 -15.44
C PRO A 6 -19.52 -37.20 -14.37
N ALA A 7 -19.67 -37.69 -13.15
CA ALA A 7 -19.86 -36.84 -11.99
C ALA A 7 -18.67 -37.06 -11.06
N ARG A 8 -17.81 -36.07 -10.92
CA ARG A 8 -16.57 -36.28 -10.19
C ARG A 8 -16.28 -35.24 -9.12
N GLN A 9 -15.70 -35.70 -8.01
CA GLN A 9 -15.27 -34.79 -6.95
C GLN A 9 -14.00 -34.08 -7.43
N LEU A 10 -13.44 -33.24 -6.56
CA LEU A 10 -12.13 -32.65 -6.82
C LEU A 10 -11.04 -33.71 -6.79
N PHE A 11 -10.01 -33.53 -7.60
CA PHE A 11 -8.88 -34.44 -7.63
C PHE A 11 -7.75 -33.89 -6.78
N ILE A 12 -7.56 -34.46 -5.60
CA ILE A 12 -6.53 -33.95 -4.68
C ILE A 12 -5.75 -35.09 -4.05
N ASP A 13 -4.42 -34.96 -4.08
CA ASP A 13 -3.57 -35.94 -3.43
C ASP A 13 -3.95 -37.35 -3.89
N GLY A 14 -4.23 -37.49 -5.19
CA GLY A 14 -4.55 -38.77 -5.80
C GLY A 14 -5.91 -39.35 -5.46
N GLU A 15 -6.74 -38.61 -4.75
CA GLU A 15 -8.05 -39.18 -4.49
C GLU A 15 -9.14 -38.16 -4.76
N TRP A 16 -10.38 -38.63 -4.74
CA TRP A 16 -11.52 -37.81 -5.15
C TRP A 16 -12.18 -37.18 -3.93
N ARG A 17 -12.06 -35.87 -3.79
CA ARG A 17 -12.51 -35.21 -2.57
C ARG A 17 -13.61 -34.18 -2.82
N GLU A 18 -14.70 -34.34 -2.08
CA GLU A 18 -15.76 -33.35 -2.03
C GLU A 18 -15.22 -32.00 -1.59
N PRO A 19 -15.67 -30.91 -2.24
CA PRO A 19 -15.33 -29.55 -1.78
C PRO A 19 -15.79 -29.37 -0.36
N ILE A 20 -15.00 -28.68 0.44
CA ILE A 20 -15.29 -28.57 1.85
C ILE A 20 -16.66 -27.96 2.10
N LYS A 21 -17.06 -26.98 1.30
CA LYS A 21 -18.36 -26.34 1.48
C LYS A 21 -19.43 -27.06 0.67
N LYS A 22 -19.02 -28.14 0.01
CA LYS A 22 -19.93 -29.09 -0.66
C LYS A 22 -20.77 -28.50 -1.78
N ASN A 23 -20.31 -27.41 -2.40
CA ASN A 23 -21.02 -26.84 -3.53
C ASN A 23 -20.72 -27.52 -4.86
N ARG A 24 -21.75 -27.61 -5.70
N ARG A 24 -21.78 -27.57 -5.66
CA ARG A 24 -21.57 -28.01 -7.10
CA ARG A 24 -21.67 -27.95 -7.06
C ARG A 24 -22.22 -27.01 -8.05
C ARG A 24 -22.04 -26.79 -7.98
N ILE A 25 -21.66 -26.90 -9.25
CA ILE A 25 -22.24 -26.05 -10.28
C ILE A 25 -22.54 -26.88 -11.51
N PRO A 26 -23.52 -26.43 -12.33
CA PRO A 26 -23.98 -27.16 -13.51
C PRO A 26 -22.98 -27.27 -14.67
N VAL A 27 -23.14 -28.31 -15.48
CA VAL A 27 -22.53 -28.39 -16.79
C VAL A 27 -23.62 -28.24 -17.84
N ILE A 28 -23.45 -27.26 -18.71
CA ILE A 28 -24.43 -26.98 -19.75
C ILE A 28 -23.89 -27.38 -21.11
N ASN A 29 -24.70 -28.08 -21.90
CA ASN A 29 -24.42 -28.33 -23.30
C ASN A 29 -24.80 -27.11 -24.12
N PRO A 30 -23.79 -26.45 -24.71
CA PRO A 30 -23.99 -25.22 -25.50
C PRO A 30 -24.94 -25.43 -26.67
N SER A 31 -25.04 -26.65 -27.16
CA SER A 31 -25.89 -26.97 -28.31
C SER A 31 -27.38 -26.94 -27.98
N THR A 32 -27.71 -27.24 -26.72
CA THR A 32 -29.10 -27.39 -26.34
C THR A 32 -29.53 -26.42 -25.22
N GLU A 33 -28.55 -25.73 -24.65
CA GLU A 33 -28.73 -24.86 -23.47
C GLU A 33 -29.17 -25.61 -22.22
N GLU A 34 -29.12 -26.94 -22.28
CA GLU A 34 -29.62 -27.76 -21.18
C GLU A 34 -28.52 -28.23 -20.23
N ILE A 35 -28.90 -28.44 -18.98
CA ILE A 35 -28.00 -28.99 -17.99
C ILE A 35 -27.82 -30.48 -18.28
N ILE A 36 -26.58 -30.92 -18.45
CA ILE A 36 -26.31 -32.31 -18.80
C ILE A 36 -25.53 -33.01 -17.70
N GLY A 37 -25.26 -32.26 -16.63
CA GLY A 37 -24.38 -32.75 -15.59
C GLY A 37 -23.99 -31.61 -14.69
N ASP A 38 -23.00 -31.90 -13.86
CA ASP A 38 -22.49 -31.04 -12.82
C ASP A 38 -21.05 -31.32 -12.39
N ILE A 39 -20.43 -30.30 -11.88
CA ILE A 39 -19.03 -30.36 -11.41
C ILE A 39 -18.83 -29.77 -10.01
N PRO A 40 -17.74 -30.17 -9.32
CA PRO A 40 -17.48 -29.58 -8.00
C PRO A 40 -17.17 -28.09 -8.08
N ALA A 41 -17.65 -27.29 -7.13
CA ALA A 41 -17.30 -25.87 -7.12
C ALA A 41 -16.38 -25.54 -5.95
N ALA A 42 -15.08 -25.65 -6.20
CA ALA A 42 -14.08 -25.45 -5.18
C ALA A 42 -14.06 -24.01 -4.65
N THR A 43 -13.67 -23.90 -3.42
CA THR A 43 -13.55 -22.66 -2.68
C THR A 43 -12.11 -22.46 -2.15
N ALA A 44 -11.85 -21.37 -1.46
CA ALA A 44 -10.52 -21.13 -0.92
C ALA A 44 -10.05 -22.27 0.00
N GLU A 45 -10.99 -22.79 0.78
CA GLU A 45 -10.73 -23.93 1.67
C GLU A 45 -10.11 -25.12 0.91
N ASP A 46 -10.64 -25.41 -0.28
CA ASP A 46 -10.14 -26.50 -1.07
C ASP A 46 -8.79 -26.17 -1.69
N VAL A 47 -8.57 -24.91 -2.02
CA VAL A 47 -7.29 -24.48 -2.52
C VAL A 47 -6.23 -24.78 -1.48
N GLU A 48 -6.50 -24.49 -0.23
CA GLU A 48 -5.56 -24.75 0.84
C GLU A 48 -5.19 -26.23 0.95
N VAL A 49 -6.15 -27.12 0.90
CA VAL A 49 -5.80 -28.53 1.04
C VAL A 49 -5.07 -29.06 -0.21
N ALA A 50 -5.39 -28.54 -1.39
CA ALA A 50 -4.69 -28.94 -2.60
C ALA A 50 -3.23 -28.48 -2.59
N VAL A 51 -2.97 -27.27 -2.23
CA VAL A 51 -1.64 -26.72 -2.20
C VAL A 51 -0.78 -27.43 -1.15
N VAL A 52 -1.39 -27.73 -0.02
CA VAL A 52 -0.69 -28.50 0.99
C VAL A 52 -0.26 -29.86 0.43
N ALA A 53 -1.18 -30.53 -0.26
CA ALA A 53 -0.89 -31.84 -0.86
C ALA A 53 0.24 -31.72 -1.90
N ALA A 54 0.18 -30.67 -2.71
CA ALA A 54 1.21 -30.46 -3.72
C ALA A 54 2.56 -30.18 -3.09
N ARG A 55 2.57 -29.37 -2.03
CA ARG A 55 3.81 -29.05 -1.32
C ARG A 55 4.41 -30.33 -0.73
N ARG A 56 3.57 -31.14 -0.10
CA ARG A 56 4.03 -32.41 0.45
C ARG A 56 4.56 -33.33 -0.65
N ALA A 57 3.89 -33.33 -1.81
CA ALA A 57 4.35 -34.19 -2.89
C ALA A 57 5.69 -33.68 -3.42
N PHE A 58 5.91 -32.38 -3.32
CA PHE A 58 7.14 -31.76 -3.80
C PHE A 58 8.32 -32.09 -2.86
N ARG A 59 8.04 -32.24 -1.57
CA ARG A 59 9.12 -32.34 -0.59
C ARG A 59 9.63 -33.78 -0.46
N ARG A 60 8.99 -34.69 -1.17
CA ARG A 60 9.55 -36.02 -1.36
C ARG A 60 10.65 -35.96 -2.44
N ASN A 61 11.40 -37.00 -2.54
CA ASN A 61 12.29 -36.95 -3.68
C ASN A 61 11.94 -38.02 -4.68
N ASN A 62 10.78 -38.65 -4.55
CA ASN A 62 10.27 -39.41 -5.69
C ASN A 62 9.75 -38.59 -6.88
N TRP A 63 9.77 -37.27 -6.81
CA TRP A 63 9.33 -36.44 -7.94
C TRP A 63 10.22 -35.29 -8.29
N SER A 64 10.21 -34.26 -7.45
CA SER A 64 10.95 -33.03 -7.69
C SER A 64 12.45 -33.26 -7.78
N ALA A 65 12.98 -34.18 -6.99
CA ALA A 65 14.42 -34.38 -6.96
C ALA A 65 14.88 -35.50 -7.89
N THR A 66 13.96 -36.25 -8.47
CA THR A 66 14.33 -37.33 -9.38
C THR A 66 14.73 -36.76 -10.76
N SER A 67 15.17 -37.61 -11.68
CA SER A 67 15.62 -37.13 -12.98
C SER A 67 14.47 -36.83 -13.95
N GLY A 68 14.74 -36.04 -14.97
CA GLY A 68 13.76 -35.85 -16.03
C GLY A 68 13.36 -37.16 -16.67
N ALA A 69 14.32 -38.06 -16.87
CA ALA A 69 14.01 -39.34 -17.53
C ALA A 69 13.01 -40.13 -16.71
N HIS A 70 13.14 -40.08 -15.38
CA HIS A 70 12.17 -40.74 -14.51
C HIS A 70 10.76 -40.17 -14.73
N ARG A 71 10.66 -38.84 -14.66
CA ARG A 71 9.37 -38.15 -14.83
C ARG A 71 8.80 -38.39 -16.23
N ALA A 72 9.70 -38.55 -17.20
CA ALA A 72 9.30 -38.77 -18.57
C ALA A 72 8.51 -40.08 -18.74
N THR A 73 8.80 -41.09 -17.94
CA THR A 73 8.09 -42.36 -18.11
C THR A 73 6.60 -42.19 -17.83
N TYR A 74 6.31 -41.34 -16.85
CA TYR A 74 4.95 -40.97 -16.54
C TYR A 74 4.28 -40.15 -17.66
N LEU A 75 5.01 -39.17 -18.20
CA LEU A 75 4.45 -38.35 -19.26
C LEU A 75 4.11 -39.19 -20.49
N ARG A 76 4.97 -40.14 -20.85
CA ARG A 76 4.63 -41.03 -21.96
C ARG A 76 3.51 -41.99 -21.62
N ALA A 77 3.50 -42.48 -20.39
CA ALA A 77 2.40 -43.30 -19.92
C ALA A 77 1.09 -42.53 -20.09
N ILE A 78 1.10 -41.26 -19.69
CA ILE A 78 -0.08 -40.40 -19.80
C ILE A 78 -0.53 -40.25 -21.24
N ALA A 79 0.40 -39.96 -22.16
CA ALA A 79 0.05 -39.81 -23.57
C ALA A 79 -0.60 -41.09 -24.12
N ALA A 80 -0.01 -42.24 -23.79
CA ALA A 80 -0.54 -43.52 -24.26
C ALA A 80 -1.94 -43.75 -23.72
N LYS A 81 -2.16 -43.36 -22.46
CA LYS A 81 -3.46 -43.54 -21.84
C LYS A 81 -4.51 -42.65 -22.53
N ILE A 82 -4.13 -41.42 -22.85
CA ILE A 82 -5.04 -40.49 -23.52
C ILE A 82 -5.43 -41.07 -24.89
N THR A 83 -4.43 -41.54 -25.63
CA THR A 83 -4.65 -42.16 -26.95
C THR A 83 -5.59 -43.38 -26.85
N GLU A 84 -5.34 -44.23 -25.87
CA GLU A 84 -6.18 -45.37 -25.54
C GLU A 84 -7.63 -44.98 -25.28
N LYS A 85 -7.82 -43.91 -24.50
CA LYS A 85 -9.15 -43.42 -24.16
C LYS A 85 -9.58 -42.28 -25.06
N LYS A 86 -9.01 -42.22 -26.26
CA LYS A 86 -9.22 -41.08 -27.17
C LYS A 86 -10.69 -40.79 -27.42
N ASP A 87 -11.44 -41.84 -27.77
CA ASP A 87 -12.84 -41.68 -28.14
C ASP A 87 -13.65 -41.07 -27.01
N HIS A 88 -13.33 -41.50 -25.80
CA HIS A 88 -14.01 -41.03 -24.60
C HIS A 88 -13.80 -39.54 -24.36
N PHE A 89 -12.54 -39.10 -24.43
CA PHE A 89 -12.19 -37.70 -24.28
C PHE A 89 -12.70 -36.83 -25.41
N VAL A 90 -12.66 -37.34 -26.64
CA VAL A 90 -13.20 -36.57 -27.77
C VAL A 90 -14.68 -36.28 -27.57
N LYS A 91 -15.45 -37.31 -27.21
CA LYS A 91 -16.90 -37.16 -26.98
C LYS A 91 -17.23 -36.16 -25.88
N LEU A 92 -16.53 -36.28 -24.75
CA LEU A 92 -16.72 -35.38 -23.61
C LEU A 92 -16.34 -33.94 -23.96
N GLU A 93 -15.28 -33.77 -24.74
CA GLU A 93 -14.76 -32.44 -25.10
C GLU A 93 -15.72 -31.75 -26.06
N THR A 94 -16.35 -32.56 -26.91
CA THR A 94 -17.27 -32.05 -27.91
C THR A 94 -18.56 -31.56 -27.24
N ILE A 95 -19.12 -32.38 -26.35
CA ILE A 95 -20.39 -32.00 -25.75
C ILE A 95 -20.19 -30.84 -24.75
N ASP A 96 -19.05 -30.85 -24.07
CA ASP A 96 -18.72 -29.82 -23.09
C ASP A 96 -18.31 -28.50 -23.74
N SER A 97 -17.49 -28.53 -24.78
CA SER A 97 -16.94 -27.26 -25.30
C SER A 97 -17.79 -26.68 -26.40
N GLY A 98 -18.46 -27.51 -27.18
CA GLY A 98 -19.31 -27.04 -28.25
C GLY A 98 -18.61 -26.93 -29.60
N LYS A 99 -17.33 -27.31 -29.64
CA LYS A 99 -16.57 -27.30 -30.90
C LYS A 99 -16.99 -28.51 -31.72
N PRO A 100 -16.94 -28.38 -33.08
CA PRO A 100 -17.17 -29.53 -33.97
C PRO A 100 -16.39 -30.78 -33.53
N PHE A 101 -17.02 -31.95 -33.61
CA PHE A 101 -16.38 -33.22 -33.29
C PHE A 101 -15.00 -33.35 -33.93
N ASP A 102 -14.91 -33.02 -35.21
CA ASP A 102 -13.65 -33.15 -35.92
C ASP A 102 -12.57 -32.26 -35.30
N GLU A 103 -12.96 -31.12 -34.75
CA GLU A 103 -12.00 -30.25 -34.04
C GLU A 103 -11.54 -30.91 -32.75
N ALA A 104 -12.49 -31.45 -31.99
CA ALA A 104 -12.17 -32.15 -30.75
C ALA A 104 -11.22 -33.32 -30.96
N VAL A 105 -11.43 -34.10 -32.03
CA VAL A 105 -10.54 -35.20 -32.37
C VAL A 105 -9.09 -34.72 -32.42
N LEU A 106 -8.88 -33.55 -33.03
CA LEU A 106 -7.54 -33.02 -33.19
C LEU A 106 -6.96 -32.59 -31.85
N ASP A 107 -7.78 -31.94 -31.04
CA ASP A 107 -7.40 -31.50 -29.70
C ASP A 107 -6.79 -32.64 -28.90
N ILE A 108 -7.51 -33.76 -28.88
CA ILE A 108 -7.07 -34.91 -28.10
C ILE A 108 -5.84 -35.57 -28.69
N ASP A 109 -5.71 -35.60 -30.02
CA ASP A 109 -4.46 -36.00 -30.65
C ASP A 109 -3.33 -35.11 -30.16
N ASP A 110 -3.61 -33.81 -30.07
CA ASP A 110 -2.57 -32.85 -29.66
C ASP A 110 -2.23 -32.98 -28.17
N VAL A 111 -3.20 -33.38 -27.36
CA VAL A 111 -2.92 -33.56 -25.95
C VAL A 111 -1.87 -34.65 -25.80
N ALA A 112 -2.07 -35.78 -26.48
CA ALA A 112 -1.16 -36.90 -26.41
C ALA A 112 0.19 -36.51 -27.00
N SER A 113 0.20 -35.86 -28.17
N SER A 113 0.30 -35.80 -28.12
CA SER A 113 1.44 -35.37 -28.76
CA SER A 113 1.60 -35.43 -28.67
C SER A 113 2.17 -34.42 -27.80
C SER A 113 2.23 -34.30 -27.86
N CYS A 114 1.41 -33.56 -27.13
CA CYS A 114 2.08 -32.64 -26.22
C CYS A 114 2.81 -33.35 -25.07
N PHE A 115 2.18 -34.36 -24.46
CA PHE A 115 2.86 -35.07 -23.36
C PHE A 115 4.09 -35.82 -23.87
N GLU A 116 4.00 -36.38 -25.09
CA GLU A 116 5.15 -37.02 -25.72
C GLU A 116 6.33 -36.05 -25.94
N TYR A 117 6.02 -34.89 -26.51
CA TYR A 117 7.05 -33.87 -26.73
C TYR A 117 7.73 -33.46 -25.42
N PHE A 118 6.95 -33.26 -24.36
CA PHE A 118 7.59 -32.81 -23.12
C PHE A 118 8.24 -33.94 -22.35
N ALA A 119 7.88 -35.18 -22.68
CA ALA A 119 8.64 -36.30 -22.18
C ALA A 119 10.07 -36.19 -22.70
N GLY A 120 10.17 -35.86 -23.99
CA GLY A 120 11.46 -35.72 -24.64
C GLY A 120 12.21 -34.54 -24.04
N GLN A 121 11.49 -33.48 -23.72
N GLN A 121 11.49 -33.49 -23.70
CA GLN A 121 12.09 -32.29 -23.14
CA GLN A 121 12.10 -32.29 -23.14
C GLN A 121 12.57 -32.55 -21.71
C GLN A 121 12.55 -32.53 -21.69
N ALA A 122 11.88 -33.47 -21.02
CA ALA A 122 12.32 -33.84 -19.67
C ALA A 122 13.65 -34.57 -19.74
N GLU A 123 13.80 -35.43 -20.74
CA GLU A 123 15.03 -36.19 -20.88
C GLU A 123 16.17 -35.28 -21.29
N ALA A 124 15.89 -34.32 -22.16
CA ALA A 124 16.92 -33.38 -22.58
C ALA A 124 17.40 -32.54 -21.39
N LEU A 125 16.49 -32.31 -20.43
CA LEU A 125 16.79 -31.54 -19.22
C LEU A 125 17.92 -32.20 -18.43
N ASP A 126 17.89 -33.52 -18.32
CA ASP A 126 18.96 -34.27 -17.68
C ASP A 126 20.32 -33.90 -18.28
N GLY A 127 20.39 -33.91 -19.60
CA GLY A 127 21.63 -33.55 -20.29
C GLY A 127 22.22 -32.17 -20.02
N LYS A 128 21.43 -31.35 -19.38
CA LYS A 128 21.62 -29.91 -19.35
C LYS A 128 22.10 -29.62 -17.93
N GLN A 129 21.86 -30.58 -17.03
CA GLN A 129 22.26 -30.39 -15.63
C GLN A 129 23.77 -30.28 -15.50
N LYS A 130 24.22 -29.41 -14.60
CA LYS A 130 25.64 -29.12 -14.40
C LYS A 130 26.33 -28.61 -15.67
N ALA A 131 25.63 -27.83 -16.49
CA ALA A 131 26.27 -27.31 -17.70
C ALA A 131 27.36 -26.34 -17.28
N PRO A 132 28.60 -26.56 -17.77
CA PRO A 132 29.72 -25.69 -17.39
C PRO A 132 29.52 -24.25 -17.86
N VAL A 133 29.92 -23.28 -17.05
CA VAL A 133 29.91 -21.89 -17.51
C VAL A 133 31.32 -21.35 -17.47
N THR A 134 31.86 -20.97 -18.62
CA THR A 134 33.29 -20.61 -18.63
C THR A 134 33.53 -19.30 -17.89
N LEU A 135 34.46 -19.34 -16.93
CA LEU A 135 34.85 -18.17 -16.15
C LEU A 135 36.27 -17.75 -16.52
N PRO A 136 36.59 -16.46 -16.40
CA PRO A 136 37.94 -16.00 -16.73
C PRO A 136 38.99 -16.27 -15.65
N MET A 137 38.58 -16.54 -14.43
CA MET A 137 39.54 -16.72 -13.34
C MET A 137 39.66 -18.18 -12.99
N GLU A 138 40.84 -18.77 -13.22
CA GLU A 138 41.06 -20.18 -12.97
C GLU A 138 40.82 -20.57 -11.50
N ARG A 139 40.70 -19.56 -10.64
CA ARG A 139 40.37 -19.77 -9.22
C ARG A 139 38.95 -20.31 -9.01
N PHE A 140 38.03 -19.91 -9.88
CA PHE A 140 36.62 -20.25 -9.73
C PHE A 140 36.09 -21.08 -10.90
N LYS A 141 35.22 -22.03 -10.60
CA LYS A 141 34.49 -22.74 -11.65
C LYS A 141 33.00 -22.55 -11.44
N SER A 142 32.23 -22.52 -12.53
CA SER A 142 30.79 -22.32 -12.40
C SER A 142 29.97 -23.30 -13.27
N HIS A 143 28.80 -23.69 -12.78
CA HIS A 143 27.84 -24.39 -13.61
C HIS A 143 26.40 -24.03 -13.24
N VAL A 144 25.46 -24.50 -14.06
CA VAL A 144 24.04 -24.22 -13.83
C VAL A 144 23.30 -25.49 -13.44
N LEU A 145 22.48 -25.38 -12.41
CA LEU A 145 21.55 -26.44 -12.04
C LEU A 145 20.15 -26.00 -12.45
N ARG A 146 19.44 -26.85 -13.18
CA ARG A 146 18.07 -26.54 -13.56
C ARG A 146 17.07 -27.32 -12.70
N GLN A 147 16.63 -26.70 -11.61
CA GLN A 147 15.76 -27.36 -10.65
C GLN A 147 14.31 -26.90 -10.76
N PRO A 148 13.35 -27.75 -10.35
CA PRO A 148 11.94 -27.33 -10.33
C PRO A 148 11.77 -26.18 -9.35
N LEU A 149 10.95 -25.20 -9.71
CA LEU A 149 10.69 -24.06 -8.85
C LEU A 149 9.96 -24.46 -7.58
N GLY A 150 8.93 -25.29 -7.72
CA GLY A 150 8.14 -25.72 -6.56
C GLY A 150 6.67 -26.03 -6.87
N VAL A 151 5.77 -25.45 -6.09
CA VAL A 151 4.33 -25.64 -6.30
C VAL A 151 3.82 -24.59 -7.26
N VAL A 152 3.18 -25.01 -8.33
CA VAL A 152 2.71 -24.03 -9.30
C VAL A 152 1.20 -24.06 -9.51
N GLY A 153 0.63 -22.87 -9.70
CA GLY A 153 -0.76 -22.74 -9.99
C GLY A 153 -0.92 -22.60 -11.49
N LEU A 154 -1.77 -23.47 -12.05
CA LEU A 154 -2.01 -23.50 -13.50
C LEU A 154 -3.46 -23.17 -13.80
N ILE A 155 -3.72 -22.08 -14.52
CA ILE A 155 -5.09 -21.59 -14.71
C ILE A 155 -5.39 -21.41 -16.19
N SER A 156 -6.44 -22.10 -16.67
CA SER A 156 -6.62 -22.28 -18.11
C SER A 156 -8.06 -21.99 -18.57
N PRO A 157 -8.22 -21.67 -19.86
CA PRO A 157 -9.52 -21.32 -20.44
C PRO A 157 -10.26 -22.51 -21.06
N TRP A 158 -11.50 -22.25 -21.45
CA TRP A 158 -12.44 -23.25 -21.93
C TRP A 158 -12.37 -23.56 -23.42
N ASN A 159 -11.64 -22.75 -24.21
CA ASN A 159 -11.80 -22.87 -25.67
C ASN A 159 -11.10 -24.11 -26.24
N TYR A 160 -10.06 -24.59 -25.55
CA TYR A 160 -9.47 -25.92 -25.78
C TYR A 160 -9.24 -26.53 -24.40
N PRO A 161 -10.28 -27.10 -23.78
CA PRO A 161 -10.26 -27.41 -22.34
C PRO A 161 -9.06 -28.24 -21.94
N LEU A 162 -8.95 -29.47 -22.42
CA LEU A 162 -7.85 -30.34 -22.00
C LEU A 162 -6.53 -29.89 -22.64
N LEU A 163 -6.56 -29.43 -23.89
CA LEU A 163 -5.31 -29.02 -24.54
C LEU A 163 -4.66 -27.82 -23.82
N MET A 164 -5.44 -26.80 -23.50
CA MET A 164 -4.90 -25.63 -22.78
C MET A 164 -4.32 -26.01 -21.41
N ALA A 165 -5.01 -26.91 -20.70
CA ALA A 165 -4.52 -27.40 -19.42
C ALA A 165 -3.20 -28.15 -19.62
N THR A 166 -3.18 -28.97 -20.66
CA THR A 166 -2.04 -29.81 -21.01
C THR A 166 -0.78 -28.98 -21.35
N TRP A 167 -0.97 -27.90 -22.09
CA TRP A 167 0.13 -26.97 -22.36
C TRP A 167 0.83 -26.52 -21.08
N LYS A 168 0.13 -26.62 -19.96
CA LYS A 168 0.72 -26.22 -18.69
C LYS A 168 1.18 -27.45 -17.89
N ILE A 169 0.31 -28.44 -17.75
CA ILE A 169 0.67 -29.63 -17.01
C ILE A 169 1.95 -30.30 -17.53
N ALA A 170 2.03 -30.50 -18.85
CA ALA A 170 3.15 -31.28 -19.40
C ALA A 170 4.53 -30.67 -19.06
N PRO A 171 4.78 -29.38 -19.36
CA PRO A 171 6.06 -28.80 -18.91
C PRO A 171 6.23 -28.63 -17.38
N ALA A 172 5.16 -28.34 -16.64
CA ALA A 172 5.34 -28.24 -15.19
C ALA A 172 5.85 -29.57 -14.64
N LEU A 173 5.22 -30.66 -15.04
CA LEU A 173 5.62 -31.97 -14.54
C LEU A 173 6.99 -32.36 -15.11
N ALA A 174 7.26 -32.04 -16.37
CA ALA A 174 8.58 -32.32 -16.95
C ALA A 174 9.68 -31.64 -16.12
N ALA A 175 9.40 -30.41 -15.67
CA ALA A 175 10.36 -29.63 -14.92
C ALA A 175 10.60 -30.22 -13.55
N GLY A 176 9.62 -30.95 -13.03
CA GLY A 176 9.69 -31.53 -11.71
C GLY A 176 8.89 -30.78 -10.66
N CYS A 177 8.06 -29.83 -11.09
CA CYS A 177 7.17 -29.11 -10.16
C CYS A 177 5.98 -30.02 -9.82
N THR A 178 5.28 -29.65 -8.75
CA THR A 178 3.94 -30.19 -8.47
C THR A 178 2.93 -29.08 -8.69
N ALA A 179 1.67 -29.41 -8.92
CA ALA A 179 0.78 -28.40 -9.50
C ALA A 179 -0.68 -28.49 -9.05
N VAL A 180 -1.34 -27.34 -9.07
CA VAL A 180 -2.78 -27.23 -8.88
C VAL A 180 -3.34 -26.59 -10.17
N LEU A 181 -4.16 -27.35 -10.89
CA LEU A 181 -4.86 -26.88 -12.08
C LEU A 181 -6.26 -26.36 -11.74
N LYS A 182 -6.59 -25.16 -12.16
CA LYS A 182 -7.99 -24.78 -12.10
C LYS A 182 -8.47 -24.42 -13.50
N PRO A 183 -9.10 -25.40 -14.18
CA PRO A 183 -9.62 -25.11 -15.52
C PRO A 183 -10.85 -24.21 -15.43
N SER A 184 -11.31 -23.73 -16.59
CA SER A 184 -12.53 -22.93 -16.67
C SER A 184 -13.76 -23.68 -16.19
N GLU A 185 -14.60 -22.95 -15.46
CA GLU A 185 -15.92 -23.40 -15.01
C GLU A 185 -16.90 -23.59 -16.16
N LEU A 186 -16.53 -23.08 -17.34
CA LEU A 186 -17.36 -23.27 -18.53
C LEU A 186 -17.09 -24.61 -19.22
N ALA A 187 -15.93 -25.22 -18.99
CA ALA A 187 -15.66 -26.52 -19.62
C ALA A 187 -14.63 -27.30 -18.85
N SER A 188 -15.09 -27.99 -17.83
CA SER A 188 -14.21 -28.67 -16.91
C SER A 188 -14.21 -30.20 -16.98
N VAL A 189 -15.13 -30.75 -17.77
CA VAL A 189 -15.36 -32.19 -17.80
C VAL A 189 -14.10 -33.01 -18.02
N THR A 190 -13.43 -32.75 -19.14
CA THR A 190 -12.25 -33.54 -19.53
C THR A 190 -11.07 -33.34 -18.59
N CYS A 191 -10.91 -32.13 -18.05
CA CYS A 191 -9.83 -31.87 -17.12
C CYS A 191 -10.01 -32.70 -15.84
N LEU A 192 -11.24 -32.77 -15.34
CA LEU A 192 -11.53 -33.62 -14.19
C LEU A 192 -11.24 -35.07 -14.51
N GLU A 193 -11.68 -35.48 -15.69
CA GLU A 193 -11.43 -36.82 -16.20
C GLU A 193 -9.93 -37.14 -16.24
N PHE A 194 -9.12 -36.11 -16.47
CA PHE A 194 -7.66 -36.29 -16.50
C PHE A 194 -7.14 -36.86 -15.17
N GLY A 195 -7.82 -36.56 -14.07
CA GLY A 195 -7.46 -37.13 -12.79
C GLY A 195 -7.44 -38.66 -12.79
N GLU A 196 -8.43 -39.27 -13.45
CA GLU A 196 -8.49 -40.73 -13.47
C GLU A 196 -7.30 -41.29 -14.25
N VAL A 197 -6.90 -40.58 -15.29
CA VAL A 197 -5.73 -40.97 -16.06
C VAL A 197 -4.49 -40.93 -15.17
N CYS A 198 -4.37 -39.90 -14.33
CA CYS A 198 -3.20 -39.78 -13.46
C CYS A 198 -3.09 -40.98 -12.51
N ASN A 199 -4.21 -41.42 -11.95
CA ASN A 199 -4.18 -42.57 -11.05
C ASN A 199 -3.89 -43.85 -11.84
N GLU A 200 -4.40 -43.96 -13.08
CA GLU A 200 -4.14 -45.14 -13.88
C GLU A 200 -2.67 -45.30 -14.31
N VAL A 201 -1.89 -44.22 -14.42
CA VAL A 201 -0.45 -44.36 -14.70
C VAL A 201 0.40 -44.33 -13.42
N GLY A 202 -0.25 -44.26 -12.26
CA GLY A 202 0.47 -44.26 -11.00
C GLY A 202 1.15 -42.93 -10.70
N LEU A 203 0.64 -41.83 -11.23
CA LEU A 203 1.22 -40.51 -10.89
C LEU A 203 1.17 -40.31 -9.37
N PRO A 204 2.33 -40.04 -8.75
CA PRO A 204 2.41 -39.88 -7.29
C PRO A 204 1.37 -38.89 -6.78
N PRO A 205 0.72 -39.22 -5.66
CA PRO A 205 -0.36 -38.41 -5.07
C PRO A 205 0.11 -36.98 -4.80
N GLY A 206 -0.67 -36.00 -5.21
CA GLY A 206 -0.35 -34.61 -4.91
C GLY A 206 0.50 -33.93 -5.98
N VAL A 207 1.06 -34.72 -6.90
CA VAL A 207 1.88 -34.15 -7.99
C VAL A 207 1.01 -33.29 -8.93
N LEU A 208 -0.18 -33.76 -9.28
CA LEU A 208 -1.19 -32.91 -9.95
C LEU A 208 -2.53 -32.93 -9.19
N ASN A 209 -3.02 -31.75 -8.83
CA ASN A 209 -4.33 -31.63 -8.21
C ASN A 209 -5.23 -30.76 -9.06
N ILE A 210 -6.49 -31.15 -9.16
CA ILE A 210 -7.42 -30.51 -10.10
C ILE A 210 -8.63 -29.92 -9.37
N LEU A 211 -8.72 -28.60 -9.35
CA LEU A 211 -9.82 -27.94 -8.67
C LEU A 211 -10.70 -27.23 -9.67
N THR A 212 -11.92 -27.72 -9.84
CA THR A 212 -12.85 -27.02 -10.71
C THR A 212 -13.65 -26.01 -9.88
N GLY A 213 -14.16 -24.96 -10.51
CA GLY A 213 -14.89 -23.94 -9.77
C GLY A 213 -14.81 -22.58 -10.40
N LEU A 214 -15.50 -21.60 -9.79
CA LEU A 214 -15.53 -20.26 -10.35
C LEU A 214 -14.18 -19.57 -10.25
N GLY A 215 -13.87 -18.77 -11.27
CA GLY A 215 -12.68 -17.93 -11.30
C GLY A 215 -12.40 -17.19 -10.01
N PRO A 216 -13.34 -16.36 -9.54
CA PRO A 216 -13.12 -15.69 -8.24
C PRO A 216 -13.03 -16.65 -7.07
N ASP A 217 -13.85 -17.70 -7.05
CA ASP A 217 -13.92 -18.58 -5.88
C ASP A 217 -12.77 -19.57 -5.73
N ALA A 218 -12.28 -20.07 -6.86
CA ALA A 218 -11.21 -21.07 -6.90
C ALA A 218 -9.90 -20.54 -7.52
N GLY A 219 -9.99 -19.77 -8.60
CA GLY A 219 -8.81 -19.21 -9.24
C GLY A 219 -8.07 -18.17 -8.39
N ALA A 220 -8.76 -17.10 -7.99
CA ALA A 220 -8.13 -16.05 -7.17
C ALA A 220 -7.44 -16.55 -5.88
N PRO A 221 -8.05 -17.49 -5.13
CA PRO A 221 -7.30 -17.91 -3.93
C PRO A 221 -6.04 -18.71 -4.28
N LEU A 222 -6.07 -19.33 -5.45
CA LEU A 222 -4.87 -20.02 -5.92
C LEU A 222 -3.79 -18.99 -6.24
N VAL A 223 -4.13 -17.92 -6.95
N VAL A 223 -4.07 -17.93 -6.95
CA VAL A 223 -3.11 -16.91 -7.25
CA VAL A 223 -3.16 -16.83 -7.21
C VAL A 223 -2.59 -16.21 -5.99
C VAL A 223 -2.58 -16.14 -5.98
N SER A 224 -3.43 -15.98 -4.99
CA SER A 224 -2.94 -15.22 -3.85
C SER A 224 -2.38 -16.13 -2.73
N HIS A 225 -2.38 -17.45 -2.93
CA HIS A 225 -1.86 -18.35 -1.88
C HIS A 225 -0.37 -18.13 -1.62
N PRO A 226 0.02 -18.04 -0.34
CA PRO A 226 1.42 -17.82 0.05
C PRO A 226 2.38 -18.98 -0.28
N ASP A 227 1.91 -20.20 -0.49
CA ASP A 227 2.86 -21.29 -0.74
C ASP A 227 2.88 -21.78 -2.19
N VAL A 228 2.22 -21.02 -3.06
CA VAL A 228 2.27 -21.26 -4.50
C VAL A 228 3.39 -20.39 -5.08
N ASP A 229 4.38 -21.02 -5.72
CA ASP A 229 5.57 -20.28 -6.09
C ASP A 229 5.47 -19.52 -7.41
N LYS A 230 4.56 -19.94 -8.27
CA LYS A 230 4.40 -19.30 -9.58
C LYS A 230 3.03 -19.65 -10.14
N ILE A 231 2.45 -18.73 -10.93
CA ILE A 231 1.17 -18.93 -11.58
C ILE A 231 1.36 -18.91 -13.10
N ALA A 232 0.89 -19.96 -13.77
CA ALA A 232 0.81 -19.96 -15.22
C ALA A 232 -0.62 -19.67 -15.63
N PHE A 233 -0.83 -18.52 -16.26
CA PHE A 233 -2.17 -18.07 -16.56
C PHE A 233 -2.40 -17.88 -18.02
N THR A 234 -3.55 -18.38 -18.47
CA THR A 234 -4.07 -18.16 -19.80
C THR A 234 -5.52 -17.68 -19.61
N GLY A 235 -5.86 -16.57 -20.25
CA GLY A 235 -7.20 -16.01 -20.14
C GLY A 235 -7.26 -14.64 -20.80
N SER A 236 -8.26 -13.86 -20.40
CA SER A 236 -8.46 -12.53 -20.98
C SER A 236 -7.41 -11.57 -20.45
N SER A 237 -7.18 -10.50 -21.22
CA SER A 237 -6.24 -9.48 -20.81
C SER A 237 -6.72 -8.86 -19.51
N ALA A 238 -8.04 -8.76 -19.37
CA ALA A 238 -8.63 -8.16 -18.18
C ALA A 238 -8.33 -9.02 -16.96
N THR A 239 -8.51 -10.34 -17.08
CA THR A 239 -8.26 -11.23 -15.95
C THR A 239 -6.75 -11.28 -15.68
N GLY A 240 -5.97 -11.24 -16.75
CA GLY A 240 -4.52 -11.26 -16.64
C GLY A 240 -4.04 -10.14 -15.73
N SER A 241 -4.60 -8.95 -15.93
CA SER A 241 -4.30 -7.82 -15.06
C SER A 241 -4.65 -8.13 -13.59
N LYS A 242 -5.83 -8.69 -13.34
CA LYS A 242 -6.23 -9.03 -11.97
C LYS A 242 -5.23 -9.99 -11.34
N VAL A 243 -4.84 -10.98 -12.12
CA VAL A 243 -4.00 -12.07 -11.64
C VAL A 243 -2.62 -11.57 -11.28
N MET A 244 -2.07 -10.71 -12.16
CA MET A 244 -0.76 -10.16 -11.93
C MET A 244 -0.75 -9.14 -10.78
N ALA A 245 -1.80 -8.32 -10.68
CA ALA A 245 -1.95 -7.43 -9.53
C ALA A 245 -1.97 -8.23 -8.22
N SER A 246 -2.61 -9.39 -8.22
CA SER A 246 -2.69 -10.22 -7.02
C SER A 246 -1.35 -10.86 -6.67
N ALA A 247 -0.76 -11.53 -7.66
CA ALA A 247 0.57 -12.09 -7.56
C ALA A 247 1.63 -11.08 -7.09
N ALA A 248 1.47 -9.82 -7.50
CA ALA A 248 2.45 -8.74 -7.20
C ALA A 248 2.60 -8.51 -5.70
N GLN A 249 1.52 -8.75 -4.96
CA GLN A 249 1.53 -8.59 -3.51
C GLN A 249 2.55 -9.50 -2.86
N LEU A 250 2.83 -10.63 -3.49
CA LEU A 250 3.79 -11.58 -2.94
C LEU A 250 5.03 -11.71 -3.82
N VAL A 251 5.25 -10.71 -4.70
CA VAL A 251 6.27 -10.76 -5.76
C VAL A 251 6.37 -12.18 -6.36
N LYS A 252 5.22 -12.73 -6.74
CA LYS A 252 5.10 -14.08 -7.26
C LYS A 252 5.19 -14.02 -8.78
N PRO A 253 6.13 -14.77 -9.38
CA PRO A 253 6.25 -14.77 -10.85
C PRO A 253 4.96 -15.22 -11.51
N VAL A 254 4.73 -14.72 -12.70
CA VAL A 254 3.61 -15.12 -13.53
C VAL A 254 3.94 -15.20 -15.01
N THR A 255 3.20 -16.00 -15.73
CA THR A 255 3.24 -15.92 -17.19
C THR A 255 1.82 -15.65 -17.64
N LEU A 256 1.67 -14.83 -18.67
CA LEU A 256 0.34 -14.39 -19.09
C LEU A 256 0.11 -14.58 -20.58
N GLU A 257 -0.80 -15.50 -20.92
CA GLU A 257 -1.19 -15.76 -22.29
C GLU A 257 -2.60 -15.19 -22.50
N LEU A 258 -2.66 -13.96 -22.97
CA LEU A 258 -3.92 -13.22 -22.94
C LEU A 258 -4.58 -13.11 -24.30
N GLY A 259 -5.41 -12.09 -24.46
CA GLY A 259 -6.25 -11.97 -25.64
C GLY A 259 -5.54 -11.36 -26.83
N GLY A 260 -6.25 -11.29 -27.95
CA GLY A 260 -5.71 -10.66 -29.13
C GLY A 260 -6.75 -10.04 -30.05
N LYS A 261 -6.25 -9.29 -31.03
CA LYS A 261 -7.06 -8.76 -32.11
C LYS A 261 -6.12 -8.80 -33.30
N SER A 262 -5.88 -10.02 -33.80
CA SER A 262 -4.80 -10.28 -34.72
C SER A 262 -5.17 -9.93 -36.16
N PRO A 263 -4.23 -9.31 -36.89
CA PRO A 263 -4.47 -8.93 -38.28
C PRO A 263 -4.12 -10.06 -39.27
N ILE A 264 -4.93 -10.23 -40.31
CA ILE A 264 -4.53 -11.05 -41.44
C ILE A 264 -4.37 -10.13 -42.66
N VAL A 265 -3.15 -10.06 -43.19
CA VAL A 265 -2.78 -9.11 -44.22
C VAL A 265 -2.67 -9.83 -45.56
N VAL A 266 -3.51 -9.46 -46.51
CA VAL A 266 -3.56 -10.14 -47.81
C VAL A 266 -3.21 -9.13 -48.92
N PHE A 267 -2.12 -9.44 -49.63
CA PHE A 267 -1.69 -8.65 -50.76
C PHE A 267 -2.31 -9.22 -52.03
N GLU A 268 -2.02 -8.60 -53.16
CA GLU A 268 -2.79 -8.84 -54.37
C GLU A 268 -2.33 -10.09 -55.08
N ASP A 269 -1.08 -10.48 -54.88
CA ASP A 269 -0.53 -11.64 -55.56
C ASP A 269 -0.82 -12.92 -54.80
N VAL A 270 -2.09 -13.31 -54.72
CA VAL A 270 -2.41 -14.55 -54.04
C VAL A 270 -3.45 -15.36 -54.80
N ASP A 271 -3.47 -16.67 -54.53
CA ASP A 271 -4.59 -17.50 -54.94
C ASP A 271 -5.72 -17.23 -53.97
N ILE A 272 -6.79 -16.62 -54.48
CA ILE A 272 -7.84 -16.08 -53.62
C ILE A 272 -8.65 -17.15 -52.89
N ASP A 273 -8.91 -18.29 -53.54
CA ASP A 273 -9.66 -19.35 -52.86
C ASP A 273 -8.84 -20.00 -51.74
N LYS A 274 -7.53 -20.10 -51.94
CA LYS A 274 -6.66 -20.66 -50.93
C LYS A 274 -6.66 -19.76 -49.71
N VAL A 275 -6.52 -18.46 -49.96
CA VAL A 275 -6.39 -17.50 -48.87
C VAL A 275 -7.73 -17.34 -48.17
N VAL A 276 -8.82 -17.33 -48.94
CA VAL A 276 -10.15 -17.23 -48.36
C VAL A 276 -10.44 -18.37 -47.36
N GLU A 277 -9.98 -19.58 -47.64
CA GLU A 277 -10.23 -20.69 -46.72
C GLU A 277 -9.43 -20.49 -45.43
N TRP A 278 -8.21 -19.98 -45.57
CA TRP A 278 -7.37 -19.67 -44.41
C TRP A 278 -7.95 -18.52 -43.55
N THR A 279 -8.62 -17.56 -44.18
CA THR A 279 -9.15 -16.44 -43.38
C THR A 279 -10.41 -16.86 -42.61
N ILE A 280 -11.23 -17.74 -43.15
CA ILE A 280 -12.36 -18.26 -42.40
C ILE A 280 -11.84 -19.22 -41.31
N PHE A 281 -10.86 -20.01 -41.67
CA PHE A 281 -10.23 -20.87 -40.66
C PHE A 281 -9.66 -19.96 -39.56
N GLY A 282 -9.02 -18.88 -39.99
CA GLY A 282 -8.38 -17.95 -39.09
C GLY A 282 -9.30 -17.20 -38.14
N CYS A 283 -10.59 -17.12 -38.48
CA CYS A 283 -11.52 -16.34 -37.66
C CYS A 283 -12.75 -17.13 -37.20
N PHE A 284 -13.11 -18.20 -37.90
CA PHE A 284 -14.37 -18.90 -37.60
C PHE A 284 -14.20 -20.27 -36.97
N TRP A 285 -13.00 -20.80 -37.07
CA TRP A 285 -12.70 -22.13 -36.55
C TRP A 285 -12.70 -22.03 -35.01
N THR A 286 -12.90 -23.16 -34.32
CA THR A 286 -13.16 -23.14 -32.88
C THR A 286 -14.34 -22.19 -32.56
N ASN A 287 -15.25 -22.08 -33.51
CA ASN A 287 -16.45 -21.26 -33.35
C ASN A 287 -16.07 -19.80 -33.06
N GLY A 288 -14.94 -19.35 -33.62
CA GLY A 288 -14.46 -18.00 -33.42
C GLY A 288 -13.70 -17.78 -32.12
N GLN A 289 -13.59 -18.83 -31.30
CA GLN A 289 -13.10 -18.71 -29.93
C GLN A 289 -11.60 -19.04 -29.88
N ILE A 290 -10.83 -18.23 -30.61
CA ILE A 290 -9.39 -18.40 -30.70
C ILE A 290 -8.72 -17.12 -30.22
N ALA A 291 -7.83 -17.24 -29.23
CA ALA A 291 -7.07 -16.09 -28.80
C ALA A 291 -6.37 -15.40 -29.97
N SER A 292 -5.76 -16.21 -30.84
CA SER A 292 -4.94 -15.67 -31.92
C SER A 292 -5.75 -15.49 -33.20
N ALA A 293 -7.07 -15.53 -33.07
CA ALA A 293 -7.99 -15.37 -34.21
C ALA A 293 -7.59 -14.19 -35.08
N THR A 294 -7.41 -14.44 -36.37
CA THR A 294 -7.11 -13.33 -37.28
C THR A 294 -8.43 -12.63 -37.64
N SER A 295 -8.83 -11.73 -36.74
CA SER A 295 -10.18 -11.15 -36.72
C SER A 295 -10.23 -9.82 -37.44
N ARG A 296 -9.07 -9.34 -37.88
CA ARG A 296 -8.99 -8.11 -38.66
C ARG A 296 -8.40 -8.43 -40.02
N LEU A 297 -9.26 -8.46 -41.04
CA LEU A 297 -8.83 -8.69 -42.41
C LEU A 297 -8.40 -7.39 -43.05
N LEU A 298 -7.11 -7.32 -43.38
CA LEU A 298 -6.57 -6.24 -44.16
C LEU A 298 -6.24 -6.76 -45.55
N VAL A 299 -7.04 -6.35 -46.54
CA VAL A 299 -6.90 -6.87 -47.89
C VAL A 299 -6.66 -5.76 -48.92
N HIS A 300 -5.75 -6.00 -49.86
CA HIS A 300 -5.42 -5.01 -50.88
C HIS A 300 -6.67 -4.52 -51.61
N GLU A 301 -6.79 -3.20 -51.78
CA GLU A 301 -7.97 -2.63 -52.43
C GLU A 301 -8.15 -3.20 -53.82
N SER A 302 -7.04 -3.51 -54.48
CA SER A 302 -7.05 -4.17 -55.78
C SER A 302 -7.90 -5.43 -55.86
N ILE A 303 -7.76 -6.35 -54.90
CA ILE A 303 -8.55 -7.58 -54.93
C ILE A 303 -9.67 -7.61 -53.90
N ALA A 304 -9.86 -6.50 -53.18
CA ALA A 304 -10.85 -6.43 -52.11
C ALA A 304 -12.22 -6.89 -52.54
N ALA A 305 -12.73 -6.29 -53.61
CA ALA A 305 -14.04 -6.65 -54.15
C ALA A 305 -14.33 -8.12 -54.46
N GLU A 306 -13.53 -8.71 -55.33
CA GLU A 306 -13.60 -10.13 -55.63
C GLU A 306 -13.48 -10.98 -54.37
N PHE A 307 -12.38 -10.82 -53.64
CA PHE A 307 -12.14 -11.58 -52.43
C PHE A 307 -13.23 -11.67 -51.36
N VAL A 308 -13.71 -10.52 -50.92
CA VAL A 308 -14.86 -10.45 -50.03
C VAL A 308 -16.08 -11.16 -50.64
N ASP A 309 -16.21 -11.12 -51.96
CA ASP A 309 -17.31 -11.83 -52.62
C ASP A 309 -17.13 -13.34 -52.46
N LYS A 310 -15.92 -13.83 -52.68
CA LYS A 310 -15.66 -15.26 -52.50
C LYS A 310 -15.66 -15.63 -51.01
N LEU A 311 -15.09 -14.76 -50.18
CA LEU A 311 -15.12 -14.92 -48.73
C LEU A 311 -16.55 -15.15 -48.27
N VAL A 312 -17.47 -14.38 -48.81
CA VAL A 312 -18.87 -14.52 -48.44
C VAL A 312 -19.41 -15.87 -48.89
N LYS A 313 -19.07 -16.28 -50.10
CA LYS A 313 -19.58 -17.54 -50.63
C LYS A 313 -19.09 -18.75 -49.82
N TRP A 314 -17.80 -18.79 -49.48
CA TRP A 314 -17.29 -19.90 -48.65
C TRP A 314 -17.98 -19.94 -47.30
N THR A 315 -18.28 -18.77 -46.76
CA THR A 315 -18.88 -18.64 -45.44
C THR A 315 -20.31 -19.15 -45.41
N LYS A 316 -21.08 -18.86 -46.47
CA LYS A 316 -22.44 -19.38 -46.61
C LYS A 316 -22.46 -20.90 -46.64
N ASN A 317 -21.34 -21.49 -47.07
CA ASN A 317 -21.24 -22.93 -47.22
C ASN A 317 -20.73 -23.67 -45.96
N ILE A 318 -20.57 -22.95 -44.84
CA ILE A 318 -20.09 -23.58 -43.63
C ILE A 318 -21.26 -24.22 -42.89
N LYS A 319 -21.21 -25.53 -42.73
CA LYS A 319 -22.31 -26.20 -42.05
C LYS A 319 -22.37 -25.85 -40.57
N ILE A 320 -23.48 -25.26 -40.17
CA ILE A 320 -23.73 -24.97 -38.77
C ILE A 320 -24.66 -26.03 -38.23
N SER A 321 -24.25 -26.68 -37.16
CA SER A 321 -25.07 -27.74 -36.57
C SER A 321 -24.55 -28.14 -35.22
N ASP A 322 -25.33 -28.99 -34.55
CA ASP A 322 -24.85 -29.70 -33.40
C ASP A 322 -23.51 -30.35 -33.75
N PRO A 323 -22.52 -30.26 -32.84
CA PRO A 323 -21.14 -30.64 -33.13
C PRO A 323 -20.91 -32.14 -33.42
N PHE A 324 -21.89 -33.00 -33.16
CA PHE A 324 -21.76 -34.44 -33.43
C PHE A 324 -22.31 -34.81 -34.81
N GLU A 325 -23.05 -33.87 -35.42
CA GLU A 325 -23.59 -34.11 -36.76
C GLU A 325 -22.48 -34.22 -37.81
N GLU A 326 -22.59 -35.27 -38.64
CA GLU A 326 -21.71 -35.51 -39.77
C GLU A 326 -21.42 -34.20 -40.50
N GLY A 327 -20.16 -33.88 -40.73
CA GLY A 327 -19.79 -32.68 -41.48
C GLY A 327 -19.87 -31.36 -40.73
N CYS A 328 -20.12 -31.39 -39.42
CA CYS A 328 -20.21 -30.13 -38.67
C CYS A 328 -18.95 -29.31 -38.86
N ARG A 329 -19.12 -28.06 -39.26
CA ARG A 329 -17.98 -27.18 -39.42
C ARG A 329 -18.07 -25.93 -38.56
N LEU A 330 -19.21 -25.74 -37.90
CA LEU A 330 -19.35 -24.67 -36.94
C LEU A 330 -20.42 -25.05 -35.90
N GLY A 331 -20.03 -25.05 -34.63
CA GLY A 331 -20.94 -25.32 -33.53
C GLY A 331 -21.29 -24.03 -32.83
N PRO A 332 -21.96 -24.14 -31.67
CA PRO A 332 -22.40 -22.99 -30.86
C PRO A 332 -21.24 -22.40 -30.05
N VAL A 333 -21.32 -21.12 -29.70
CA VAL A 333 -20.35 -20.56 -28.78
C VAL A 333 -20.63 -21.13 -27.38
N ILE A 334 -19.71 -20.91 -26.45
CA ILE A 334 -19.64 -21.73 -25.23
C ILE A 334 -20.82 -21.60 -24.26
N SER A 335 -21.41 -20.41 -24.13
CA SER A 335 -22.39 -20.12 -23.07
C SER A 335 -23.32 -18.94 -23.38
N LYS A 336 -24.36 -18.78 -22.57
CA LYS A 336 -25.30 -17.65 -22.69
C LYS A 336 -24.61 -16.28 -22.62
N GLY A 337 -23.68 -16.13 -21.67
CA GLY A 337 -22.98 -14.87 -21.46
C GLY A 337 -22.13 -14.44 -22.66
N GLN A 338 -21.42 -15.40 -23.24
CA GLN A 338 -20.60 -15.13 -24.41
C GLN A 338 -21.51 -14.85 -25.60
N TYR A 339 -22.52 -15.68 -25.73
CA TYR A 339 -23.57 -15.47 -26.73
C TYR A 339 -24.08 -14.04 -26.74
N ASP A 340 -24.46 -13.53 -25.57
CA ASP A 340 -25.06 -12.21 -25.47
C ASP A 340 -24.04 -11.13 -25.75
N LYS A 341 -22.84 -11.28 -25.18
CA LYS A 341 -21.69 -10.44 -25.40
C LYS A 341 -21.42 -10.27 -26.87
N ILE A 342 -21.33 -11.37 -27.57
CA ILE A 342 -21.06 -11.32 -29.00
C ILE A 342 -22.19 -10.61 -29.74
N MET A 343 -23.43 -10.88 -29.36
CA MET A 343 -24.56 -10.26 -30.04
C MET A 343 -24.52 -8.76 -29.79
N LYS A 344 -24.14 -8.37 -28.57
CA LYS A 344 -24.01 -6.95 -28.26
C LYS A 344 -22.88 -6.27 -29.05
N PHE A 345 -21.76 -6.96 -29.23
CA PHE A 345 -20.69 -6.44 -30.07
C PHE A 345 -21.22 -6.12 -31.46
N ILE A 346 -21.96 -7.07 -32.04
CA ILE A 346 -22.49 -6.92 -33.39
C ILE A 346 -23.47 -5.77 -33.46
N SER A 347 -24.35 -5.67 -32.46
CA SER A 347 -25.35 -4.61 -32.40
C SER A 347 -24.75 -3.23 -32.29
N THR A 348 -23.77 -3.05 -31.40
CA THR A 348 -23.19 -1.73 -31.26
C THR A 348 -22.34 -1.41 -32.51
N ALA A 349 -21.92 -2.45 -33.24
CA ALA A 349 -21.22 -2.23 -34.49
C ALA A 349 -22.18 -1.67 -35.55
N LYS A 350 -23.40 -2.21 -35.61
CA LYS A 350 -24.45 -1.61 -36.43
C LYS A 350 -24.61 -0.16 -36.01
N SER A 351 -24.91 0.02 -34.74
CA SER A 351 -25.15 1.33 -34.14
C SER A 351 -24.09 2.39 -34.48
N GLU A 352 -22.84 1.98 -34.63
CA GLU A 352 -21.76 2.90 -35.00
C GLU A 352 -21.62 2.99 -36.53
N GLY A 353 -22.56 2.40 -37.25
CA GLY A 353 -22.62 2.54 -38.69
C GLY A 353 -21.75 1.61 -39.51
N ALA A 354 -21.40 0.46 -38.95
CA ALA A 354 -20.68 -0.55 -39.71
C ALA A 354 -21.68 -1.37 -40.54
N THR A 355 -21.22 -1.97 -41.64
CA THR A 355 -22.12 -2.81 -42.45
C THR A 355 -22.03 -4.30 -42.05
N ILE A 356 -23.17 -4.89 -41.72
CA ILE A 356 -23.19 -6.33 -41.48
C ILE A 356 -23.38 -7.02 -42.80
N LEU A 357 -22.28 -7.23 -43.52
CA LEU A 357 -22.36 -7.76 -44.87
C LEU A 357 -23.01 -9.14 -44.86
N TYR A 358 -22.59 -10.00 -43.93
CA TYR A 358 -23.21 -11.30 -43.84
C TYR A 358 -23.34 -11.77 -42.39
N GLY A 359 -24.44 -12.46 -42.09
CA GLY A 359 -24.62 -13.13 -40.82
C GLY A 359 -25.07 -12.19 -39.73
N GLY A 360 -24.51 -12.37 -38.54
CA GLY A 360 -24.74 -11.44 -37.44
C GLY A 360 -25.95 -11.84 -36.65
N SER A 361 -26.51 -12.98 -37.02
CA SER A 361 -27.78 -13.39 -36.47
C SER A 361 -27.76 -14.87 -36.12
N ARG A 362 -28.73 -15.27 -35.31
CA ARG A 362 -28.92 -16.66 -34.96
C ARG A 362 -29.49 -17.44 -36.14
N PRO A 363 -28.92 -18.63 -36.44
CA PRO A 363 -29.31 -19.40 -37.63
C PRO A 363 -30.77 -19.85 -37.58
N GLU A 364 -31.46 -19.90 -38.72
CA GLU A 364 -32.89 -20.22 -38.74
C GLU A 364 -33.27 -21.54 -38.10
N HIS A 365 -32.60 -22.59 -38.57
CA HIS A 365 -33.04 -23.94 -38.28
C HIS A 365 -32.59 -24.47 -36.89
N LEU A 366 -31.99 -23.59 -36.08
CA LEU A 366 -31.47 -23.96 -34.76
C LEU A 366 -32.04 -23.03 -33.70
N LYS A 367 -33.08 -23.46 -33.00
CA LYS A 367 -33.80 -22.48 -32.21
C LYS A 367 -33.45 -22.57 -30.73
N LYS A 368 -32.71 -23.59 -30.34
CA LYS A 368 -32.04 -23.49 -29.05
C LYS A 368 -30.55 -23.75 -29.24
N GLY A 369 -29.76 -23.35 -28.26
CA GLY A 369 -28.31 -23.39 -28.40
C GLY A 369 -27.72 -22.02 -28.70
N TYR A 370 -26.44 -21.86 -28.40
CA TYR A 370 -25.79 -20.57 -28.51
C TYR A 370 -25.18 -20.40 -29.90
N TYR A 371 -26.01 -20.62 -30.91
CA TYR A 371 -25.54 -20.58 -32.29
C TYR A 371 -25.55 -19.18 -32.85
N ILE A 372 -24.48 -18.84 -33.53
CA ILE A 372 -24.35 -17.57 -34.23
C ILE A 372 -23.75 -17.82 -35.62
N GLU A 373 -24.35 -17.22 -36.63
CA GLU A 373 -23.81 -17.32 -37.99
C GLU A 373 -22.45 -16.63 -38.09
N PRO A 374 -21.53 -17.19 -38.88
CA PRO A 374 -20.27 -16.48 -39.09
C PRO A 374 -20.57 -15.11 -39.68
N THR A 375 -19.94 -14.07 -39.13
CA THR A 375 -20.34 -12.71 -39.42
C THR A 375 -19.24 -11.95 -40.12
N ILE A 376 -19.60 -11.33 -41.25
CA ILE A 376 -18.67 -10.49 -42.03
C ILE A 376 -19.07 -9.03 -41.93
N VAL A 377 -18.25 -8.20 -41.29
CA VAL A 377 -18.67 -6.83 -41.09
C VAL A 377 -17.69 -5.88 -41.79
N THR A 378 -18.28 -5.00 -42.59
CA THR A 378 -17.52 -4.11 -43.46
C THR A 378 -17.83 -2.64 -43.16
N ASP A 379 -17.27 -1.75 -43.98
CA ASP A 379 -17.36 -0.29 -43.77
C ASP A 379 -16.94 0.07 -42.36
N ILE A 380 -15.70 -0.30 -42.07
CA ILE A 380 -15.08 -0.17 -40.75
C ILE A 380 -14.38 1.15 -40.56
N SER A 381 -14.54 1.73 -39.42
CA SER A 381 -13.59 2.72 -39.04
C SER A 381 -12.73 2.15 -37.89
N THR A 382 -11.52 2.60 -37.83
CA THR A 382 -10.63 2.20 -36.81
C THR A 382 -11.00 2.65 -35.42
N SER A 383 -12.02 3.52 -35.27
CA SER A 383 -12.47 4.05 -33.98
CA SER A 383 -12.47 4.05 -33.98
C SER A 383 -13.59 3.19 -33.41
N MET A 384 -14.14 2.30 -34.24
CA MET A 384 -15.24 1.45 -33.81
C MET A 384 -14.80 0.42 -32.77
N GLN A 385 -15.71 0.10 -31.86
CA GLN A 385 -15.44 -0.89 -30.83
C GLN A 385 -15.06 -2.25 -31.44
N ILE A 386 -15.78 -2.64 -32.49
CA ILE A 386 -15.61 -3.95 -33.09
C ILE A 386 -14.19 -4.14 -33.68
N TRP A 387 -13.56 -3.04 -34.06
CA TRP A 387 -12.22 -3.10 -34.62
C TRP A 387 -11.16 -3.19 -33.52
N LYS A 388 -11.47 -2.58 -32.37
CA LYS A 388 -10.49 -2.52 -31.29
C LYS A 388 -10.55 -3.70 -30.32
N GLU A 389 -11.75 -4.20 -30.05
CA GLU A 389 -11.94 -5.15 -28.95
C GLU A 389 -12.08 -6.58 -29.41
N GLU A 390 -11.54 -7.49 -28.60
CA GLU A 390 -11.68 -8.92 -28.84
C GLU A 390 -13.14 -9.35 -28.66
N VAL A 391 -13.72 -9.86 -29.74
CA VAL A 391 -15.11 -10.31 -29.75
C VAL A 391 -15.23 -11.78 -29.30
N PHE A 392 -14.30 -12.61 -29.67
CA PHE A 392 -14.29 -14.02 -29.34
C PHE A 392 -15.53 -14.79 -29.82
N GLY A 393 -15.97 -14.46 -31.03
CA GLY A 393 -17.02 -15.20 -31.70
C GLY A 393 -16.68 -15.22 -33.19
N PRO A 394 -17.49 -15.92 -33.99
CA PRO A 394 -17.15 -16.01 -35.41
C PRO A 394 -17.49 -14.70 -36.11
N VAL A 395 -16.71 -13.66 -35.84
CA VAL A 395 -16.99 -12.30 -36.31
C VAL A 395 -15.74 -11.67 -36.90
N LEU A 396 -15.77 -11.46 -38.21
CA LEU A 396 -14.62 -10.93 -38.91
C LEU A 396 -14.85 -9.49 -39.37
N CYS A 397 -13.89 -8.62 -39.08
CA CYS A 397 -13.85 -7.26 -39.63
C CYS A 397 -12.99 -7.17 -40.88
N VAL A 398 -13.41 -6.34 -41.84
CA VAL A 398 -12.70 -6.18 -43.10
C VAL A 398 -12.37 -4.72 -43.42
N LYS A 399 -11.12 -4.48 -43.82
CA LYS A 399 -10.72 -3.17 -44.30
C LYS A 399 -9.76 -3.33 -45.47
N THR A 400 -9.77 -2.37 -46.40
CA THR A 400 -8.84 -2.40 -47.52
C THR A 400 -7.61 -1.54 -47.22
N PHE A 401 -6.54 -1.75 -47.99
CA PHE A 401 -5.34 -0.92 -47.91
C PHE A 401 -4.79 -0.79 -49.33
N SER A 402 -4.00 0.27 -49.57
CA SER A 402 -3.33 0.40 -50.87
C SER A 402 -1.83 0.23 -50.70
N SER A 403 -1.29 0.94 -49.72
CA SER A 403 0.12 1.00 -49.44
C SER A 403 0.59 -0.14 -48.51
N GLU A 404 1.81 -0.61 -48.72
CA GLU A 404 2.39 -1.57 -47.80
C GLU A 404 2.54 -0.95 -46.40
N ASP A 405 3.02 0.29 -46.36
CA ASP A 405 3.24 0.97 -45.10
C ASP A 405 1.93 1.23 -44.39
N GLU A 406 0.86 1.32 -45.19
CA GLU A 406 -0.49 1.44 -44.67
C GLU A 406 -0.97 0.16 -43.98
N ALA A 407 -0.72 -0.98 -44.65
CA ALA A 407 -1.12 -2.28 -44.12
C ALA A 407 -0.42 -2.54 -42.79
N ILE A 408 0.88 -2.31 -42.75
CA ILE A 408 1.67 -2.42 -41.52
C ILE A 408 1.12 -1.52 -40.41
N ALA A 409 0.81 -0.27 -40.75
CA ALA A 409 0.34 0.67 -39.75
C ALA A 409 -1.02 0.23 -39.21
N LEU A 410 -1.91 -0.18 -40.11
CA LEU A 410 -3.24 -0.63 -39.73
C LEU A 410 -3.17 -1.90 -38.88
N ALA A 411 -2.23 -2.77 -39.20
CA ALA A 411 -2.11 -4.06 -38.55
C ALA A 411 -1.55 -3.91 -37.14
N ASN A 412 -0.64 -2.95 -36.95
CA ASN A 412 -0.04 -2.66 -35.65
C ASN A 412 -0.84 -1.69 -34.79
N ASP A 413 -1.90 -1.13 -35.38
CA ASP A 413 -2.80 -0.18 -34.70
C ASP A 413 -3.74 -0.91 -33.74
N THR A 414 -3.15 -1.53 -32.73
CA THR A 414 -3.90 -2.30 -31.75
C THR A 414 -3.08 -2.35 -30.48
N GLU A 415 -3.76 -2.43 -29.34
CA GLU A 415 -3.08 -2.53 -28.08
C GLU A 415 -2.61 -3.97 -27.86
N TYR A 416 -3.22 -4.92 -28.57
CA TYR A 416 -2.83 -6.32 -28.48
C TYR A 416 -1.52 -6.58 -29.22
N GLY A 417 -1.12 -7.85 -29.31
CA GLY A 417 0.11 -8.18 -30.01
C GLY A 417 0.40 -9.65 -29.91
N LEU A 418 -0.64 -10.45 -30.08
CA LEU A 418 -0.50 -11.89 -29.95
C LEU A 418 0.07 -12.47 -31.22
N ALA A 419 -0.69 -12.39 -32.32
CA ALA A 419 -0.29 -13.07 -33.54
C ALA A 419 -0.63 -12.24 -34.78
N ALA A 420 -0.30 -12.81 -35.94
CA ALA A 420 -0.68 -12.20 -37.22
C ALA A 420 -0.47 -13.20 -38.36
N ALA A 421 -1.11 -12.93 -39.49
CA ALA A 421 -0.96 -13.75 -40.70
C ALA A 421 -0.73 -12.84 -41.91
N VAL A 422 0.23 -13.17 -42.76
CA VAL A 422 0.46 -12.36 -43.97
C VAL A 422 0.44 -13.26 -45.20
N PHE A 423 -0.35 -12.87 -46.20
CA PHE A 423 -0.41 -13.66 -47.44
C PHE A 423 0.11 -12.89 -48.63
N SER A 424 1.09 -13.50 -49.30
CA SER A 424 1.70 -12.95 -50.51
C SER A 424 2.56 -14.04 -51.15
N ASN A 425 2.38 -14.23 -52.46
CA ASN A 425 3.27 -15.14 -53.19
C ASN A 425 4.70 -14.59 -53.18
N ASP A 426 4.80 -13.27 -53.10
CA ASP A 426 6.09 -12.62 -52.94
C ASP A 426 6.67 -12.90 -51.55
N LEU A 427 7.63 -13.82 -51.46
CA LEU A 427 8.15 -14.25 -50.16
C LEU A 427 9.05 -13.21 -49.51
N GLU A 428 9.74 -12.40 -50.33
CA GLU A 428 10.53 -11.29 -49.81
C GLU A 428 9.64 -10.27 -49.15
N ARG A 429 8.46 -10.05 -49.73
CA ARG A 429 7.48 -9.18 -49.10
C ARG A 429 6.94 -9.77 -47.78
N CYS A 430 6.73 -11.08 -47.74
CA CYS A 430 6.25 -11.75 -46.53
C CYS A 430 7.21 -11.52 -45.36
N GLU A 431 8.48 -11.81 -45.58
CA GLU A 431 9.51 -11.67 -44.55
C GLU A 431 9.65 -10.22 -44.08
N ARG A 432 9.47 -9.29 -45.01
CA ARG A 432 9.53 -7.88 -44.67
C ARG A 432 8.38 -7.56 -43.72
N ILE A 433 7.18 -8.03 -44.07
CA ILE A 433 6.03 -7.86 -43.19
C ILE A 433 6.20 -8.56 -41.83
N THR A 434 6.76 -9.77 -41.82
N THR A 434 6.78 -9.74 -41.86
CA THR A 434 6.76 -10.53 -40.56
CA THR A 434 6.90 -10.59 -40.71
C THR A 434 7.62 -9.83 -39.52
C THR A 434 7.65 -9.89 -39.60
N LYS A 435 8.74 -9.25 -39.96
CA LYS A 435 9.66 -8.52 -39.08
C LYS A 435 9.02 -7.24 -38.51
N ALA A 436 8.16 -6.61 -39.30
CA ALA A 436 7.54 -5.34 -38.91
C ALA A 436 6.32 -5.47 -37.99
N LEU A 437 5.68 -6.63 -37.99
CA LEU A 437 4.48 -6.82 -37.16
C LEU A 437 4.82 -6.87 -35.66
N GLU A 438 4.11 -6.09 -34.86
CA GLU A 438 4.33 -6.03 -33.42
C GLU A 438 3.56 -7.14 -32.70
N VAL A 439 4.03 -8.37 -32.92
CA VAL A 439 3.37 -9.59 -32.46
C VAL A 439 4.35 -10.71 -32.03
N GLY A 440 3.86 -11.72 -31.32
CA GLY A 440 4.67 -12.83 -30.85
C GLY A 440 4.69 -13.99 -31.81
N ALA A 441 3.78 -13.99 -32.78
CA ALA A 441 3.73 -15.08 -33.76
C ALA A 441 3.21 -14.59 -35.12
N VAL A 442 3.87 -15.02 -36.19
CA VAL A 442 3.42 -14.65 -37.53
C VAL A 442 3.23 -15.90 -38.39
N TRP A 443 2.03 -16.13 -38.88
CA TRP A 443 1.87 -17.17 -39.90
C TRP A 443 2.08 -16.56 -41.28
N VAL A 444 2.85 -17.26 -42.12
CA VAL A 444 3.08 -16.83 -43.49
C VAL A 444 2.32 -17.75 -44.45
N ASN A 445 1.47 -17.14 -45.26
CA ASN A 445 0.59 -17.86 -46.17
C ASN A 445 -0.19 -18.99 -45.51
N CYS A 446 -0.64 -18.74 -44.28
CA CYS A 446 -1.57 -19.60 -43.56
C CYS A 446 -2.05 -18.81 -42.35
N SER A 447 -2.97 -19.37 -41.58
CA SER A 447 -3.42 -18.74 -40.34
C SER A 447 -3.79 -19.83 -39.34
N GLN A 448 -3.25 -19.74 -38.13
CA GLN A 448 -3.56 -20.59 -36.94
C GLN A 448 -2.87 -21.96 -36.72
N PRO A 449 -2.10 -22.51 -37.70
CA PRO A 449 -1.59 -23.84 -37.33
C PRO A 449 -0.64 -23.79 -36.13
N CYS A 450 -0.98 -24.58 -35.12
CA CYS A 450 -0.33 -24.52 -33.81
C CYS A 450 0.48 -25.78 -33.50
N PHE A 451 1.80 -25.69 -33.56
CA PHE A 451 2.67 -26.84 -33.29
C PHE A 451 3.38 -26.74 -31.95
N VAL A 452 3.33 -27.82 -31.19
CA VAL A 452 3.92 -27.85 -29.85
C VAL A 452 5.42 -27.56 -29.93
N GLN A 453 6.02 -27.78 -31.10
CA GLN A 453 7.47 -27.67 -31.25
C GLN A 453 8.04 -26.24 -31.21
N ALA A 454 7.17 -25.24 -31.27
CA ALA A 454 7.60 -23.84 -31.44
C ALA A 454 7.08 -22.96 -30.31
N PRO A 455 7.86 -21.94 -29.91
CA PRO A 455 7.47 -21.04 -28.82
C PRO A 455 6.20 -20.26 -29.12
N TRP A 456 5.37 -20.07 -28.08
CA TRP A 456 4.07 -19.43 -28.21
C TRP A 456 3.78 -18.38 -27.14
N GLY A 457 3.45 -17.16 -27.57
CA GLY A 457 3.01 -16.13 -26.66
C GLY A 457 3.03 -14.77 -27.33
N GLY A 458 2.52 -13.76 -26.64
CA GLY A 458 2.43 -12.46 -27.26
C GLY A 458 3.34 -11.37 -26.69
N ILE A 459 3.08 -10.15 -27.13
CA ILE A 459 3.67 -8.96 -26.55
C ILE A 459 2.54 -7.98 -26.33
N LYS A 460 2.87 -6.79 -25.86
CA LYS A 460 1.85 -5.74 -25.67
C LYS A 460 0.80 -6.18 -24.66
N ARG A 461 -0.47 -5.96 -25.01
CA ARG A 461 -1.57 -6.31 -24.12
C ARG A 461 -1.93 -7.80 -24.20
N SER A 462 -1.26 -8.53 -25.09
CA SER A 462 -1.53 -9.95 -25.24
C SER A 462 -0.74 -10.77 -24.20
N GLY A 463 -0.02 -10.08 -23.32
CA GLY A 463 0.73 -10.73 -22.25
C GLY A 463 2.23 -10.77 -22.46
N PHE A 464 2.88 -11.75 -21.85
CA PHE A 464 4.32 -11.94 -21.94
C PHE A 464 4.66 -13.37 -21.49
N GLY A 465 5.84 -13.83 -21.87
CA GLY A 465 6.19 -15.22 -21.57
C GLY A 465 5.98 -16.08 -22.80
N ARG A 466 6.74 -17.16 -22.91
CA ARG A 466 6.56 -18.09 -24.01
C ARG A 466 6.30 -19.49 -23.51
N GLU A 467 5.21 -20.07 -23.93
CA GLU A 467 4.94 -21.45 -23.70
C GLU A 467 5.34 -22.31 -24.93
N LEU A 468 5.35 -23.61 -24.71
CA LEU A 468 5.70 -24.62 -25.69
C LEU A 468 7.14 -24.63 -26.22
N GLY A 469 7.37 -25.49 -27.18
CA GLY A 469 8.66 -25.71 -27.74
C GLY A 469 9.73 -25.89 -26.69
N GLU A 470 10.89 -25.39 -26.98
CA GLU A 470 12.01 -25.45 -26.06
C GLU A 470 11.93 -24.34 -25.01
N TRP A 471 10.88 -23.54 -25.06
CA TRP A 471 10.62 -22.51 -24.04
C TRP A 471 9.73 -22.98 -22.88
N GLY A 472 8.89 -23.99 -23.15
CA GLY A 472 7.87 -24.42 -22.21
C GLY A 472 8.38 -24.82 -20.83
N ILE A 473 9.40 -25.64 -20.79
CA ILE A 473 9.98 -26.15 -19.56
C ILE A 473 10.55 -25.06 -18.64
N GLN A 474 11.26 -24.11 -19.20
CA GLN A 474 11.96 -23.07 -18.46
C GLN A 474 11.03 -22.28 -17.57
N ASN A 475 9.77 -22.11 -17.98
CA ASN A 475 8.85 -21.33 -17.17
C ASN A 475 8.68 -21.90 -15.78
N TYR A 476 9.10 -23.14 -15.57
CA TYR A 476 8.90 -23.81 -14.29
C TYR A 476 10.20 -24.15 -13.55
N LEU A 477 11.30 -23.54 -13.97
CA LEU A 477 12.62 -23.79 -13.39
C LEU A 477 13.18 -22.70 -12.49
N ASN A 478 13.92 -23.14 -11.48
CA ASN A 478 14.90 -22.31 -10.79
C ASN A 478 16.26 -22.52 -11.48
N ILE A 479 16.71 -21.50 -12.19
CA ILE A 479 18.03 -21.53 -12.78
C ILE A 479 19.00 -21.23 -11.65
N LYS A 480 19.71 -22.26 -11.18
CA LYS A 480 20.59 -22.08 -10.03
C LYS A 480 22.04 -22.00 -10.44
N GLN A 481 22.65 -20.85 -10.15
CA GLN A 481 24.06 -20.67 -10.37
C GLN A 481 24.80 -21.38 -9.26
N VAL A 482 25.76 -22.22 -9.63
CA VAL A 482 26.65 -22.82 -8.65
C VAL A 482 28.08 -22.44 -9.01
N THR A 483 28.72 -21.68 -8.13
CA THR A 483 30.05 -21.14 -8.43
C THR A 483 30.99 -21.50 -7.29
N GLN A 484 32.10 -22.15 -7.63
CA GLN A 484 32.97 -22.63 -6.55
C GLN A 484 34.44 -22.24 -6.72
N ASP A 485 35.06 -22.04 -5.57
CA ASP A 485 36.47 -21.72 -5.42
C ASP A 485 37.24 -23.02 -5.32
N ILE A 486 38.10 -23.27 -6.29
CA ILE A 486 38.91 -24.50 -6.32
C ILE A 486 40.36 -24.23 -5.96
N SER A 487 40.66 -23.01 -5.52
CA SER A 487 42.04 -22.58 -5.28
C SER A 487 42.64 -23.13 -3.99
N ASP A 488 41.79 -23.28 -2.97
CA ASP A 488 42.27 -23.53 -1.60
C ASP A 488 43.40 -22.57 -1.19
N GLU A 489 43.26 -21.31 -1.60
CA GLU A 489 44.16 -20.24 -1.19
C GLU A 489 43.36 -19.12 -0.54
N PRO A 490 44.04 -18.28 0.26
CA PRO A 490 43.29 -17.17 0.88
C PRO A 490 42.78 -16.23 -0.20
N TRP A 491 41.62 -15.62 0.05
CA TRP A 491 41.04 -14.66 -0.87
C TRP A 491 42.00 -13.49 -1.02
N GLY A 492 42.61 -13.06 0.09
CA GLY A 492 43.60 -12.00 0.07
C GLY A 492 43.04 -10.62 -0.18
N TRP A 493 41.77 -10.38 0.16
CA TRP A 493 41.21 -9.03 0.13
C TRP A 493 41.50 -8.30 1.43
N TYR A 494 41.25 -8.98 2.54
CA TYR A 494 41.42 -8.42 3.86
C TYR A 494 42.81 -8.73 4.39
N LYS A 495 43.29 -7.96 5.34
CA LYS A 495 44.58 -8.17 5.99
C LYS A 495 44.43 -9.14 7.14
N SER A 496 45.13 -10.28 7.07
CA SER A 496 45.01 -11.30 8.11
C SER A 496 45.52 -10.72 9.43
N PRO A 497 44.93 -11.14 10.54
CA PRO A 497 45.33 -10.66 11.86
C PRO A 497 46.53 -11.44 12.41
N PRO B 4 35.57 19.08 -6.74
CA PRO B 4 34.16 19.27 -7.12
C PRO B 4 33.65 18.14 -8.00
N ILE B 5 32.34 17.94 -8.01
CA ILE B 5 31.74 16.88 -8.82
C ILE B 5 30.96 17.59 -9.95
N PRO B 6 30.66 16.84 -11.01
CA PRO B 6 30.12 17.36 -12.27
C PRO B 6 28.96 18.28 -12.64
N ALA B 7 27.90 18.30 -11.87
CA ALA B 7 26.84 19.23 -12.14
C ALA B 7 25.64 19.25 -13.08
N ARG B 8 25.25 18.11 -13.58
CA ARG B 8 24.65 17.79 -14.88
C ARG B 8 23.14 18.02 -14.92
N GLN B 9 22.58 17.92 -16.11
CA GLN B 9 21.13 17.91 -16.28
C GLN B 9 20.69 16.48 -16.58
N LEU B 10 19.42 16.28 -16.91
CA LEU B 10 18.97 14.99 -17.38
C LEU B 10 19.59 14.71 -18.73
N PHE B 11 19.76 13.43 -19.05
CA PHE B 11 20.32 13.03 -20.33
C PHE B 11 19.23 12.41 -21.18
N ILE B 12 18.73 13.19 -22.13
CA ILE B 12 17.59 12.83 -22.94
C ILE B 12 17.91 13.15 -24.39
N ASP B 13 17.76 12.16 -25.27
CA ASP B 13 17.95 12.34 -26.72
C ASP B 13 19.34 12.92 -27.03
N GLY B 14 20.37 12.36 -26.42
CA GLY B 14 21.74 12.69 -26.77
C GLY B 14 22.20 14.05 -26.27
N GLU B 15 21.45 14.64 -25.36
CA GLU B 15 21.64 16.01 -24.91
C GLU B 15 21.27 16.25 -23.48
N TRP B 16 21.77 17.33 -22.91
CA TRP B 16 21.54 17.67 -21.52
C TRP B 16 20.38 18.61 -21.34
N ARG B 17 19.33 18.10 -20.70
CA ARG B 17 18.09 18.85 -20.54
C ARG B 17 17.69 19.02 -19.07
N GLU B 18 17.24 20.23 -18.77
CA GLU B 18 16.75 20.60 -17.46
C GLU B 18 15.42 19.92 -17.15
N PRO B 19 15.24 19.43 -15.90
CA PRO B 19 13.94 18.88 -15.52
C PRO B 19 12.88 19.93 -15.82
N ILE B 20 11.70 19.51 -16.24
CA ILE B 20 10.71 20.49 -16.67
C ILE B 20 10.21 21.33 -15.48
N LYS B 21 10.04 20.71 -14.32
CA LYS B 21 9.69 21.44 -13.09
C LYS B 21 10.90 22.07 -12.41
N LYS B 22 12.09 21.77 -12.92
CA LYS B 22 13.33 22.43 -12.48
C LYS B 22 13.70 22.16 -11.02
N ASN B 23 13.24 21.05 -10.46
CA ASN B 23 13.70 20.65 -9.13
C ASN B 23 15.03 19.92 -9.21
N ARG B 24 15.87 20.12 -8.20
CA ARG B 24 17.13 19.40 -8.02
C ARG B 24 17.26 18.96 -6.56
N ILE B 25 18.00 17.89 -6.30
CA ILE B 25 18.18 17.43 -4.93
C ILE B 25 19.65 17.24 -4.60
N PRO B 26 19.98 17.30 -3.30
CA PRO B 26 21.38 17.27 -2.88
C PRO B 26 22.15 16.02 -3.24
N VAL B 27 23.44 16.17 -3.49
CA VAL B 27 24.37 15.05 -3.45
C VAL B 27 25.20 15.25 -2.21
N ILE B 28 25.24 14.22 -1.37
CA ILE B 28 25.94 14.23 -0.09
C ILE B 28 27.06 13.19 -0.10
N ASN B 29 28.23 13.57 0.43
CA ASN B 29 29.33 12.63 0.59
C ASN B 29 29.17 11.95 1.94
N PRO B 30 28.97 10.61 1.95
CA PRO B 30 28.66 9.85 3.17
C PRO B 30 29.82 9.83 4.16
N SER B 31 31.00 10.19 3.68
CA SER B 31 32.21 10.19 4.50
C SER B 31 32.32 11.47 5.33
N THR B 32 31.72 12.55 4.83
CA THR B 32 31.82 13.86 5.48
C THR B 32 30.47 14.46 5.87
N GLU B 33 29.39 13.82 5.42
CA GLU B 33 28.03 14.33 5.58
C GLU B 33 27.79 15.70 4.93
N GLU B 34 28.66 16.09 4.01
CA GLU B 34 28.57 17.41 3.41
C GLU B 34 27.96 17.39 2.02
N ILE B 35 27.29 18.48 1.67
CA ILE B 35 26.73 18.66 0.35
C ILE B 35 27.83 19.01 -0.63
N ILE B 36 27.98 18.19 -1.66
CA ILE B 36 29.08 18.34 -2.61
C ILE B 36 28.57 18.62 -4.02
N GLY B 37 27.27 18.79 -4.16
CA GLY B 37 26.72 19.08 -5.46
C GLY B 37 25.26 18.72 -5.45
N ASP B 38 24.65 18.67 -6.63
CA ASP B 38 23.26 18.24 -6.69
C ASP B 38 22.95 17.61 -8.04
N ILE B 39 21.79 16.97 -8.13
CA ILE B 39 21.37 16.27 -9.33
C ILE B 39 19.96 16.68 -9.74
N PRO B 40 19.64 16.58 -11.04
CA PRO B 40 18.27 16.82 -11.47
C PRO B 40 17.30 15.89 -10.74
N ALA B 41 16.09 16.37 -10.49
CA ALA B 41 15.08 15.54 -9.87
C ALA B 41 13.88 15.47 -10.80
N ALA B 42 13.91 14.48 -11.69
CA ALA B 42 12.91 14.35 -12.75
C ALA B 42 11.51 14.10 -12.21
N THR B 43 10.52 14.49 -12.99
CA THR B 43 9.14 14.13 -12.72
C THR B 43 8.52 13.46 -13.93
N ALA B 44 7.21 13.26 -13.84
CA ALA B 44 6.48 12.50 -14.83
C ALA B 44 6.57 13.13 -16.23
N GLU B 45 6.59 14.46 -16.25
CA GLU B 45 6.73 15.21 -17.52
C GLU B 45 8.03 14.88 -18.24
N ASP B 46 9.10 14.65 -17.47
CA ASP B 46 10.41 14.33 -18.00
C ASP B 46 10.42 12.90 -18.56
N VAL B 47 9.71 12.02 -17.87
CA VAL B 47 9.56 10.65 -18.34
C VAL B 47 8.89 10.62 -19.71
N GLU B 48 7.81 11.39 -19.87
CA GLU B 48 7.12 11.45 -21.14
C GLU B 48 8.09 11.85 -22.27
N VAL B 49 8.90 12.88 -22.02
CA VAL B 49 9.83 13.35 -23.05
C VAL B 49 10.87 12.29 -23.35
N ALA B 50 11.41 11.67 -22.31
CA ALA B 50 12.46 10.66 -22.48
C ALA B 50 11.96 9.41 -23.21
N VAL B 51 10.73 8.96 -22.95
CA VAL B 51 10.27 7.73 -23.61
C VAL B 51 9.83 8.03 -25.05
N VAL B 52 9.36 9.25 -25.30
CA VAL B 52 9.05 9.67 -26.66
C VAL B 52 10.34 9.63 -27.49
N ALA B 53 11.42 10.20 -26.96
CA ALA B 53 12.75 10.11 -27.61
C ALA B 53 13.19 8.65 -27.79
N ALA B 54 12.98 7.83 -26.77
CA ALA B 54 13.35 6.42 -26.85
C ALA B 54 12.54 5.70 -27.93
N ARG B 55 11.25 6.03 -28.02
CA ARG B 55 10.40 5.41 -29.03
C ARG B 55 10.87 5.85 -30.43
N ARG B 56 11.12 7.13 -30.60
CA ARG B 56 11.61 7.66 -31.88
C ARG B 56 12.92 6.99 -32.29
N ALA B 57 13.84 6.79 -31.34
CA ALA B 57 15.13 6.18 -31.64
C ALA B 57 14.96 4.70 -32.01
N PHE B 58 13.98 4.07 -31.38
CA PHE B 58 13.68 2.68 -31.66
C PHE B 58 13.15 2.50 -33.08
N ARG B 59 12.43 3.52 -33.58
CA ARG B 59 11.78 3.43 -34.88
C ARG B 59 12.69 3.84 -36.06
N ARG B 60 13.90 4.33 -35.76
CA ARG B 60 14.83 4.70 -36.84
C ARG B 60 15.51 3.47 -37.48
N ASN B 61 16.13 3.68 -38.63
CA ASN B 61 16.88 2.62 -39.27
C ASN B 61 18.33 2.54 -38.78
N ASN B 62 18.63 3.06 -37.59
CA ASN B 62 20.00 2.97 -37.13
C ASN B 62 20.31 2.26 -35.85
N TRP B 63 19.35 1.57 -35.29
CA TRP B 63 19.61 0.83 -34.05
C TRP B 63 18.90 -0.49 -33.93
N SER B 64 17.58 -0.46 -33.81
CA SER B 64 16.86 -1.64 -33.35
C SER B 64 16.82 -2.81 -34.35
N ALA B 65 16.64 -2.53 -35.65
CA ALA B 65 16.60 -3.59 -36.68
C ALA B 65 17.98 -3.80 -37.31
N THR B 66 18.99 -3.15 -36.75
CA THR B 66 20.36 -3.43 -37.18
C THR B 66 20.84 -4.74 -36.65
N SER B 67 21.96 -5.15 -37.15
CA SER B 67 22.54 -6.42 -36.73
C SER B 67 23.13 -6.32 -35.32
N GLY B 68 23.20 -7.46 -34.64
CA GLY B 68 23.84 -7.51 -33.34
C GLY B 68 25.31 -7.16 -33.43
N ALA B 69 25.98 -7.54 -34.52
CA ALA B 69 27.39 -7.19 -34.68
C ALA B 69 27.54 -5.66 -34.76
N HIS B 70 26.58 -5.01 -35.38
CA HIS B 70 26.66 -3.56 -35.48
C HIS B 70 26.51 -2.91 -34.10
N ARG B 71 25.53 -3.35 -33.31
CA ARG B 71 25.38 -2.79 -31.97
C ARG B 71 26.58 -3.17 -31.11
N ALA B 72 27.27 -4.25 -31.47
CA ALA B 72 28.39 -4.70 -30.67
C ALA B 72 29.59 -3.74 -30.73
N THR B 73 29.74 -3.04 -31.84
CA THR B 73 30.82 -2.09 -31.97
C THR B 73 30.64 -0.96 -30.95
N TYR B 74 29.38 -0.59 -30.71
CA TYR B 74 29.08 0.42 -29.69
C TYR B 74 29.35 -0.08 -28.28
N LEU B 75 29.00 -1.32 -28.00
CA LEU B 75 29.19 -1.86 -26.66
C LEU B 75 30.66 -1.97 -26.35
N ARG B 76 31.43 -2.39 -27.35
CA ARG B 76 32.87 -2.43 -27.19
C ARG B 76 33.47 -1.04 -27.05
N ALA B 77 32.97 -0.09 -27.81
CA ALA B 77 33.46 1.28 -27.67
C ALA B 77 33.11 1.82 -26.28
N ILE B 78 31.91 1.51 -25.79
CA ILE B 78 31.58 1.92 -24.43
C ILE B 78 32.55 1.31 -23.45
N ALA B 79 32.83 0.02 -23.60
CA ALA B 79 33.79 -0.64 -22.71
C ALA B 79 35.17 0.02 -22.75
N ALA B 80 35.60 0.41 -23.95
CA ALA B 80 36.90 1.09 -24.09
C ALA B 80 36.85 2.46 -23.44
N LYS B 81 35.77 3.20 -23.68
CA LYS B 81 35.61 4.52 -23.07
C LYS B 81 35.73 4.48 -21.56
N ILE B 82 34.96 3.58 -20.96
CA ILE B 82 34.96 3.41 -19.52
C ILE B 82 36.36 3.12 -18.99
N THR B 83 37.05 2.17 -19.63
CA THR B 83 38.39 1.79 -19.20
C THR B 83 39.31 2.99 -19.34
N GLU B 84 39.16 3.71 -20.45
CA GLU B 84 39.89 4.93 -20.73
C GLU B 84 39.68 5.99 -19.65
N LYS B 85 38.43 6.16 -19.22
CA LYS B 85 38.09 7.21 -18.23
C LYS B 85 38.02 6.63 -16.82
N LYS B 86 38.70 5.50 -16.65
CA LYS B 86 38.74 4.74 -15.40
C LYS B 86 38.97 5.55 -14.12
N ASP B 87 39.97 6.44 -14.11
CA ASP B 87 40.26 7.22 -12.89
C ASP B 87 39.09 8.13 -12.49
N HIS B 88 38.51 8.75 -13.51
CA HIS B 88 37.40 9.67 -13.39
C HIS B 88 36.18 9.01 -12.73
N PHE B 89 35.84 7.82 -13.21
CA PHE B 89 34.67 7.10 -12.71
C PHE B 89 34.91 6.53 -11.32
N VAL B 90 36.09 5.97 -11.08
CA VAL B 90 36.41 5.38 -9.79
C VAL B 90 36.29 6.42 -8.68
N LYS B 91 36.88 7.59 -8.92
CA LYS B 91 36.89 8.69 -7.98
C LYS B 91 35.47 9.19 -7.68
N LEU B 92 34.68 9.40 -8.74
CA LEU B 92 33.29 9.83 -8.58
C LEU B 92 32.46 8.74 -7.84
N GLU B 93 32.64 7.48 -8.23
CA GLU B 93 31.92 6.39 -7.56
C GLU B 93 32.28 6.37 -6.08
N THR B 94 33.56 6.57 -5.77
CA THR B 94 34.02 6.53 -4.39
C THR B 94 33.44 7.67 -3.57
N ILE B 95 33.48 8.88 -4.12
CA ILE B 95 32.99 10.03 -3.38
C ILE B 95 31.48 9.90 -3.13
N ASP B 96 30.76 9.36 -4.12
CA ASP B 96 29.30 9.33 -4.12
C ASP B 96 28.74 8.22 -3.24
N SER B 97 29.37 7.05 -3.29
CA SER B 97 28.82 5.83 -2.69
C SER B 97 29.44 5.48 -1.34
N GLY B 98 30.59 6.07 -1.03
CA GLY B 98 31.29 5.78 0.22
C GLY B 98 32.01 4.45 0.24
N LYS B 99 32.03 3.73 -0.87
CA LYS B 99 32.72 2.45 -0.83
C LYS B 99 34.23 2.65 -0.97
N PRO B 100 35.02 1.80 -0.30
CA PRO B 100 36.49 1.88 -0.36
C PRO B 100 36.96 2.01 -1.78
N PHE B 101 37.89 2.93 -2.01
CA PHE B 101 38.49 3.15 -3.33
C PHE B 101 38.83 1.84 -4.06
N ASP B 102 39.38 0.87 -3.35
CA ASP B 102 39.79 -0.39 -3.99
C ASP B 102 38.57 -1.18 -4.49
N GLU B 103 37.45 -1.02 -3.80
CA GLU B 103 36.23 -1.67 -4.24
C GLU B 103 35.71 -1.00 -5.51
N ALA B 104 35.78 0.32 -5.55
CA ALA B 104 35.30 1.07 -6.70
C ALA B 104 36.07 0.74 -7.97
N VAL B 105 37.38 0.48 -7.86
CA VAL B 105 38.13 0.19 -9.09
C VAL B 105 37.65 -1.15 -9.66
N LEU B 106 37.31 -2.10 -8.79
CA LEU B 106 36.78 -3.37 -9.26
C LEU B 106 35.43 -3.14 -9.93
N ASP B 107 34.59 -2.28 -9.34
CA ASP B 107 33.30 -1.94 -9.94
C ASP B 107 33.48 -1.42 -11.35
N ILE B 108 34.36 -0.44 -11.50
CA ILE B 108 34.56 0.19 -12.80
C ILE B 108 35.22 -0.79 -13.74
N ASP B 109 36.11 -1.65 -13.23
CA ASP B 109 36.63 -2.73 -14.07
C ASP B 109 35.48 -3.64 -14.54
N ASP B 110 34.54 -3.93 -13.65
CA ASP B 110 33.45 -4.83 -13.97
C ASP B 110 32.49 -4.21 -14.98
N VAL B 111 32.31 -2.89 -14.89
CA VAL B 111 31.46 -2.20 -15.85
C VAL B 111 31.95 -2.44 -17.28
N ALA B 112 33.24 -2.26 -17.49
CA ALA B 112 33.87 -2.49 -18.79
C ALA B 112 33.73 -3.95 -19.21
N SER B 113 33.98 -4.85 -18.27
CA SER B 113 33.87 -6.28 -18.53
C SER B 113 32.46 -6.64 -19.00
N CYS B 114 31.47 -6.02 -18.39
CA CYS B 114 30.08 -6.35 -18.67
C CYS B 114 29.70 -5.86 -20.06
N PHE B 115 30.13 -4.66 -20.42
CA PHE B 115 29.81 -4.19 -21.76
C PHE B 115 30.52 -5.04 -22.82
N GLU B 116 31.75 -5.45 -22.52
CA GLU B 116 32.50 -6.33 -23.44
C GLU B 116 31.85 -7.70 -23.54
N TYR B 117 31.37 -8.21 -22.41
CA TYR B 117 30.69 -9.49 -22.44
C TYR B 117 29.45 -9.43 -23.30
N PHE B 118 28.67 -8.36 -23.19
CA PHE B 118 27.42 -8.29 -23.92
C PHE B 118 27.60 -7.88 -25.37
N ALA B 119 28.77 -7.34 -25.72
CA ALA B 119 29.12 -7.17 -27.13
C ALA B 119 29.20 -8.54 -27.79
N GLY B 120 29.81 -9.49 -27.09
CA GLY B 120 29.90 -10.87 -27.54
C GLY B 120 28.52 -11.50 -27.67
N GLN B 121 27.64 -11.18 -26.72
CA GLN B 121 26.27 -11.70 -26.75
C GLN B 121 25.49 -11.09 -27.92
N ALA B 122 25.72 -9.80 -28.17
CA ALA B 122 25.10 -9.15 -29.32
C ALA B 122 25.52 -9.85 -30.59
N GLU B 123 26.80 -10.23 -30.66
CA GLU B 123 27.30 -10.92 -31.86
C GLU B 123 26.67 -12.30 -32.04
N ALA B 124 26.61 -13.08 -30.95
CA ALA B 124 26.03 -14.42 -30.98
C ALA B 124 24.58 -14.39 -31.44
N LEU B 125 23.91 -13.28 -31.16
CA LEU B 125 22.51 -13.12 -31.52
C LEU B 125 22.29 -13.32 -33.02
N ASP B 126 23.11 -12.67 -33.82
CA ASP B 126 23.00 -12.77 -35.28
C ASP B 126 22.80 -14.21 -35.73
N GLY B 127 23.66 -15.11 -35.26
CA GLY B 127 23.57 -16.50 -35.62
C GLY B 127 22.39 -17.31 -35.16
N LYS B 128 21.61 -16.73 -34.28
CA LYS B 128 20.44 -17.28 -33.61
C LYS B 128 19.20 -16.83 -34.37
N GLN B 129 19.39 -15.89 -35.30
CA GLN B 129 18.26 -15.37 -36.07
C GLN B 129 17.83 -16.43 -37.07
N LYS B 130 16.52 -16.50 -37.30
CA LYS B 130 15.91 -17.56 -38.13
C LYS B 130 16.38 -18.95 -37.73
N ALA B 131 16.55 -19.19 -36.43
CA ALA B 131 16.86 -20.54 -35.94
C ALA B 131 15.70 -21.46 -36.30
N PRO B 132 15.98 -22.57 -36.99
CA PRO B 132 14.96 -23.47 -37.51
C PRO B 132 14.26 -24.24 -36.40
N VAL B 133 12.96 -24.46 -36.54
CA VAL B 133 12.23 -25.36 -35.65
C VAL B 133 11.69 -26.53 -36.47
N THR B 134 12.12 -27.75 -36.16
CA THR B 134 11.70 -28.91 -36.93
C THR B 134 10.26 -29.33 -36.66
N LEU B 135 9.41 -29.27 -37.68
CA LEU B 135 8.01 -29.66 -37.52
C LEU B 135 7.78 -31.06 -38.10
N PRO B 136 6.74 -31.75 -37.63
CA PRO B 136 6.44 -33.10 -38.14
C PRO B 136 5.72 -33.09 -39.49
N MET B 137 5.12 -31.98 -39.89
CA MET B 137 4.37 -31.92 -41.13
C MET B 137 5.15 -31.22 -42.24
N GLU B 138 5.44 -31.93 -43.31
CA GLU B 138 6.20 -31.35 -44.43
C GLU B 138 5.55 -30.11 -45.01
N ARG B 139 4.26 -29.96 -44.79
CA ARG B 139 3.51 -28.84 -45.32
C ARG B 139 3.97 -27.48 -44.75
N PHE B 140 4.50 -27.49 -43.51
CA PHE B 140 4.83 -26.25 -42.82
C PHE B 140 6.29 -26.21 -42.45
N LYS B 141 6.80 -24.99 -42.31
CA LYS B 141 8.15 -24.75 -41.84
C LYS B 141 8.07 -23.72 -40.74
N SER B 142 9.06 -23.70 -39.84
CA SER B 142 9.00 -22.76 -38.74
C SER B 142 10.41 -22.33 -38.29
N HIS B 143 10.52 -21.07 -37.91
CA HIS B 143 11.76 -20.60 -37.31
C HIS B 143 11.48 -19.51 -36.27
N VAL B 144 12.52 -19.13 -35.53
CA VAL B 144 12.38 -18.14 -34.50
C VAL B 144 13.17 -16.86 -34.81
N LEU B 145 12.49 -15.71 -34.72
CA LEU B 145 13.14 -14.42 -34.79
C LEU B 145 13.28 -13.90 -33.38
N ARG B 146 14.45 -13.32 -33.08
CA ARG B 146 14.69 -12.67 -31.80
C ARG B 146 14.83 -11.18 -31.98
N GLN B 147 13.75 -10.45 -31.70
CA GLN B 147 13.70 -9.02 -31.99
C GLN B 147 13.70 -8.24 -30.69
N PRO B 148 14.16 -6.98 -30.73
CA PRO B 148 14.06 -6.13 -29.53
C PRO B 148 12.61 -6.00 -29.08
N LEU B 149 12.35 -6.08 -27.78
CA LEU B 149 10.99 -5.84 -27.29
C LEU B 149 10.52 -4.42 -27.63
N GLY B 150 11.36 -3.41 -27.39
CA GLY B 150 10.96 -2.04 -27.65
C GLY B 150 11.64 -1.02 -26.73
N VAL B 151 10.85 -0.15 -26.13
CA VAL B 151 11.37 0.78 -25.13
C VAL B 151 11.28 0.14 -23.75
N VAL B 152 12.40 0.11 -23.02
CA VAL B 152 12.40 -0.53 -21.71
C VAL B 152 12.78 0.46 -20.61
N GLY B 153 12.17 0.30 -19.43
CA GLY B 153 12.53 1.06 -18.26
C GLY B 153 13.49 0.29 -17.36
N LEU B 154 14.60 0.93 -16.99
CA LEU B 154 15.62 0.28 -16.17
C LEU B 154 15.77 1.03 -14.86
N ILE B 155 15.51 0.35 -13.74
CA ILE B 155 15.51 1.01 -12.44
C ILE B 155 16.49 0.30 -11.49
N SER B 156 17.50 1.02 -11.01
CA SER B 156 18.62 0.38 -10.33
C SER B 156 18.92 1.01 -8.96
N PRO B 157 19.57 0.25 -8.07
CA PRO B 157 19.93 0.69 -6.72
C PRO B 157 21.33 1.32 -6.64
N TRP B 158 21.69 1.74 -5.44
CA TRP B 158 22.86 2.59 -5.22
C TRP B 158 24.10 1.85 -4.75
N ASN B 159 23.99 0.56 -4.42
CA ASN B 159 25.12 -0.13 -3.79
C ASN B 159 26.29 -0.42 -4.76
N TYR B 160 26.00 -0.59 -6.04
CA TYR B 160 27.03 -0.55 -7.07
C TYR B 160 26.46 0.35 -8.16
N PRO B 161 26.56 1.68 -7.98
CA PRO B 161 25.73 2.61 -8.76
C PRO B 161 25.84 2.41 -10.28
N LEU B 162 27.01 2.55 -10.87
CA LEU B 162 27.15 2.37 -12.32
C LEU B 162 27.06 0.89 -12.74
N LEU B 163 27.55 -0.02 -11.90
CA LEU B 163 27.56 -1.44 -12.26
C LEU B 163 26.14 -2.01 -12.37
N MET B 164 25.33 -1.73 -11.36
CA MET B 164 23.93 -2.16 -11.38
C MET B 164 23.16 -1.58 -12.58
N ALA B 165 23.45 -0.32 -12.93
CA ALA B 165 22.87 0.26 -14.15
C ALA B 165 23.34 -0.51 -15.37
N THR B 166 24.63 -0.87 -15.35
CA THR B 166 25.25 -1.51 -16.50
C THR B 166 24.67 -2.91 -16.77
N TRP B 167 24.43 -3.66 -15.69
CA TRP B 167 23.79 -4.97 -15.78
C TRP B 167 22.48 -4.96 -16.57
N LYS B 168 21.84 -3.80 -16.62
CA LYS B 168 20.61 -3.59 -17.35
C LYS B 168 20.86 -2.94 -18.73
N ILE B 169 21.63 -1.85 -18.75
CA ILE B 169 21.95 -1.15 -19.99
C ILE B 169 22.60 -2.08 -21.04
N ALA B 170 23.60 -2.85 -20.64
CA ALA B 170 24.35 -3.66 -21.62
C ALA B 170 23.46 -4.68 -22.36
N PRO B 171 22.69 -5.47 -21.62
CA PRO B 171 21.75 -6.42 -22.24
C PRO B 171 20.69 -5.75 -23.11
N ALA B 172 20.20 -4.58 -22.68
CA ALA B 172 19.14 -3.87 -23.39
C ALA B 172 19.64 -3.41 -24.76
N LEU B 173 20.81 -2.76 -24.75
CA LEU B 173 21.40 -2.28 -25.98
C LEU B 173 21.79 -3.45 -26.87
N ALA B 174 22.39 -4.48 -26.28
CA ALA B 174 22.74 -5.69 -27.03
C ALA B 174 21.53 -6.26 -27.77
N ALA B 175 20.35 -6.21 -27.16
CA ALA B 175 19.12 -6.77 -27.77
C ALA B 175 18.52 -5.92 -28.88
N GLY B 176 18.85 -4.62 -28.88
CA GLY B 176 18.30 -3.72 -29.86
C GLY B 176 17.25 -2.80 -29.28
N CYS B 177 17.07 -2.88 -27.96
CA CYS B 177 16.12 -2.01 -27.28
C CYS B 177 16.67 -0.59 -27.17
N THR B 178 15.77 0.37 -26.94
CA THR B 178 16.16 1.68 -26.42
C THR B 178 15.64 1.74 -24.99
N ALA B 179 16.18 2.65 -24.19
CA ALA B 179 16.00 2.53 -22.75
C ALA B 179 15.95 3.87 -22.02
N VAL B 180 15.28 3.86 -20.88
CA VAL B 180 15.32 4.96 -19.93
C VAL B 180 15.83 4.39 -18.61
N LEU B 181 16.92 4.96 -18.12
CA LEU B 181 17.48 4.51 -16.86
C LEU B 181 17.06 5.47 -15.77
N LYS B 182 16.69 4.95 -14.61
CA LYS B 182 16.42 5.80 -13.46
C LYS B 182 17.22 5.31 -12.25
N PRO B 183 18.44 5.78 -12.11
CA PRO B 183 19.30 5.29 -11.01
C PRO B 183 18.78 5.74 -9.66
N SER B 184 19.37 5.24 -8.58
CA SER B 184 18.99 5.64 -7.24
C SER B 184 19.38 7.08 -6.91
N GLU B 185 18.50 7.76 -6.19
CA GLU B 185 18.71 9.12 -5.72
C GLU B 185 19.83 9.22 -4.67
N LEU B 186 20.30 8.07 -4.18
CA LEU B 186 21.38 8.04 -3.18
C LEU B 186 22.76 8.07 -3.82
N ALA B 187 22.81 7.72 -5.10
CA ALA B 187 24.09 7.65 -5.78
C ALA B 187 23.87 7.70 -7.28
N SER B 188 23.72 8.89 -7.81
CA SER B 188 23.42 9.06 -9.22
C SER B 188 24.58 9.67 -10.04
N VAL B 189 25.69 9.99 -9.39
CA VAL B 189 26.73 10.75 -10.08
C VAL B 189 27.32 10.05 -11.31
N THR B 190 27.84 8.82 -11.15
CA THR B 190 28.45 8.15 -12.30
C THR B 190 27.44 7.81 -13.39
N CYS B 191 26.19 7.50 -13.01
CA CYS B 191 25.19 7.16 -14.04
C CYS B 191 24.91 8.37 -14.95
N LEU B 192 24.88 9.57 -14.37
CA LEU B 192 24.80 10.79 -15.18
C LEU B 192 26.03 10.94 -16.07
N GLU B 193 27.22 10.70 -15.52
CA GLU B 193 28.46 10.77 -16.27
C GLU B 193 28.44 9.82 -17.44
N PHE B 194 27.65 8.76 -17.33
CA PHE B 194 27.58 7.78 -18.41
C PHE B 194 26.95 8.37 -19.66
N GLY B 195 26.13 9.41 -19.50
CA GLY B 195 25.50 10.05 -20.65
C GLY B 195 26.54 10.66 -21.56
N GLU B 196 27.60 11.18 -20.96
CA GLU B 196 28.73 11.74 -21.68
C GLU B 196 29.44 10.66 -22.50
N VAL B 197 29.68 9.52 -21.87
CA VAL B 197 30.24 8.37 -22.58
C VAL B 197 29.42 7.99 -23.84
N CYS B 198 28.10 7.92 -23.68
CA CYS B 198 27.23 7.60 -24.82
C CYS B 198 27.46 8.57 -25.99
N ASN B 199 27.51 9.86 -25.70
CA ASN B 199 27.73 10.85 -26.74
C ASN B 199 29.13 10.71 -27.36
N GLU B 200 30.14 10.38 -26.56
CA GLU B 200 31.51 10.25 -27.07
C GLU B 200 31.69 9.01 -27.97
N VAL B 201 30.90 7.95 -27.76
CA VAL B 201 30.96 6.80 -28.64
C VAL B 201 29.95 6.96 -29.76
N GLY B 202 29.31 8.12 -29.83
CA GLY B 202 28.32 8.37 -30.86
C GLY B 202 27.10 7.47 -30.80
N LEU B 203 26.75 7.02 -29.59
CA LEU B 203 25.51 6.25 -29.40
C LEU B 203 24.37 7.12 -29.93
N PRO B 204 23.55 6.57 -30.84
CA PRO B 204 22.48 7.40 -31.42
C PRO B 204 21.57 8.02 -30.35
N PRO B 205 21.08 9.24 -30.60
CA PRO B 205 20.25 10.00 -29.66
C PRO B 205 18.99 9.25 -29.32
N GLY B 206 18.70 9.12 -28.03
CA GLY B 206 17.45 8.52 -27.58
C GLY B 206 17.54 7.03 -27.32
N VAL B 207 18.68 6.44 -27.69
CA VAL B 207 18.90 5.01 -27.45
C VAL B 207 18.97 4.72 -25.94
N LEU B 208 19.65 5.58 -25.19
CA LEU B 208 19.64 5.49 -23.74
C LEU B 208 19.37 6.88 -23.20
N ASN B 209 18.38 6.98 -22.34
CA ASN B 209 18.06 8.21 -21.65
C ASN B 209 18.21 8.00 -20.15
N ILE B 210 18.75 9.01 -19.47
CA ILE B 210 19.07 8.87 -18.05
C ILE B 210 18.34 9.92 -17.20
N LEU B 211 17.41 9.45 -16.37
CA LEU B 211 16.59 10.35 -15.56
C LEU B 211 16.87 10.15 -14.06
N THR B 212 17.45 11.15 -13.41
CA THR B 212 17.68 11.07 -11.97
C THR B 212 16.50 11.67 -11.22
N GLY B 213 16.26 11.19 -10.01
CA GLY B 213 15.13 11.64 -9.23
C GLY B 213 14.72 10.65 -8.17
N LEU B 214 13.62 10.94 -7.46
CA LEU B 214 13.12 10.02 -6.44
C LEU B 214 12.27 8.91 -7.04
N GLY B 215 12.18 7.80 -6.33
CA GLY B 215 11.44 6.64 -6.79
C GLY B 215 10.03 6.92 -7.26
N PRO B 216 9.18 7.48 -6.37
CA PRO B 216 7.78 7.73 -6.76
C PRO B 216 7.64 8.83 -7.81
N ASP B 217 8.63 9.71 -7.91
CA ASP B 217 8.46 10.88 -8.78
C ASP B 217 9.06 10.62 -10.17
N ALA B 218 10.13 9.86 -10.24
CA ALA B 218 10.75 9.56 -11.53
C ALA B 218 10.56 8.10 -11.93
N GLY B 219 10.62 7.20 -10.96
CA GLY B 219 10.52 5.78 -11.23
C GLY B 219 9.11 5.30 -11.52
N ALA B 220 8.18 5.58 -10.60
CA ALA B 220 6.80 5.16 -10.74
C ALA B 220 6.17 5.55 -12.10
N PRO B 221 6.37 6.81 -12.56
CA PRO B 221 5.79 7.15 -13.87
C PRO B 221 6.42 6.37 -15.02
N LEU B 222 7.67 5.98 -14.85
CA LEU B 222 8.32 5.14 -15.84
C LEU B 222 7.65 3.76 -15.91
N VAL B 223 7.28 3.20 -14.76
CA VAL B 223 6.63 1.88 -14.72
C VAL B 223 5.20 1.96 -15.29
N SER B 224 4.53 3.07 -15.04
CA SER B 224 3.11 3.16 -15.39
C SER B 224 2.85 3.71 -16.81
N HIS B 225 3.92 4.10 -17.50
CA HIS B 225 3.80 4.71 -18.84
C HIS B 225 3.35 3.73 -19.90
N PRO B 226 2.26 4.06 -20.62
CA PRO B 226 1.67 3.20 -21.66
C PRO B 226 2.63 2.75 -22.75
N ASP B 227 3.69 3.50 -23.04
CA ASP B 227 4.54 3.15 -24.17
C ASP B 227 5.88 2.52 -23.76
N VAL B 228 6.00 2.16 -22.49
CA VAL B 228 7.21 1.45 -22.03
C VAL B 228 6.86 -0.03 -21.93
N ASP B 229 7.57 -0.86 -22.68
CA ASP B 229 7.08 -2.22 -22.92
C ASP B 229 7.51 -3.22 -21.83
N LYS B 230 8.46 -2.82 -20.99
CA LYS B 230 9.05 -3.77 -20.06
C LYS B 230 9.81 -3.01 -18.98
N ILE B 231 9.79 -3.52 -17.76
CA ILE B 231 10.60 -2.94 -16.70
C ILE B 231 11.59 -3.95 -16.13
N ALA B 232 12.86 -3.54 -16.04
CA ALA B 232 13.86 -4.31 -15.32
C ALA B 232 14.09 -3.62 -13.98
N PHE B 233 13.73 -4.28 -12.89
CA PHE B 233 13.82 -3.64 -11.59
C PHE B 233 14.73 -4.38 -10.63
N THR B 234 15.59 -3.63 -9.96
CA THR B 234 16.39 -4.14 -8.88
C THR B 234 16.19 -3.22 -7.67
N GLY B 235 15.88 -3.79 -6.51
CA GLY B 235 15.60 -2.97 -5.34
C GLY B 235 15.09 -3.83 -4.20
N SER B 236 14.44 -3.21 -3.23
CA SER B 236 13.93 -3.96 -2.09
C SER B 236 12.69 -4.73 -2.49
N SER B 237 12.40 -5.77 -1.72
CA SER B 237 11.25 -6.60 -2.00
C SER B 237 9.97 -5.78 -1.88
N ALA B 238 9.91 -4.88 -0.90
CA ALA B 238 8.72 -4.05 -0.71
C ALA B 238 8.50 -3.13 -1.91
N THR B 239 9.56 -2.56 -2.48
CA THR B 239 9.40 -1.73 -3.68
C THR B 239 9.04 -2.57 -4.90
N GLY B 240 9.67 -3.73 -5.03
CA GLY B 240 9.40 -4.63 -6.14
C GLY B 240 7.93 -4.98 -6.22
N SER B 241 7.32 -5.16 -5.05
CA SER B 241 5.92 -5.48 -4.99
C SER B 241 5.09 -4.34 -5.60
N LYS B 242 5.39 -3.11 -5.20
CA LYS B 242 4.72 -1.94 -5.75
C LYS B 242 4.93 -1.82 -7.26
N VAL B 243 6.17 -1.97 -7.70
CA VAL B 243 6.49 -1.86 -9.12
C VAL B 243 5.70 -2.90 -9.94
N MET B 244 5.68 -4.14 -9.48
CA MET B 244 4.94 -5.20 -10.19
C MET B 244 3.44 -4.95 -10.14
N ALA B 245 2.96 -4.36 -9.05
CA ALA B 245 1.53 -4.09 -8.91
C ALA B 245 1.11 -3.02 -9.91
N SER B 246 1.99 -2.05 -10.11
CA SER B 246 1.72 -0.99 -11.08
C SER B 246 1.79 -1.57 -12.49
N ALA B 247 2.86 -2.29 -12.79
CA ALA B 247 3.01 -2.91 -14.12
C ALA B 247 1.78 -3.73 -14.48
N ALA B 248 1.21 -4.42 -13.49
CA ALA B 248 0.03 -5.25 -13.66
C ALA B 248 -1.14 -4.56 -14.35
N GLN B 249 -1.25 -3.24 -14.18
CA GLN B 249 -2.36 -2.51 -14.79
C GLN B 249 -2.35 -2.58 -16.30
N LEU B 250 -1.15 -2.56 -16.88
CA LEU B 250 -0.98 -2.64 -18.33
C LEU B 250 -0.44 -4.01 -18.74
N VAL B 251 -0.55 -4.98 -17.85
N VAL B 251 -0.64 -5.01 -17.93
CA VAL B 251 0.04 -6.32 -18.04
CA VAL B 251 0.02 -6.28 -18.08
C VAL B 251 1.48 -6.24 -18.63
C VAL B 251 1.48 -6.24 -18.59
N LYS B 252 2.24 -5.35 -18.03
CA LYS B 252 3.60 -5.06 -18.44
C LYS B 252 4.57 -6.03 -17.77
N PRO B 253 5.42 -6.72 -18.54
CA PRO B 253 6.39 -7.64 -17.94
C PRO B 253 7.44 -6.94 -17.05
N VAL B 254 7.87 -7.62 -16.00
CA VAL B 254 8.93 -7.12 -15.13
C VAL B 254 9.92 -8.23 -14.81
N THR B 255 11.16 -7.86 -14.49
CA THR B 255 12.06 -8.74 -13.74
C THR B 255 12.32 -8.10 -12.39
N LEU B 256 12.44 -8.91 -11.36
CA LEU B 256 12.61 -8.42 -10.01
C LEU B 256 13.85 -9.03 -9.35
N GLU B 257 14.87 -8.20 -9.16
CA GLU B 257 16.03 -8.60 -8.40
C GLU B 257 15.93 -7.91 -7.06
N LEU B 258 15.51 -8.65 -6.03
CA LEU B 258 15.16 -8.01 -4.78
C LEU B 258 16.11 -8.36 -3.63
N GLY B 259 15.61 -8.25 -2.40
CA GLY B 259 16.43 -8.38 -1.21
C GLY B 259 16.80 -9.81 -0.88
N GLY B 260 17.47 -9.99 0.25
CA GLY B 260 17.85 -11.30 0.71
C GLY B 260 18.31 -11.34 2.14
N LYS B 261 18.42 -12.56 2.66
CA LYS B 261 18.95 -12.87 3.99
C LYS B 261 19.66 -14.23 3.81
N SER B 262 20.69 -14.22 2.97
CA SER B 262 21.40 -15.41 2.55
C SER B 262 22.23 -16.02 3.68
N PRO B 263 22.23 -17.35 3.77
CA PRO B 263 23.07 -18.01 4.78
C PRO B 263 24.45 -18.37 4.25
N ILE B 264 25.44 -18.36 5.14
CA ILE B 264 26.73 -18.99 4.92
C ILE B 264 26.83 -20.15 5.91
N VAL B 265 26.88 -21.36 5.37
CA VAL B 265 26.96 -22.57 6.17
C VAL B 265 28.40 -23.08 6.16
N VAL B 266 28.90 -23.41 7.34
CA VAL B 266 30.30 -23.81 7.50
C VAL B 266 30.40 -25.08 8.31
N PHE B 267 30.92 -26.15 7.71
CA PHE B 267 31.09 -27.40 8.45
C PHE B 267 32.46 -27.45 9.12
N GLU B 268 32.68 -28.50 9.92
CA GLU B 268 33.90 -28.62 10.73
C GLU B 268 35.16 -28.90 9.90
N ASP B 269 35.01 -29.45 8.70
CA ASP B 269 36.18 -29.82 7.90
C ASP B 269 36.63 -28.71 6.95
N VAL B 270 37.04 -27.57 7.50
CA VAL B 270 37.52 -26.44 6.71
C VAL B 270 38.77 -25.79 7.28
N ASP B 271 39.40 -24.94 6.47
CA ASP B 271 40.49 -24.08 6.96
C ASP B 271 39.88 -22.82 7.56
N ILE B 272 39.84 -22.73 8.89
CA ILE B 272 39.11 -21.67 9.58
C ILE B 272 39.50 -20.28 9.06
N ASP B 273 40.80 -20.01 8.89
CA ASP B 273 41.24 -18.68 8.46
C ASP B 273 40.81 -18.34 7.04
N LYS B 274 40.72 -19.34 6.18
CA LYS B 274 40.29 -19.10 4.82
C LYS B 274 38.79 -18.82 4.80
N VAL B 275 38.03 -19.53 5.64
CA VAL B 275 36.59 -19.35 5.67
C VAL B 275 36.20 -18.05 6.37
N VAL B 276 36.95 -17.65 7.39
CA VAL B 276 36.68 -16.41 8.11
C VAL B 276 36.84 -15.22 7.15
N GLU B 277 37.86 -15.24 6.29
CA GLU B 277 38.00 -14.15 5.35
C GLU B 277 36.79 -14.08 4.39
N TRP B 278 36.35 -15.22 3.84
CA TRP B 278 35.15 -15.23 2.99
C TRP B 278 33.90 -14.80 3.76
N THR B 279 33.82 -15.17 5.04
CA THR B 279 32.68 -14.79 5.87
C THR B 279 32.56 -13.27 6.04
N ILE B 280 33.70 -12.63 6.21
CA ILE B 280 33.75 -11.20 6.38
C ILE B 280 33.58 -10.51 5.03
N PHE B 281 34.12 -11.11 3.98
CA PHE B 281 33.85 -10.60 2.64
C PHE B 281 32.34 -10.74 2.36
N GLY B 282 31.77 -11.85 2.84
CA GLY B 282 30.38 -12.17 2.61
C GLY B 282 29.40 -11.20 3.26
N CYS B 283 29.79 -10.58 4.37
CA CYS B 283 28.86 -9.76 5.13
C CYS B 283 29.28 -8.31 5.38
N PHE B 284 30.56 -7.99 5.18
CA PHE B 284 31.02 -6.63 5.48
C PHE B 284 31.53 -5.85 4.25
N TRP B 285 31.81 -6.56 3.16
CA TRP B 285 32.35 -5.91 1.97
C TRP B 285 31.22 -5.12 1.31
N THR B 286 31.56 -4.08 0.53
CA THR B 286 30.58 -3.10 0.05
C THR B 286 29.87 -2.48 1.25
N ASN B 287 30.61 -2.34 2.35
CA ASN B 287 30.08 -1.79 3.61
C ASN B 287 28.80 -2.51 4.08
N GLY B 288 28.68 -3.79 3.73
CA GLY B 288 27.57 -4.62 4.17
C GLY B 288 26.30 -4.48 3.32
N GLN B 289 26.42 -3.71 2.25
CA GLN B 289 25.26 -3.37 1.42
C GLN B 289 25.27 -4.25 0.17
N ILE B 290 25.12 -5.55 0.41
CA ILE B 290 25.10 -6.57 -0.63
C ILE B 290 23.74 -7.27 -0.57
N ALA B 291 23.04 -7.32 -1.69
CA ALA B 291 21.75 -8.00 -1.72
C ALA B 291 21.88 -9.46 -1.29
N SER B 292 22.94 -10.07 -1.79
CA SER B 292 23.25 -11.47 -1.56
C SER B 292 24.16 -11.70 -0.35
N ALA B 293 24.35 -10.66 0.47
CA ALA B 293 25.23 -10.75 1.63
C ALA B 293 24.91 -12.00 2.45
N THR B 294 25.93 -12.76 2.82
CA THR B 294 25.70 -13.91 3.68
C THR B 294 25.64 -13.39 5.13
N SER B 295 24.47 -12.89 5.51
CA SER B 295 24.28 -12.17 6.75
C SER B 295 23.85 -13.08 7.90
N ARG B 296 23.68 -14.36 7.60
CA ARG B 296 23.41 -15.35 8.65
C ARG B 296 24.48 -16.43 8.59
N LEU B 297 25.40 -16.39 9.55
CA LEU B 297 26.41 -17.43 9.69
C LEU B 297 25.86 -18.61 10.50
N LEU B 298 25.83 -19.79 9.87
CA LEU B 298 25.61 -21.05 10.54
C LEU B 298 26.92 -21.86 10.54
N VAL B 299 27.45 -22.11 11.73
CA VAL B 299 28.76 -22.74 11.87
C VAL B 299 28.65 -23.97 12.77
N HIS B 300 29.33 -25.04 12.39
CA HIS B 300 29.21 -26.28 13.14
C HIS B 300 29.69 -26.06 14.59
N GLU B 301 28.87 -26.50 15.55
CA GLU B 301 29.16 -26.26 16.96
C GLU B 301 30.53 -26.80 17.42
N SER B 302 31.06 -27.81 16.75
CA SER B 302 32.34 -28.39 17.15
C SER B 302 33.48 -27.40 16.90
N ILE B 303 33.33 -26.52 15.92
CA ILE B 303 34.38 -25.52 15.67
C ILE B 303 33.92 -24.06 15.90
N ALA B 304 32.66 -23.88 16.32
CA ALA B 304 32.08 -22.54 16.48
C ALA B 304 32.94 -21.61 17.36
N ALA B 305 33.40 -22.01 18.54
N ALA B 305 33.19 -21.99 18.59
CA ALA B 305 34.09 -21.11 19.45
CA ALA B 305 34.27 -21.45 19.35
C ALA B 305 35.40 -20.60 18.82
C ALA B 305 35.55 -21.88 18.69
N GLU B 306 36.16 -21.51 18.22
N GLU B 306 36.29 -20.87 18.32
CA GLU B 306 37.42 -21.16 17.60
CA GLU B 306 37.47 -20.88 17.52
C GLU B 306 37.20 -20.24 16.40
C GLU B 306 37.21 -20.11 16.29
N PHE B 307 36.20 -20.55 15.59
CA PHE B 307 35.78 -19.84 14.38
C PHE B 307 35.42 -18.43 14.74
N VAL B 308 34.57 -18.26 15.75
CA VAL B 308 34.08 -16.93 16.05
C VAL B 308 35.23 -16.12 16.64
N ASP B 309 36.07 -16.76 17.45
CA ASP B 309 37.24 -16.06 17.96
C ASP B 309 38.08 -15.48 16.82
N LYS B 310 38.35 -16.27 15.80
CA LYS B 310 39.18 -15.78 14.69
C LYS B 310 38.39 -14.81 13.82
N LEU B 311 37.07 -14.98 13.80
CA LEU B 311 36.19 -14.05 13.11
C LEU B 311 36.33 -12.63 13.69
N VAL B 312 36.23 -12.50 15.01
CA VAL B 312 36.37 -11.19 15.66
C VAL B 312 37.75 -10.58 15.45
N LYS B 313 38.78 -11.44 15.40
CA LYS B 313 40.16 -10.98 15.23
C LYS B 313 40.40 -10.41 13.82
N TRP B 314 39.84 -11.05 12.81
CA TRP B 314 39.94 -10.53 11.43
C TRP B 314 39.11 -9.25 11.31
N THR B 315 37.92 -9.31 11.87
CA THR B 315 36.98 -8.20 11.81
C THR B 315 37.55 -6.94 12.45
N LYS B 316 38.21 -7.09 13.60
CA LYS B 316 38.90 -5.99 14.28
C LYS B 316 40.09 -5.44 13.51
N ASN B 317 40.62 -6.22 12.56
CA ASN B 317 41.76 -5.77 11.76
C ASN B 317 41.34 -5.06 10.48
N ILE B 318 40.03 -4.87 10.28
CA ILE B 318 39.55 -4.20 9.08
C ILE B 318 39.72 -2.70 9.21
N LYS B 319 40.52 -2.11 8.32
CA LYS B 319 40.74 -0.68 8.37
C LYS B 319 39.49 0.09 7.97
N ILE B 320 38.97 0.85 8.92
CA ILE B 320 37.82 1.74 8.69
C ILE B 320 38.29 3.16 8.54
N SER B 321 37.98 3.78 7.40
CA SER B 321 38.46 5.12 7.15
C SER B 321 37.71 5.76 6.01
N ASP B 322 38.06 7.00 5.75
CA ASP B 322 37.67 7.64 4.53
C ASP B 322 38.07 6.74 3.38
N PRO B 323 37.15 6.51 2.44
CA PRO B 323 37.34 5.51 1.39
C PRO B 323 38.53 5.82 0.50
N PHE B 324 39.03 7.06 0.54
CA PHE B 324 40.19 7.42 -0.26
C PHE B 324 41.51 7.13 0.48
N GLU B 325 41.43 6.83 1.77
CA GLU B 325 42.68 6.61 2.52
C GLU B 325 43.32 5.31 2.06
N GLU B 326 44.65 5.31 1.98
CA GLU B 326 45.38 4.11 1.57
C GLU B 326 45.02 2.95 2.49
N GLY B 327 44.67 1.80 1.90
CA GLY B 327 44.31 0.63 2.68
C GLY B 327 42.89 0.53 3.22
N CYS B 328 42.02 1.49 2.90
CA CYS B 328 40.64 1.40 3.38
C CYS B 328 39.96 0.08 2.99
N ARG B 329 39.38 -0.60 3.96
CA ARG B 329 38.66 -1.86 3.72
C ARG B 329 37.22 -1.78 4.23
N LEU B 330 36.85 -0.63 4.77
CA LEU B 330 35.47 -0.37 5.13
C LEU B 330 35.25 1.14 5.18
N GLY B 331 34.27 1.60 4.40
CA GLY B 331 33.88 3.01 4.39
C GLY B 331 32.59 3.28 5.15
N PRO B 332 32.01 4.48 4.93
CA PRO B 332 30.75 4.79 5.60
C PRO B 332 29.57 4.21 4.83
N VAL B 333 28.47 3.88 5.49
CA VAL B 333 27.29 3.42 4.75
C VAL B 333 26.77 4.63 3.96
N ILE B 334 25.86 4.36 3.02
CA ILE B 334 25.54 5.28 1.93
C ILE B 334 24.90 6.61 2.34
N SER B 335 24.09 6.61 3.40
CA SER B 335 23.21 7.75 3.67
C SER B 335 22.81 7.88 5.12
N LYS B 336 22.29 9.05 5.49
CA LYS B 336 21.78 9.28 6.83
C LYS B 336 20.61 8.33 7.12
N GLY B 337 19.66 8.22 6.17
CA GLY B 337 18.54 7.32 6.33
C GLY B 337 18.96 5.87 6.59
N GLN B 338 19.95 5.39 5.83
CA GLN B 338 20.43 4.01 5.99
C GLN B 338 21.15 3.82 7.33
N TYR B 339 22.06 4.74 7.62
CA TYR B 339 22.72 4.80 8.90
C TYR B 339 21.72 4.65 10.06
N ASP B 340 20.69 5.48 10.05
CA ASP B 340 19.64 5.41 11.07
C ASP B 340 18.93 4.04 11.12
N LYS B 341 18.60 3.49 9.95
CA LYS B 341 17.95 2.17 9.89
C LYS B 341 18.83 1.04 10.47
N ILE B 342 20.10 1.05 10.10
CA ILE B 342 21.04 0.04 10.57
C ILE B 342 21.23 0.14 12.09
N MET B 343 21.43 1.36 12.58
CA MET B 343 21.57 1.59 14.03
C MET B 343 20.32 1.15 14.79
N LYS B 344 19.15 1.37 14.19
CA LYS B 344 17.89 0.89 14.76
C LYS B 344 17.86 -0.64 14.80
N PHE B 345 18.26 -1.28 13.71
CA PHE B 345 18.34 -2.75 13.69
C PHE B 345 19.24 -3.27 14.82
N ILE B 346 20.37 -2.60 15.03
CA ILE B 346 21.30 -3.03 16.07
C ILE B 346 20.67 -2.92 17.47
N SER B 347 19.98 -1.79 17.74
CA SER B 347 19.37 -1.60 19.07
C SER B 347 18.27 -2.61 19.33
N THR B 348 17.44 -2.91 18.33
CA THR B 348 16.31 -3.81 18.60
C THR B 348 16.87 -5.20 18.78
N ALA B 349 17.96 -5.51 18.10
CA ALA B 349 18.66 -6.76 18.36
C ALA B 349 19.03 -6.87 19.86
N LYS B 350 19.62 -5.82 20.41
CA LYS B 350 20.04 -5.83 21.82
C LYS B 350 18.82 -5.94 22.72
N SER B 351 17.76 -5.22 22.38
CA SER B 351 16.52 -5.24 23.12
C SER B 351 15.85 -6.57 23.09
N GLU B 352 15.99 -7.27 21.99
CA GLU B 352 15.31 -8.56 21.90
C GLU B 352 16.10 -9.68 22.55
N GLY B 353 17.33 -9.40 22.96
CA GLY B 353 18.07 -10.38 23.73
C GLY B 353 19.35 -10.88 23.10
N ALA B 354 19.71 -10.30 21.95
CA ALA B 354 20.92 -10.70 21.24
C ALA B 354 22.17 -10.17 21.92
N THR B 355 23.27 -10.88 21.75
CA THR B 355 24.55 -10.39 22.24
C THR B 355 25.27 -9.65 21.13
N ILE B 356 25.65 -8.41 21.36
CA ILE B 356 26.55 -7.75 20.42
C ILE B 356 27.97 -8.11 20.80
N LEU B 357 28.48 -9.17 20.20
CA LEU B 357 29.81 -9.69 20.55
C LEU B 357 30.92 -8.74 20.11
N TYR B 358 30.78 -8.17 18.91
CA TYR B 358 31.68 -7.08 18.52
C TYR B 358 30.96 -6.00 17.68
N GLY B 359 31.46 -4.76 17.79
CA GLY B 359 31.02 -3.66 16.97
C GLY B 359 29.67 -3.10 17.41
N GLY B 360 28.81 -2.84 16.44
CA GLY B 360 27.48 -2.32 16.74
C GLY B 360 27.52 -0.87 17.16
N SER B 361 28.54 -0.16 16.68
CA SER B 361 28.73 1.20 17.10
C SER B 361 29.52 2.02 16.10
N ARG B 362 29.62 3.31 16.38
CA ARG B 362 30.34 4.24 15.56
C ARG B 362 31.84 4.17 15.91
N PRO B 363 32.73 4.26 14.89
CA PRO B 363 34.17 4.29 15.17
C PRO B 363 34.54 5.59 15.87
N GLU B 364 35.21 5.48 17.00
CA GLU B 364 35.50 6.64 17.83
C GLU B 364 36.38 7.70 17.14
N HIS B 365 37.25 7.29 16.26
CA HIS B 365 38.13 8.24 15.63
C HIS B 365 37.51 9.05 14.54
N LEU B 366 36.35 8.64 14.09
CA LEU B 366 35.65 9.28 12.98
C LEU B 366 34.42 10.01 13.48
N LYS B 367 34.59 11.29 13.80
CA LYS B 367 33.50 12.11 14.30
C LYS B 367 32.39 12.31 13.26
N LYS B 368 32.77 12.43 11.99
CA LYS B 368 31.79 12.66 10.93
C LYS B 368 31.77 11.53 9.89
N GLY B 369 30.66 11.44 9.16
CA GLY B 369 30.46 10.39 8.17
C GLY B 369 29.62 9.27 8.75
N TYR B 370 28.90 8.54 7.89
CA TYR B 370 27.99 7.52 8.38
C TYR B 370 28.73 6.22 8.62
N TYR B 371 29.68 6.26 9.55
CA TYR B 371 30.54 5.11 9.80
C TYR B 371 29.96 4.19 10.85
N ILE B 372 29.88 2.91 10.51
CA ILE B 372 29.42 1.89 11.46
C ILE B 372 30.44 0.76 11.56
N GLU B 373 30.83 0.40 12.78
CA GLU B 373 31.71 -0.73 12.98
C GLU B 373 31.11 -2.02 12.46
N PRO B 374 31.95 -2.87 11.85
CA PRO B 374 31.47 -4.21 11.54
C PRO B 374 30.92 -4.85 12.82
N THR B 375 29.76 -5.47 12.71
CA THR B 375 29.05 -5.90 13.90
C THR B 375 28.79 -7.39 13.86
N ILE B 376 29.06 -8.07 14.96
CA ILE B 376 28.87 -9.50 15.11
C ILE B 376 27.85 -9.80 16.19
N VAL B 377 26.79 -10.47 15.82
CA VAL B 377 25.65 -10.64 16.71
C VAL B 377 25.43 -12.10 17.05
N THR B 378 25.48 -12.42 18.35
CA THR B 378 25.35 -13.80 18.79
C THR B 378 24.19 -13.98 19.75
N ASP B 379 24.08 -15.17 20.33
CA ASP B 379 22.93 -15.52 21.18
C ASP B 379 21.62 -15.23 20.45
N ILE B 380 21.58 -15.66 19.19
CA ILE B 380 20.46 -15.45 18.30
C ILE B 380 19.31 -16.44 18.49
N SER B 381 18.09 -15.91 18.55
CA SER B 381 16.89 -16.72 18.37
C SER B 381 16.36 -16.50 16.94
N THR B 382 15.71 -17.50 16.36
CA THR B 382 15.18 -17.39 14.99
C THR B 382 13.93 -16.51 14.89
N SER B 383 13.34 -16.17 16.03
CA SER B 383 12.19 -15.28 16.07
CA SER B 383 12.19 -15.27 16.07
C SER B 383 12.63 -13.80 16.12
N MET B 384 13.93 -13.57 16.27
CA MET B 384 14.49 -12.23 16.36
C MET B 384 14.44 -11.53 15.00
N GLN B 385 14.19 -10.22 15.03
CA GLN B 385 14.08 -9.45 13.79
C GLN B 385 15.38 -9.51 13.00
N ILE B 386 16.51 -9.42 13.71
CA ILE B 386 17.82 -9.36 13.08
C ILE B 386 18.12 -10.63 12.27
N TRP B 387 17.46 -11.73 12.62
CA TRP B 387 17.60 -12.99 11.91
C TRP B 387 16.71 -13.05 10.67
N LYS B 388 15.59 -12.34 10.73
CA LYS B 388 14.56 -12.39 9.69
C LYS B 388 14.74 -11.38 8.59
N GLU B 389 15.03 -10.13 8.96
CA GLU B 389 14.98 -9.02 8.01
C GLU B 389 16.36 -8.58 7.49
N GLU B 390 16.37 -8.09 6.26
CA GLU B 390 17.57 -7.60 5.62
C GLU B 390 18.00 -6.33 6.33
N VAL B 391 19.24 -6.27 6.80
CA VAL B 391 19.72 -5.08 7.47
C VAL B 391 20.38 -4.13 6.48
N PHE B 392 21.14 -4.68 5.55
CA PHE B 392 21.85 -3.96 4.57
C PHE B 392 22.93 -3.09 5.19
N GLY B 393 23.57 -3.61 6.23
CA GLY B 393 24.67 -2.93 6.89
C GLY B 393 25.69 -3.98 7.30
N PRO B 394 26.89 -3.53 7.69
CA PRO B 394 27.90 -4.53 8.04
C PRO B 394 27.52 -5.26 9.35
N VAL B 395 26.46 -6.06 9.29
CA VAL B 395 25.93 -6.74 10.47
C VAL B 395 25.70 -8.23 10.21
N LEU B 396 26.41 -9.07 10.95
CA LEU B 396 26.32 -10.52 10.76
C LEU B 396 25.77 -11.22 12.01
N CYS B 397 24.59 -11.84 12.07
N CYS B 397 24.82 -12.12 11.72
CA CYS B 397 24.25 -12.72 13.18
CA CYS B 397 24.23 -12.96 12.75
C CYS B 397 24.81 -14.13 12.95
C CYS B 397 24.93 -14.32 12.83
N VAL B 398 25.03 -14.86 14.04
CA VAL B 398 25.71 -16.14 14.21
C VAL B 398 24.83 -17.15 14.93
N LYS B 399 24.69 -18.31 14.33
CA LYS B 399 24.04 -19.43 14.99
C LYS B 399 24.85 -20.71 14.77
N THR B 400 24.77 -21.65 15.71
CA THR B 400 25.50 -22.90 15.53
C THR B 400 24.54 -24.02 15.13
N PHE B 401 25.06 -25.06 14.48
CA PHE B 401 24.23 -26.24 14.21
C PHE B 401 24.94 -27.52 14.61
N SER B 402 24.17 -28.58 14.71
CA SER B 402 24.63 -29.86 15.21
C SER B 402 24.82 -30.88 14.09
N SER B 403 24.06 -30.71 13.02
CA SER B 403 24.05 -31.69 11.94
C SER B 403 23.71 -31.00 10.63
N GLU B 404 24.06 -31.64 9.52
CA GLU B 404 23.71 -31.18 8.19
C GLU B 404 22.21 -30.95 8.06
N ASP B 405 21.45 -31.83 8.68
CA ASP B 405 20.01 -31.73 8.77
C ASP B 405 19.58 -30.38 9.31
N GLU B 406 20.16 -29.99 10.44
CA GLU B 406 19.81 -28.74 11.07
C GLU B 406 20.34 -27.53 10.29
N ALA B 407 21.51 -27.68 9.68
CA ALA B 407 22.06 -26.61 8.85
C ALA B 407 21.08 -26.24 7.74
N ILE B 408 20.62 -27.25 6.99
CA ILE B 408 19.72 -27.00 5.86
C ILE B 408 18.37 -26.41 6.29
N ALA B 409 17.83 -26.92 7.39
CA ALA B 409 16.58 -26.39 7.94
C ALA B 409 16.74 -24.91 8.30
N LEU B 410 17.78 -24.59 9.06
CA LEU B 410 18.05 -23.20 9.43
C LEU B 410 18.37 -22.31 8.22
N ALA B 411 19.09 -22.83 7.24
CA ALA B 411 19.45 -22.04 6.05
C ALA B 411 18.21 -21.67 5.22
N ASN B 412 17.28 -22.61 5.07
CA ASN B 412 16.07 -22.37 4.28
C ASN B 412 14.95 -21.65 5.05
N ASP B 413 15.20 -21.39 6.33
CA ASP B 413 14.18 -20.79 7.19
C ASP B 413 14.19 -19.27 6.99
N THR B 414 13.79 -18.86 5.79
CA THR B 414 13.71 -17.45 5.42
C THR B 414 12.67 -17.29 4.30
N GLU B 415 11.96 -16.17 4.31
CA GLU B 415 11.08 -15.84 3.20
C GLU B 415 11.89 -15.50 1.94
N TYR B 416 13.17 -15.18 2.13
CA TYR B 416 14.04 -14.81 1.03
C TYR B 416 14.59 -16.02 0.31
N GLY B 417 15.33 -15.80 -0.78
CA GLY B 417 15.91 -16.92 -1.51
C GLY B 417 16.81 -16.47 -2.64
N LEU B 418 17.68 -15.52 -2.35
CA LEU B 418 18.60 -15.04 -3.37
C LEU B 418 19.81 -15.97 -3.51
N ALA B 419 20.58 -16.10 -2.44
CA ALA B 419 21.83 -16.85 -2.51
C ALA B 419 22.15 -17.57 -1.19
N ALA B 420 23.27 -18.28 -1.21
CA ALA B 420 23.79 -18.96 -0.04
C ALA B 420 25.25 -19.32 -0.30
N ALA B 421 25.99 -19.61 0.76
CA ALA B 421 27.35 -20.12 0.62
C ALA B 421 27.50 -21.37 1.47
N VAL B 422 28.32 -22.31 1.02
CA VAL B 422 28.56 -23.52 1.79
C VAL B 422 30.05 -23.86 1.81
N PHE B 423 30.56 -24.15 3.00
CA PHE B 423 31.97 -24.43 3.23
C PHE B 423 32.21 -25.81 3.87
N SER B 424 32.91 -26.66 3.14
CA SER B 424 33.25 -28.01 3.58
C SER B 424 34.20 -28.62 2.58
N ASN B 425 35.25 -29.31 3.06
CA ASN B 425 36.19 -29.97 2.16
C ASN B 425 35.55 -31.24 1.57
N ASP B 426 34.55 -31.78 2.25
CA ASP B 426 33.75 -32.87 1.66
C ASP B 426 32.87 -32.25 0.57
N LEU B 427 33.25 -32.46 -0.69
CA LEU B 427 32.57 -31.82 -1.81
C LEU B 427 31.27 -32.50 -2.15
N GLU B 428 31.14 -33.78 -1.78
N GLU B 428 31.13 -33.76 -1.86
CA GLU B 428 29.87 -34.45 -1.90
CA GLU B 428 29.88 -34.41 -1.88
C GLU B 428 28.85 -33.78 -0.97
C GLU B 428 28.87 -33.76 -0.97
N ARG B 429 29.29 -33.45 0.24
CA ARG B 429 28.45 -32.71 1.20
C ARG B 429 28.05 -31.35 0.62
N CYS B 430 29.03 -30.64 0.07
CA CYS B 430 28.78 -29.35 -0.55
C CYS B 430 27.68 -29.44 -1.60
N GLU B 431 27.76 -30.45 -2.45
CA GLU B 431 26.75 -30.66 -3.47
C GLU B 431 25.37 -30.99 -2.89
N ARG B 432 25.34 -31.81 -1.85
CA ARG B 432 24.09 -32.15 -1.17
C ARG B 432 23.41 -30.86 -0.66
N ILE B 433 24.17 -30.03 0.04
CA ILE B 433 23.68 -28.74 0.53
C ILE B 433 23.25 -27.85 -0.65
N THR B 434 24.11 -27.76 -1.67
CA THR B 434 23.84 -26.93 -2.84
C THR B 434 22.46 -27.21 -3.44
N LYS B 435 22.14 -28.49 -3.62
CA LYS B 435 20.87 -28.92 -4.23
C LYS B 435 19.68 -28.60 -3.33
N ALA B 436 19.89 -28.67 -2.03
CA ALA B 436 18.81 -28.53 -1.06
C ALA B 436 18.51 -27.06 -0.71
N LEU B 437 19.43 -26.13 -1.02
CA LEU B 437 19.24 -24.72 -0.69
C LEU B 437 18.19 -24.06 -1.61
N GLU B 438 17.19 -23.41 -1.00
CA GLU B 438 16.08 -22.80 -1.73
C GLU B 438 16.48 -21.41 -2.19
N VAL B 439 17.30 -21.38 -3.23
CA VAL B 439 18.13 -20.24 -3.49
C VAL B 439 18.41 -20.12 -4.99
N GLY B 440 18.65 -18.91 -5.48
CA GLY B 440 18.96 -18.74 -6.89
C GLY B 440 20.43 -18.90 -7.26
N ALA B 441 21.31 -18.82 -6.26
CA ALA B 441 22.75 -18.97 -6.49
C ALA B 441 23.45 -19.55 -5.27
N VAL B 442 24.37 -20.50 -5.50
CA VAL B 442 25.12 -21.10 -4.40
C VAL B 442 26.63 -20.98 -4.64
N TRP B 443 27.32 -20.38 -3.69
CA TRP B 443 28.78 -20.36 -3.73
C TRP B 443 29.30 -21.53 -2.92
N VAL B 444 30.29 -22.23 -3.47
CA VAL B 444 30.93 -23.33 -2.78
C VAL B 444 32.35 -22.96 -2.37
N ASN B 445 32.60 -23.00 -1.07
CA ASN B 445 33.92 -22.69 -0.50
C ASN B 445 34.40 -21.27 -0.85
N CYS B 446 33.43 -20.39 -1.06
CA CYS B 446 33.63 -18.96 -1.17
C CYS B 446 32.28 -18.31 -0.91
N SER B 447 32.22 -16.99 -0.98
CA SER B 447 30.96 -16.27 -0.82
C SER B 447 31.15 -14.95 -1.55
N GLN B 448 30.17 -14.65 -2.41
CA GLN B 448 30.02 -13.39 -3.17
C GLN B 448 30.76 -13.20 -4.52
N PRO B 449 31.66 -14.12 -4.96
CA PRO B 449 32.21 -13.82 -6.31
C PRO B 449 31.14 -13.76 -7.42
N CYS B 450 31.19 -12.69 -8.19
CA CYS B 450 30.11 -12.38 -9.12
C CYS B 450 30.63 -12.16 -10.52
N PHE B 451 30.33 -13.12 -11.38
CA PHE B 451 30.82 -13.14 -12.76
C PHE B 451 29.70 -12.85 -13.74
N VAL B 452 29.98 -11.98 -14.71
CA VAL B 452 28.98 -11.60 -15.71
C VAL B 452 28.61 -12.80 -16.61
N GLN B 453 29.50 -13.79 -16.68
CA GLN B 453 29.30 -15.04 -17.44
C GLN B 453 28.12 -15.93 -16.95
N ALA B 454 27.70 -15.75 -15.70
CA ALA B 454 26.77 -16.70 -15.08
C ALA B 454 25.44 -16.07 -14.74
N PRO B 455 24.34 -16.83 -14.87
CA PRO B 455 23.02 -16.26 -14.61
C PRO B 455 22.84 -15.85 -13.16
N TRP B 456 22.11 -14.76 -12.93
CA TRP B 456 21.98 -14.22 -11.58
C TRP B 456 20.53 -13.82 -11.27
N GLY B 457 19.98 -14.36 -10.19
CA GLY B 457 18.63 -14.01 -9.78
C GLY B 457 18.21 -14.85 -8.60
N GLY B 458 17.13 -14.46 -7.93
CA GLY B 458 16.68 -15.17 -6.75
C GLY B 458 15.39 -15.94 -6.95
N ILE B 459 14.92 -16.59 -5.89
CA ILE B 459 13.56 -17.11 -5.86
C ILE B 459 12.83 -16.58 -4.62
N LYS B 460 11.59 -17.00 -4.45
CA LYS B 460 10.82 -16.67 -3.26
C LYS B 460 10.70 -15.14 -3.13
N ARG B 461 10.86 -14.56 -1.93
CA ARG B 461 10.69 -13.10 -1.81
C ARG B 461 11.93 -12.33 -2.30
N SER B 462 12.94 -13.05 -2.79
CA SER B 462 14.06 -12.39 -3.46
C SER B 462 13.75 -12.07 -4.96
N GLY B 463 12.55 -12.41 -5.41
CA GLY B 463 12.13 -12.05 -6.76
C GLY B 463 12.18 -13.18 -7.78
N PHE B 464 12.32 -12.82 -9.06
CA PHE B 464 12.37 -13.79 -10.16
C PHE B 464 13.04 -13.20 -11.38
N GLY B 465 13.34 -14.08 -12.33
CA GLY B 465 14.06 -13.69 -13.53
C GLY B 465 15.55 -13.79 -13.27
N ARG B 466 16.33 -13.93 -14.35
CA ARG B 466 17.77 -14.03 -14.27
C ARG B 466 18.42 -13.01 -15.18
N GLU B 467 19.32 -12.20 -14.62
CA GLU B 467 20.13 -11.28 -15.42
C GLU B 467 21.50 -11.91 -15.65
N LEU B 468 22.28 -11.30 -16.55
CA LEU B 468 23.67 -11.68 -16.80
C LEU B 468 23.78 -13.03 -17.52
N GLY B 469 25.00 -13.42 -17.85
CA GLY B 469 25.23 -14.64 -18.61
C GLY B 469 24.44 -14.67 -19.90
N GLU B 470 24.15 -15.88 -20.37
CA GLU B 470 23.38 -16.06 -21.59
C GLU B 470 21.91 -15.75 -21.38
N TRP B 471 21.54 -15.47 -20.13
CA TRP B 471 20.14 -15.15 -19.79
C TRP B 471 19.84 -13.66 -19.93
N GLY B 472 20.87 -12.83 -19.80
CA GLY B 472 20.69 -11.38 -19.70
C GLY B 472 19.95 -10.73 -20.87
N ILE B 473 20.41 -11.03 -22.07
CA ILE B 473 19.88 -10.40 -23.28
C ILE B 473 18.42 -10.84 -23.56
N GLN B 474 17.98 -11.99 -23.06
N GLN B 474 17.97 -12.00 -23.09
CA GLN B 474 16.69 -12.57 -23.47
CA GLN B 474 16.68 -12.55 -23.49
C GLN B 474 15.55 -11.97 -22.66
C GLN B 474 15.55 -11.90 -22.71
N ASN B 475 15.89 -11.13 -21.68
CA ASN B 475 14.88 -10.38 -20.95
C ASN B 475 14.34 -9.21 -21.76
N TYR B 476 15.01 -8.91 -22.87
CA TYR B 476 14.69 -7.75 -23.69
C TYR B 476 14.26 -8.13 -25.10
N LEU B 477 13.96 -9.40 -25.29
CA LEU B 477 13.66 -9.95 -26.60
C LEU B 477 12.18 -10.26 -26.75
N ASN B 478 11.68 -10.00 -27.94
CA ASN B 478 10.47 -10.62 -28.43
C ASN B 478 10.88 -11.89 -29.15
N ILE B 479 10.58 -13.04 -28.54
CA ILE B 479 10.74 -14.32 -29.21
C ILE B 479 9.59 -14.51 -30.20
N LYS B 480 9.85 -14.25 -31.47
CA LYS B 480 8.79 -14.30 -32.46
C LYS B 480 8.81 -15.58 -33.28
N GLN B 481 7.70 -16.30 -33.22
CA GLN B 481 7.50 -17.50 -34.02
C GLN B 481 7.07 -17.10 -35.41
N VAL B 482 7.63 -17.71 -36.42
CA VAL B 482 7.23 -17.55 -37.82
C VAL B 482 7.09 -18.91 -38.47
N THR B 483 5.91 -19.26 -38.89
CA THR B 483 5.66 -20.57 -39.48
C THR B 483 4.89 -20.33 -40.76
N GLN B 484 5.36 -20.98 -41.82
CA GLN B 484 4.89 -20.76 -43.17
C GLN B 484 4.34 -22.02 -43.79
N ASP B 485 3.22 -21.87 -44.49
CA ASP B 485 2.71 -22.90 -45.34
C ASP B 485 3.47 -22.80 -46.66
N ILE B 486 4.19 -23.88 -47.01
CA ILE B 486 4.97 -23.90 -48.22
C ILE B 486 4.39 -24.86 -49.26
N SER B 487 3.18 -25.34 -49.01
CA SER B 487 2.61 -26.39 -49.85
C SER B 487 2.02 -25.85 -51.14
N ASP B 488 1.46 -24.64 -51.07
CA ASP B 488 0.76 -24.08 -52.22
C ASP B 488 -0.52 -24.89 -52.54
N GLU B 489 -1.03 -25.63 -51.56
CA GLU B 489 -2.19 -26.49 -51.73
C GLU B 489 -3.37 -25.89 -50.93
N PRO B 490 -4.62 -26.22 -51.31
CA PRO B 490 -5.67 -25.73 -50.42
C PRO B 490 -5.55 -26.38 -49.04
N TRP B 491 -5.91 -25.65 -47.99
CA TRP B 491 -5.93 -26.19 -46.63
C TRP B 491 -6.82 -27.43 -46.56
N GLY B 492 -8.04 -27.32 -47.10
CA GLY B 492 -8.91 -28.46 -47.26
C GLY B 492 -9.72 -28.84 -46.02
N TRP B 493 -10.03 -27.86 -45.17
CA TRP B 493 -10.84 -28.11 -43.98
C TRP B 493 -12.30 -27.79 -44.24
N TYR B 494 -12.54 -26.71 -44.97
CA TYR B 494 -13.89 -26.30 -45.30
C TYR B 494 -14.27 -26.78 -46.70
N LYS B 495 -15.55 -26.80 -47.02
CA LYS B 495 -15.97 -27.15 -48.38
C LYS B 495 -16.06 -25.88 -49.24
N SER B 496 -15.38 -25.89 -50.38
CA SER B 496 -15.49 -24.79 -51.35
C SER B 496 -16.90 -24.73 -51.95
N PRO B 497 -17.36 -23.52 -52.28
CA PRO B 497 -18.73 -23.46 -52.80
C PRO B 497 -18.77 -23.60 -54.32
N PHE C 3 25.35 37.57 21.91
CA PHE C 3 24.50 38.57 22.55
C PHE C 3 23.30 38.98 21.76
N PRO C 4 23.51 39.88 20.79
CA PRO C 4 22.36 40.62 20.25
C PRO C 4 21.22 39.74 19.75
N ILE C 5 20.01 40.25 19.92
CA ILE C 5 18.82 39.62 19.39
C ILE C 5 18.45 40.27 18.05
N PRO C 6 18.14 39.44 17.05
CA PRO C 6 17.76 39.98 15.74
C PRO C 6 16.44 40.78 15.78
N ALA C 7 16.25 41.62 14.77
CA ALA C 7 14.96 42.28 14.57
C ALA C 7 14.38 41.80 13.24
N ARG C 8 13.39 40.93 13.31
CA ARG C 8 12.79 40.30 12.14
C ARG C 8 11.42 40.85 11.83
N GLN C 9 10.95 40.59 10.62
CA GLN C 9 9.55 40.82 10.28
C GLN C 9 8.81 39.48 10.31
N LEU C 10 7.55 39.46 9.86
CA LEU C 10 6.83 38.21 9.70
C LEU C 10 7.48 37.42 8.58
N PHE C 11 7.38 36.10 8.63
CA PHE C 11 7.90 35.24 7.58
C PHE C 11 6.74 34.68 6.77
N ILE C 12 6.51 35.31 5.62
CA ILE C 12 5.36 34.97 4.80
C ILE C 12 5.78 34.75 3.37
N ASP C 13 5.44 33.59 2.83
CA ASP C 13 5.68 33.30 1.42
C ASP C 13 7.16 33.43 1.08
N GLY C 14 8.00 32.94 1.99
CA GLY C 14 9.44 32.93 1.79
C GLY C 14 10.11 34.30 1.84
N GLU C 15 9.36 35.32 2.27
CA GLU C 15 10.00 36.60 2.50
C GLU C 15 9.63 37.25 3.82
N TRP C 16 10.31 38.34 4.16
CA TRP C 16 10.08 39.02 5.44
C TRP C 16 9.18 40.20 5.23
N ARG C 17 8.04 40.16 5.92
CA ARG C 17 6.96 41.08 5.67
C ARG C 17 6.53 41.78 6.95
N GLU C 18 6.47 43.10 6.89
CA GLU C 18 6.06 43.91 8.03
C GLU C 18 4.59 43.62 8.35
N PRO C 19 4.22 43.59 9.64
CA PRO C 19 2.78 43.48 9.94
C PRO C 19 2.00 44.58 9.24
N ILE C 20 0.81 44.25 8.77
CA ILE C 20 0.01 45.19 8.00
C ILE C 20 -0.38 46.41 8.83
N LYS C 21 -0.65 46.22 10.12
CA LYS C 21 -0.97 47.35 11.01
C LYS C 21 0.28 47.82 11.75
N LYS C 22 1.41 47.22 11.38
CA LYS C 22 2.75 47.64 11.78
C LYS C 22 3.11 47.61 13.27
N ASN C 23 2.38 46.86 14.09
CA ASN C 23 2.68 46.80 15.54
C ASN C 23 3.82 45.86 15.90
N ARG C 24 4.57 46.21 16.95
CA ARG C 24 5.59 45.31 17.50
C ARG C 24 5.40 45.11 18.99
N ILE C 25 5.95 44.03 19.54
N ILE C 25 6.02 44.06 19.51
CA ILE C 25 5.90 43.85 20.98
CA ILE C 25 5.94 43.64 20.91
C ILE C 25 7.30 43.55 21.49
C ILE C 25 7.35 43.48 21.49
N PRO C 26 7.54 43.87 22.77
CA PRO C 26 8.88 43.73 23.35
C PRO C 26 9.34 42.29 23.52
N VAL C 27 10.64 42.09 23.40
CA VAL C 27 11.28 40.87 23.84
C VAL C 27 12.00 41.21 25.13
N ILE C 28 11.61 40.54 26.21
CA ILE C 28 12.18 40.78 27.52
C ILE C 28 13.05 39.60 27.97
N ASN C 29 14.21 39.92 28.53
CA ASN C 29 15.09 38.91 29.10
C ASN C 29 14.67 38.58 30.52
N PRO C 30 14.18 37.35 30.75
CA PRO C 30 13.62 36.96 32.05
C PRO C 30 14.65 37.06 33.20
N SER C 31 15.93 37.01 32.83
CA SER C 31 16.98 37.07 33.83
C SER C 31 17.26 38.49 34.32
N THR C 32 17.04 39.49 33.46
CA THR C 32 17.36 40.87 33.80
C THR C 32 16.15 41.81 33.84
N GLU C 33 14.99 41.31 33.39
CA GLU C 33 13.74 42.09 33.33
C GLU C 33 13.81 43.23 32.30
N GLU C 34 14.90 43.27 31.53
CA GLU C 34 15.14 44.32 30.55
C GLU C 34 14.54 44.00 29.18
N ILE C 35 14.09 45.04 28.47
CA ILE C 35 13.72 44.89 27.07
C ILE C 35 14.99 44.76 26.26
N ILE C 36 15.15 43.64 25.56
CA ILE C 36 16.37 43.38 24.79
C ILE C 36 16.10 43.36 23.29
N GLY C 37 14.89 43.75 22.88
CA GLY C 37 14.55 43.77 21.47
C GLY C 37 13.05 43.76 21.24
N ASP C 38 12.63 43.39 20.03
CA ASP C 38 11.21 43.34 19.73
C ASP C 38 10.86 42.37 18.58
N ILE C 39 9.60 41.96 18.55
CA ILE C 39 9.10 41.04 17.54
C ILE C 39 7.83 41.60 16.91
N PRO C 40 7.55 41.24 15.64
CA PRO C 40 6.34 41.71 14.96
C PRO C 40 5.10 41.24 15.70
N ALA C 41 4.03 42.03 15.65
CA ALA C 41 2.76 41.63 16.24
C ALA C 41 1.71 41.51 15.15
N ALA C 42 1.59 40.31 14.60
CA ALA C 42 0.58 40.04 13.59
C ALA C 42 -0.84 40.21 14.12
N THR C 43 -1.73 40.59 13.23
CA THR C 43 -3.17 40.63 13.44
C THR C 43 -3.93 39.84 12.40
N ALA C 44 -5.25 39.91 12.43
CA ALA C 44 -6.05 39.10 11.50
C ALA C 44 -5.68 39.32 10.04
N GLU C 45 -5.39 40.57 9.70
CA GLU C 45 -5.00 40.90 8.33
C GLU C 45 -3.77 40.08 7.90
N ASP C 46 -2.79 39.94 8.79
CA ASP C 46 -1.59 39.16 8.48
C ASP C 46 -1.86 37.67 8.36
N VAL C 47 -2.79 37.17 9.17
CA VAL C 47 -3.22 35.78 9.10
C VAL C 47 -3.80 35.49 7.72
N GLU C 48 -4.63 36.40 7.21
CA GLU C 48 -5.26 36.17 5.91
C GLU C 48 -4.19 36.05 4.84
N VAL C 49 -3.20 36.93 4.87
CA VAL C 49 -2.12 36.89 3.87
C VAL C 49 -1.30 35.58 3.96
N ALA C 50 -1.00 35.17 5.19
CA ALA C 50 -0.22 33.95 5.41
C ALA C 50 -0.97 32.68 4.95
N VAL C 51 -2.25 32.58 5.32
CA VAL C 51 -3.09 31.45 4.93
C VAL C 51 -3.20 31.37 3.41
N VAL C 52 -3.41 32.52 2.77
CA VAL C 52 -3.43 32.56 1.30
C VAL C 52 -2.11 32.04 0.73
N ALA C 53 -0.99 32.48 1.30
CA ALA C 53 0.33 31.98 0.88
C ALA C 53 0.45 30.46 1.06
N ALA C 54 0.04 29.99 2.24
CA ALA C 54 0.03 28.57 2.55
C ALA C 54 -0.85 27.79 1.57
N ARG C 55 -1.99 28.37 1.20
CA ARG C 55 -2.93 27.69 0.31
C ARG C 55 -2.36 27.62 -1.11
N ARG C 56 -1.74 28.69 -1.56
CA ARG C 56 -1.14 28.67 -2.88
C ARG C 56 0.04 27.70 -2.93
N ALA C 57 0.84 27.64 -1.87
CA ALA C 57 1.97 26.72 -1.85
C ALA C 57 1.46 25.29 -1.90
N PHE C 58 0.35 25.03 -1.22
CA PHE C 58 -0.20 23.68 -1.16
C PHE C 58 -0.75 23.24 -2.53
N ARG C 59 -1.31 24.18 -3.27
CA ARG C 59 -1.89 23.84 -4.57
C ARG C 59 -0.84 23.75 -5.68
N ARG C 60 0.39 24.20 -5.42
CA ARG C 60 1.45 24.13 -6.43
C ARG C 60 1.85 22.67 -6.69
N ASN C 61 2.50 22.42 -7.83
CA ASN C 61 2.92 21.06 -8.15
C ASN C 61 4.38 20.80 -7.80
N ASN C 62 4.76 21.08 -6.56
CA ASN C 62 6.13 20.88 -6.12
C ASN C 62 6.32 20.60 -4.62
N TRP C 63 5.24 20.40 -3.87
CA TRP C 63 5.38 20.07 -2.45
C TRP C 63 4.40 19.02 -1.91
N SER C 64 3.11 19.30 -2.05
CA SER C 64 2.07 18.45 -1.47
C SER C 64 1.84 17.15 -2.24
N ALA C 65 2.16 17.16 -3.52
CA ALA C 65 1.90 16.00 -4.38
C ALA C 65 3.20 15.26 -4.76
N THR C 66 4.32 15.74 -4.22
CA THR C 66 5.60 15.08 -4.44
C THR C 66 5.76 13.95 -3.42
N SER C 67 6.81 13.14 -3.60
CA SER C 67 7.07 12.03 -2.66
C SER C 67 7.54 12.50 -1.29
N GLY C 68 7.33 11.64 -0.29
CA GLY C 68 7.91 11.86 1.02
C GLY C 68 9.42 11.92 0.94
N ALA C 69 10.02 11.14 0.07
CA ALA C 69 11.47 11.11 -0.05
C ALA C 69 11.98 12.47 -0.52
N HIS C 70 11.28 13.07 -1.49
CA HIS C 70 11.60 14.42 -1.93
C HIS C 70 11.55 15.38 -0.75
N ARG C 71 10.43 15.41 -0.02
CA ARG C 71 10.30 16.34 1.10
C ARG C 71 11.34 16.04 2.18
N ALA C 72 11.73 14.78 2.31
CA ALA C 72 12.72 14.37 3.31
C ALA C 72 14.07 15.07 3.12
N THR C 73 14.45 15.35 1.88
CA THR C 73 15.76 15.96 1.65
C THR C 73 15.80 17.34 2.29
N TYR C 74 14.66 18.05 2.23
CA TYR C 74 14.52 19.34 2.90
C TYR C 74 14.57 19.25 4.42
N LEU C 75 13.87 18.26 4.98
CA LEU C 75 13.87 18.08 6.44
C LEU C 75 15.27 17.78 6.96
N ARG C 76 16.04 16.97 6.22
CA ARG C 76 17.40 16.65 6.64
C ARG C 76 18.30 17.86 6.47
N ALA C 77 18.09 18.62 5.40
CA ALA C 77 18.84 19.85 5.20
C ALA C 77 18.54 20.83 6.32
N ILE C 78 17.30 20.84 6.77
CA ILE C 78 16.92 21.70 7.89
C ILE C 78 17.68 21.26 9.13
N ALA C 79 17.66 19.95 9.39
CA ALA C 79 18.45 19.38 10.48
C ALA C 79 19.92 19.80 10.41
N ALA C 80 20.51 19.68 9.22
CA ALA C 80 21.92 19.99 9.03
C ALA C 80 22.20 21.45 9.38
N LYS C 81 21.35 22.34 8.88
CA LYS C 81 21.49 23.77 9.09
C LYS C 81 21.38 24.12 10.56
N ILE C 82 20.44 23.47 11.24
CA ILE C 82 20.27 23.71 12.66
C ILE C 82 21.51 23.26 13.41
N THR C 83 21.99 22.05 13.11
CA THR C 83 23.18 21.54 13.76
C THR C 83 24.39 22.44 13.51
N GLU C 84 24.49 22.94 12.28
CA GLU C 84 25.56 23.86 11.86
C GLU C 84 25.50 25.20 12.58
N LYS C 85 24.30 25.74 12.76
CA LYS C 85 24.11 27.00 13.45
C LYS C 85 23.74 26.80 14.90
N LYS C 86 24.15 25.68 15.48
CA LYS C 86 23.70 25.31 16.82
C LYS C 86 24.07 26.34 17.88
N ASP C 87 25.29 26.88 17.85
CA ASP C 87 25.72 27.84 18.87
C ASP C 87 24.81 29.06 18.90
N HIS C 88 24.57 29.62 17.72
CA HIS C 88 23.69 30.77 17.56
C HIS C 88 22.27 30.50 18.11
N PHE C 89 21.67 29.37 17.74
CA PHE C 89 20.31 29.07 18.18
C PHE C 89 20.23 28.81 19.68
N VAL C 90 21.21 28.08 20.21
CA VAL C 90 21.27 27.81 21.64
C VAL C 90 21.31 29.09 22.47
N LYS C 91 22.16 30.03 22.05
CA LYS C 91 22.27 31.31 22.74
C LYS C 91 20.96 32.11 22.68
N LEU C 92 20.32 32.15 21.52
CA LEU C 92 19.09 32.91 21.39
C LEU C 92 18.03 32.26 22.26
N GLU C 93 18.04 30.93 22.33
CA GLU C 93 17.01 30.20 23.04
C GLU C 93 17.18 30.43 24.52
N THR C 94 18.44 30.46 24.96
CA THR C 94 18.78 30.66 26.37
C THR C 94 18.36 32.03 26.87
N ILE C 95 18.64 33.05 26.08
CA ILE C 95 18.36 34.40 26.52
C ILE C 95 16.85 34.70 26.39
N ASP C 96 16.20 34.10 25.41
CA ASP C 96 14.78 34.38 25.20
C ASP C 96 13.94 33.68 26.25
N SER C 97 14.28 32.43 26.54
CA SER C 97 13.43 31.57 27.35
C SER C 97 13.85 31.53 28.80
N GLY C 98 15.13 31.82 29.03
CA GLY C 98 15.66 31.85 30.38
C GLY C 98 15.92 30.50 30.98
N LYS C 99 15.90 29.45 30.16
CA LYS C 99 16.26 28.14 30.67
C LYS C 99 17.79 28.10 30.75
N PRO C 100 18.35 27.27 31.64
CA PRO C 100 19.82 27.15 31.70
C PRO C 100 20.44 26.85 30.34
N PHE C 101 21.59 27.44 30.05
CA PHE C 101 22.30 27.20 28.80
C PHE C 101 22.39 25.71 28.47
N ASP C 102 22.67 24.87 29.46
CA ASP C 102 22.84 23.44 29.24
C ASP C 102 21.55 22.77 28.77
N GLU C 103 20.43 23.26 29.27
CA GLU C 103 19.12 22.78 28.86
C GLU C 103 18.89 23.17 27.40
N ALA C 104 19.23 24.40 27.07
CA ALA C 104 19.00 24.89 25.71
C ALA C 104 19.82 24.11 24.67
N VAL C 105 21.02 23.65 25.02
CA VAL C 105 21.79 22.91 24.02
C VAL C 105 21.08 21.58 23.74
N LEU C 106 20.42 21.00 24.74
CA LEU C 106 19.67 19.76 24.54
C LEU C 106 18.48 20.00 23.60
N ASP C 107 17.81 21.14 23.77
CA ASP C 107 16.68 21.52 22.93
C ASP C 107 17.07 21.55 21.47
N ILE C 108 18.14 22.29 21.17
CA ILE C 108 18.57 22.46 19.79
C ILE C 108 19.11 21.13 19.24
N ASP C 109 19.75 20.32 20.08
CA ASP C 109 20.08 18.94 19.71
C ASP C 109 18.80 18.22 19.26
N ASP C 110 17.78 18.24 20.12
CA ASP C 110 16.53 17.53 19.84
C ASP C 110 15.79 18.10 18.61
N VAL C 111 15.92 19.40 18.37
CA VAL C 111 15.33 19.99 17.17
C VAL C 111 15.88 19.31 15.91
N ALA C 112 17.20 19.19 15.80
CA ALA C 112 17.83 18.53 14.65
C ALA C 112 17.39 17.06 14.54
N SER C 113 17.46 16.35 15.67
CA SER C 113 17.01 14.97 15.77
C SER C 113 15.57 14.78 15.36
N CYS C 114 14.76 15.75 15.72
CA CYS C 114 13.36 15.65 15.39
C CYS C 114 13.18 15.69 13.86
N PHE C 115 13.85 16.60 13.19
CA PHE C 115 13.70 16.71 11.75
C PHE C 115 14.26 15.49 11.03
N GLU C 116 15.38 14.95 11.53
CA GLU C 116 15.94 13.73 10.98
C GLU C 116 14.95 12.58 11.13
N TYR C 117 14.27 12.50 12.28
CA TYR C 117 13.32 11.42 12.53
C TYR C 117 12.16 11.52 11.54
N PHE C 118 11.69 12.74 11.30
CA PHE C 118 10.52 12.88 10.44
C PHE C 118 10.86 12.84 8.98
N ALA C 119 12.14 13.07 8.66
CA ALA C 119 12.63 12.78 7.31
C ALA C 119 12.47 11.28 7.03
N GLY C 120 12.91 10.48 7.99
CA GLY C 120 12.69 9.04 7.91
C GLY C 120 11.22 8.65 7.76
N GLN C 121 10.36 9.31 8.54
CA GLN C 121 8.93 9.03 8.50
C GLN C 121 8.30 9.41 7.16
N ALA C 122 8.80 10.48 6.56
CA ALA C 122 8.38 10.90 5.22
C ALA C 122 8.71 9.82 4.17
N GLU C 123 9.91 9.27 4.27
CA GLU C 123 10.30 8.20 3.38
C GLU C 123 9.46 6.94 3.61
N ALA C 124 9.10 6.66 4.87
CA ALA C 124 8.25 5.51 5.14
C ALA C 124 6.85 5.71 4.58
N LEU C 125 6.39 6.96 4.59
CA LEU C 125 5.10 7.32 4.03
C LEU C 125 5.00 6.84 2.58
N ASP C 126 6.05 7.01 1.81
CA ASP C 126 6.13 6.45 0.51
C ASP C 126 5.90 4.92 0.48
N GLY C 127 6.54 4.19 1.37
CA GLY C 127 6.27 2.75 1.45
C GLY C 127 4.82 2.39 1.72
N LYS C 128 4.12 3.29 2.41
CA LYS C 128 2.76 3.02 2.86
C LYS C 128 1.67 3.43 1.87
N GLN C 129 2.05 4.01 0.73
CA GLN C 129 1.03 4.42 -0.23
C GLN C 129 0.46 3.21 -0.95
N LYS C 130 -0.85 3.27 -1.15
CA LYS C 130 -1.61 2.21 -1.80
C LYS C 130 -1.57 0.91 -1.03
N ALA C 131 -1.38 0.97 0.30
CA ALA C 131 -1.41 -0.26 1.08
C ALA C 131 -2.74 -0.95 0.83
N PRO C 132 -2.68 -2.24 0.50
CA PRO C 132 -3.87 -3.03 0.21
C PRO C 132 -4.73 -3.25 1.44
N VAL C 133 -6.05 -3.22 1.24
CA VAL C 133 -6.99 -3.62 2.27
C VAL C 133 -7.80 -4.80 1.73
N THR C 134 -7.59 -5.96 2.31
CA THR C 134 -8.23 -7.16 1.83
C THR C 134 -9.73 -7.12 2.05
N LEU C 135 -10.47 -7.38 0.98
CA LEU C 135 -11.93 -7.38 0.98
C LEU C 135 -12.48 -8.77 0.78
N PRO C 136 -13.69 -9.03 1.30
CA PRO C 136 -14.36 -10.34 1.15
C PRO C 136 -14.78 -10.66 -0.28
N MET C 137 -15.15 -9.66 -1.07
CA MET C 137 -15.78 -9.88 -2.37
C MET C 137 -14.82 -9.60 -3.54
N GLU C 138 -14.57 -10.62 -4.38
CA GLU C 138 -13.56 -10.54 -5.43
C GLU C 138 -13.87 -9.50 -6.49
N ARG C 139 -15.11 -9.05 -6.51
CA ARG C 139 -15.54 -7.98 -7.41
C ARG C 139 -14.84 -6.66 -7.08
N PHE C 140 -14.43 -6.50 -5.82
CA PHE C 140 -13.94 -5.24 -5.31
C PHE C 140 -12.54 -5.34 -4.74
N LYS C 141 -11.70 -4.36 -5.06
CA LYS C 141 -10.38 -4.25 -4.46
C LYS C 141 -10.26 -2.90 -3.75
N SER C 142 -9.51 -2.86 -2.66
CA SER C 142 -9.40 -1.63 -1.88
C SER C 142 -7.96 -1.32 -1.48
N HIS C 143 -7.59 -0.05 -1.47
CA HIS C 143 -6.33 0.34 -0.88
C HIS C 143 -6.46 1.71 -0.20
N VAL C 144 -5.44 2.09 0.57
CA VAL C 144 -5.41 3.36 1.28
C VAL C 144 -4.37 4.30 0.69
N LEU C 145 -4.77 5.56 0.48
CA LEU C 145 -3.82 6.63 0.14
C LEU C 145 -3.66 7.57 1.33
N ARG C 146 -2.42 8.01 1.55
CA ARG C 146 -2.15 8.93 2.63
C ARG C 146 -1.69 10.27 2.08
N GLN C 147 -2.63 11.20 1.97
CA GLN C 147 -2.37 12.51 1.37
C GLN C 147 -2.36 13.58 2.45
N PRO C 148 -1.66 14.68 2.18
CA PRO C 148 -1.66 15.75 3.19
C PRO C 148 -3.02 16.38 3.27
N LEU C 149 -3.45 16.73 4.46
CA LEU C 149 -4.77 17.35 4.66
C LEU C 149 -4.91 18.67 3.91
N GLY C 150 -3.88 19.50 3.96
CA GLY C 150 -3.96 20.84 3.39
C GLY C 150 -3.18 21.87 4.19
N VAL C 151 -3.83 22.97 4.54
CA VAL C 151 -3.21 24.08 5.26
C VAL C 151 -3.44 23.93 6.76
N VAL C 152 -2.37 23.81 7.54
CA VAL C 152 -2.54 23.64 8.99
C VAL C 152 -1.99 24.80 9.83
N GLY C 153 -2.71 25.09 10.90
CA GLY C 153 -2.30 26.11 11.83
C GLY C 153 -1.65 25.42 13.00
N LEU C 154 -0.46 25.91 13.34
CA LEU C 154 0.39 25.29 14.35
C LEU C 154 0.61 26.30 15.43
N ILE C 155 0.07 26.04 16.63
CA ILE C 155 0.17 27.03 17.71
C ILE C 155 0.86 26.43 18.92
N SER C 156 1.89 27.11 19.40
CA SER C 156 2.84 26.49 20.31
C SER C 156 3.21 27.42 21.48
N PRO C 157 3.74 26.83 22.58
CA PRO C 157 4.05 27.53 23.83
C PRO C 157 5.51 27.93 23.95
N TRP C 158 5.84 28.70 25.00
CA TRP C 158 7.14 29.34 25.17
C TRP C 158 8.18 28.52 25.95
N ASN C 159 7.79 27.40 26.56
CA ASN C 159 8.69 26.72 27.48
C ASN C 159 9.83 25.94 26.80
N TYR C 160 9.58 25.40 25.62
CA TYR C 160 10.65 24.92 24.76
C TYR C 160 10.37 25.52 23.38
N PRO C 161 10.72 26.80 23.18
CA PRO C 161 10.21 27.55 22.03
C PRO C 161 10.36 26.84 20.69
N LEU C 162 11.58 26.60 20.23
CA LEU C 162 11.80 26.06 18.90
C LEU C 162 11.46 24.56 18.85
N LEU C 163 11.78 23.82 19.90
CA LEU C 163 11.47 22.39 19.94
C LEU C 163 9.96 22.14 19.87
N MET C 164 9.17 22.93 20.61
CA MET C 164 7.72 22.78 20.58
C MET C 164 7.13 23.12 19.21
N ALA C 165 7.68 24.12 18.54
CA ALA C 165 7.27 24.40 17.16
C ALA C 165 7.66 23.24 16.24
N THR C 166 8.85 22.70 16.47
CA THR C 166 9.39 21.65 15.60
C THR C 166 8.57 20.36 15.69
N TRP C 167 8.00 20.07 16.84
CA TRP C 167 7.14 18.89 16.99
C TRP C 167 5.92 18.93 16.05
N LYS C 168 5.53 20.13 15.63
CA LYS C 168 4.43 20.31 14.68
C LYS C 168 4.93 20.50 13.23
N ILE C 169 5.89 21.41 13.05
CA ILE C 169 6.47 21.65 11.74
C ILE C 169 6.97 20.36 11.08
N ALA C 170 7.79 19.57 11.78
CA ALA C 170 8.43 18.41 11.14
C ALA C 170 7.42 17.40 10.57
N PRO C 171 6.44 16.91 11.37
CA PRO C 171 5.43 15.99 10.82
C PRO C 171 4.57 16.65 9.74
N ALA C 172 4.24 17.92 9.92
CA ALA C 172 3.34 18.57 8.98
C ALA C 172 4.00 18.65 7.62
N LEU C 173 5.26 19.08 7.58
CA LEU C 173 5.96 19.10 6.30
C LEU C 173 6.23 17.68 5.79
N ALA C 174 6.56 16.73 6.68
CA ALA C 174 6.74 15.34 6.25
C ALA C 174 5.49 14.82 5.53
N ALA C 175 4.32 15.19 6.03
CA ALA C 175 3.07 14.69 5.47
C ALA C 175 2.76 15.34 4.13
N GLY C 176 3.37 16.49 3.86
CA GLY C 176 3.09 17.21 2.65
C GLY C 176 2.18 18.42 2.86
N CYS C 177 1.82 18.72 4.10
CA CYS C 177 1.03 19.91 4.40
C CYS C 177 1.78 21.22 4.20
N THR C 178 1.05 22.34 4.21
CA THR C 178 1.69 23.63 4.37
C THR C 178 1.10 24.24 5.63
N ALA C 179 1.78 25.26 6.15
CA ALA C 179 1.59 25.61 7.54
C ALA C 179 1.73 27.09 7.85
N VAL C 180 0.97 27.52 8.85
CA VAL C 180 1.15 28.82 9.48
C VAL C 180 1.41 28.60 10.97
N LEU C 181 2.63 28.92 11.40
CA LEU C 181 3.05 28.76 12.78
C LEU C 181 2.86 30.05 13.55
N LYS C 182 2.30 29.93 14.76
CA LYS C 182 2.16 31.08 15.65
C LYS C 182 2.76 30.79 17.03
N PRO C 183 4.07 31.02 17.16
CA PRO C 183 4.74 30.77 18.44
C PRO C 183 4.23 31.67 19.57
N SER C 184 4.67 31.40 20.79
CA SER C 184 4.32 32.24 21.91
C SER C 184 4.96 33.63 21.84
N GLU C 185 4.17 34.62 22.22
CA GLU C 185 4.57 36.02 22.31
C GLU C 185 5.62 36.26 23.40
N LEU C 186 5.79 35.25 24.27
CA LEU C 186 6.78 35.27 25.35
C LEU C 186 8.15 34.77 24.92
N ALA C 187 8.20 34.05 23.79
CA ALA C 187 9.47 33.53 23.29
C ALA C 187 9.38 33.17 21.81
N SER C 188 9.56 34.19 20.97
CA SER C 188 9.40 34.06 19.51
C SER C 188 10.71 34.15 18.73
N VAL C 189 11.82 34.41 19.41
CA VAL C 189 13.09 34.73 18.75
C VAL C 189 13.61 33.61 17.86
N THR C 190 13.72 32.40 18.39
CA THR C 190 14.29 31.32 17.61
C THR C 190 13.35 30.80 16.51
N CYS C 191 12.03 30.87 16.73
CA CYS C 191 11.10 30.46 15.69
C CYS C 191 11.17 31.41 14.49
N LEU C 192 11.30 32.71 14.73
CA LEU C 192 11.47 33.65 13.61
C LEU C 192 12.76 33.37 12.85
N GLU C 193 13.82 33.12 13.61
CA GLU C 193 15.12 32.74 13.07
C GLU C 193 15.02 31.52 12.14
N PHE C 194 14.07 30.64 12.41
CA PHE C 194 13.88 29.41 11.64
C PHE C 194 13.50 29.71 10.21
N GLY C 195 12.77 30.82 10.01
CA GLY C 195 12.38 31.25 8.69
C GLY C 195 13.62 31.43 7.83
N GLU C 196 14.69 31.87 8.44
CA GLU C 196 15.93 32.04 7.73
C GLU C 196 16.48 30.68 7.28
N VAL C 197 16.49 29.73 8.20
CA VAL C 197 16.88 28.36 7.89
C VAL C 197 16.08 27.80 6.70
N CYS C 198 14.78 28.08 6.68
CA CYS C 198 13.91 27.65 5.59
C CYS C 198 14.40 28.18 4.24
N ASN C 199 14.69 29.48 4.16
CA ASN C 199 15.13 30.05 2.91
C ASN C 199 16.50 29.51 2.53
N GLU C 200 17.38 29.31 3.52
CA GLU C 200 18.69 28.76 3.24
C GLU C 200 18.63 27.34 2.62
N VAL C 201 17.66 26.51 3.01
CA VAL C 201 17.56 25.17 2.42
C VAL C 201 16.69 25.13 1.18
N GLY C 202 16.18 26.29 0.77
CA GLY C 202 15.38 26.39 -0.43
C GLY C 202 13.94 25.90 -0.29
N LEU C 203 13.45 25.86 0.94
N LEU C 203 13.45 25.85 0.95
CA LEU C 203 12.07 25.49 1.20
CA LEU C 203 12.05 25.51 1.19
C LEU C 203 11.12 26.37 0.38
C LEU C 203 11.15 26.38 0.34
N PRO C 204 10.21 25.76 -0.40
CA PRO C 204 9.33 26.52 -1.28
C PRO C 204 8.52 27.58 -0.52
N PRO C 205 8.38 28.77 -1.11
CA PRO C 205 7.69 29.88 -0.44
C PRO C 205 6.27 29.51 -0.08
N GLY C 206 5.85 29.81 1.15
CA GLY C 206 4.48 29.59 1.56
C GLY C 206 4.30 28.26 2.25
N VAL C 207 5.28 27.36 2.11
CA VAL C 207 5.17 26.05 2.74
C VAL C 207 5.20 26.16 4.27
N LEU C 208 6.03 27.06 4.80
CA LEU C 208 5.95 27.42 6.23
C LEU C 208 5.92 28.92 6.39
N ASN C 209 4.88 29.39 7.09
CA ASN C 209 4.74 30.79 7.39
C ASN C 209 4.76 30.95 8.90
N ILE C 210 5.40 32.01 9.38
CA ILE C 210 5.60 32.18 10.80
C ILE C 210 5.08 33.56 11.20
N LEU C 211 3.99 33.57 11.95
CA LEU C 211 3.37 34.80 12.44
C LEU C 211 3.54 34.94 13.95
N THR C 212 4.34 35.89 14.39
CA THR C 212 4.44 36.18 15.81
C THR C 212 3.38 37.19 16.22
N GLY C 213 2.93 37.12 17.47
CA GLY C 213 1.91 38.03 17.95
C GLY C 213 1.21 37.53 19.20
N LEU C 214 0.24 38.30 19.69
CA LEU C 214 -0.51 37.89 20.86
C LEU C 214 -1.47 36.74 20.50
N GLY C 215 -1.76 35.90 21.47
CA GLY C 215 -2.76 34.86 21.30
C GLY C 215 -4.08 35.35 20.71
N PRO C 216 -4.66 36.40 21.30
CA PRO C 216 -5.95 36.86 20.79
C PRO C 216 -5.85 37.49 19.42
N ASP C 217 -4.74 38.19 19.15
CA ASP C 217 -4.63 38.95 17.91
C ASP C 217 -4.12 38.14 16.73
N ALA C 218 -3.21 37.19 17.00
CA ALA C 218 -2.67 36.34 15.94
C ALA C 218 -3.16 34.89 16.02
N GLY C 219 -3.25 34.35 17.22
CA GLY C 219 -3.67 32.96 17.41
C GLY C 219 -5.12 32.69 17.05
N ALA C 220 -6.04 33.44 17.66
CA ALA C 220 -7.47 33.25 17.46
C ALA C 220 -7.92 33.38 15.99
N PRO C 221 -7.42 34.39 15.27
CA PRO C 221 -7.83 34.45 13.86
C PRO C 221 -7.31 33.27 13.02
N LEU C 222 -6.15 32.72 13.39
CA LEU C 222 -5.67 31.52 12.72
C LEU C 222 -6.69 30.38 12.89
N VAL C 223 -7.15 30.13 14.11
CA VAL C 223 -8.00 28.96 14.26
C VAL C 223 -9.39 29.19 13.69
N SER C 224 -9.86 30.44 13.62
CA SER C 224 -11.19 30.66 13.03
C SER C 224 -11.18 30.88 11.49
N HIS C 225 -9.99 30.95 10.87
CA HIS C 225 -9.93 31.19 9.42
C HIS C 225 -10.59 30.05 8.64
N PRO C 226 -11.51 30.39 7.72
CA PRO C 226 -12.26 29.34 7.03
C PRO C 226 -11.40 28.45 6.14
N ASP C 227 -10.21 28.89 5.75
CA ASP C 227 -9.40 28.07 4.82
C ASP C 227 -8.26 27.30 5.50
N VAL C 228 -8.23 27.31 6.83
CA VAL C 228 -7.28 26.48 7.57
C VAL C 228 -7.96 25.13 7.83
N ASP C 229 -7.33 24.02 7.46
CA ASP C 229 -8.02 22.73 7.51
C ASP C 229 -7.91 21.99 8.87
N LYS C 230 -6.94 22.38 9.68
CA LYS C 230 -6.69 21.73 10.98
C LYS C 230 -5.80 22.60 11.86
N ILE C 231 -6.04 22.53 13.16
CA ILE C 231 -5.21 23.21 14.13
C ILE C 231 -4.50 22.21 15.03
N ALA C 232 -3.17 22.30 15.08
CA ALA C 232 -2.41 21.55 16.06
C ALA C 232 -2.07 22.50 17.20
N PHE C 233 -2.68 22.28 18.35
CA PHE C 233 -2.52 23.21 19.46
C PHE C 233 -1.80 22.61 20.65
N THR C 234 -0.91 23.40 21.22
CA THR C 234 -0.26 23.08 22.47
C THR C 234 -0.26 24.33 23.36
N GLY C 235 -0.73 24.18 24.60
CA GLY C 235 -0.93 25.30 25.49
C GLY C 235 -1.75 24.84 26.68
N SER C 236 -2.30 25.79 27.43
CA SER C 236 -3.04 25.50 28.66
C SER C 236 -4.36 24.85 28.32
N SER C 237 -4.91 24.13 29.30
CA SER C 237 -6.19 23.47 29.10
C SER C 237 -7.27 24.50 28.88
N ALA C 238 -7.15 25.62 29.57
CA ALA C 238 -8.08 26.72 29.41
C ALA C 238 -8.06 27.23 27.96
N THR C 239 -6.86 27.45 27.42
CA THR C 239 -6.77 27.95 26.06
C THR C 239 -7.25 26.86 25.10
N GLY C 240 -6.96 25.60 25.44
CA GLY C 240 -7.35 24.49 24.60
C GLY C 240 -8.85 24.46 24.39
N SER C 241 -9.60 24.74 25.46
CA SER C 241 -11.04 24.86 25.38
C SER C 241 -11.48 25.96 24.40
N LYS C 242 -10.85 27.12 24.49
CA LYS C 242 -11.14 28.23 23.59
C LYS C 242 -10.93 27.83 22.14
N VAL C 243 -9.81 27.18 21.88
CA VAL C 243 -9.39 26.88 20.53
C VAL C 243 -10.37 25.88 19.93
N MET C 244 -10.74 24.86 20.72
CA MET C 244 -11.65 23.84 20.21
C MET C 244 -13.05 24.41 19.97
N ALA C 245 -13.51 25.28 20.87
CA ALA C 245 -14.82 25.91 20.72
C ALA C 245 -14.90 26.71 19.41
N SER C 246 -13.80 27.41 19.09
CA SER C 246 -13.73 28.20 17.85
C SER C 246 -13.71 27.31 16.64
N ALA C 247 -12.87 26.29 16.68
CA ALA C 247 -12.75 25.36 15.57
C ALA C 247 -14.07 24.65 15.31
N ALA C 248 -14.86 24.46 16.38
CA ALA C 248 -16.13 23.74 16.30
C ALA C 248 -17.06 24.41 15.33
N GLN C 249 -16.97 25.74 15.25
CA GLN C 249 -17.89 26.47 14.39
C GLN C 249 -17.72 26.11 12.93
N LEU C 250 -16.56 25.60 12.56
CA LEU C 250 -16.33 25.21 11.17
C LEU C 250 -16.04 23.70 11.08
N VAL C 251 -16.49 22.98 12.09
CA VAL C 251 -16.17 21.60 12.29
C VAL C 251 -14.72 21.23 11.86
N LYS C 252 -13.81 22.06 12.31
CA LYS C 252 -12.40 21.95 12.00
C LYS C 252 -11.64 21.07 13.01
N PRO C 253 -10.91 20.04 12.53
CA PRO C 253 -10.20 19.10 13.40
C PRO C 253 -9.16 19.81 14.23
N VAL C 254 -8.93 19.34 15.44
CA VAL C 254 -7.87 19.82 16.29
C VAL C 254 -7.12 18.74 17.04
N THR C 255 -5.89 19.01 17.35
CA THR C 255 -5.21 18.20 18.34
C THR C 255 -4.89 19.09 19.53
N LEU C 256 -5.01 18.56 20.74
CA LEU C 256 -4.80 19.37 21.93
C LEU C 256 -3.82 18.75 22.92
N GLU C 257 -2.68 19.40 23.04
CA GLU C 257 -1.65 19.00 24.01
C GLU C 257 -1.70 20.00 25.15
N LEU C 258 -2.41 19.67 26.22
CA LEU C 258 -2.72 20.70 27.22
C LEU C 258 -1.93 20.54 28.52
N GLY C 259 -2.47 21.10 29.60
CA GLY C 259 -1.76 21.13 30.87
C GLY C 259 -1.75 19.80 31.59
N GLY C 260 -1.02 19.77 32.70
CA GLY C 260 -0.93 18.58 33.54
C GLY C 260 -0.81 18.88 35.03
N LYS C 261 -1.06 17.86 35.83
CA LYS C 261 -0.69 17.86 37.23
C LYS C 261 -0.30 16.43 37.55
N SER C 262 0.82 16.01 36.98
CA SER C 262 1.23 14.62 36.99
C SER C 262 1.83 14.20 38.34
N PRO C 263 1.57 12.95 38.73
CA PRO C 263 2.15 12.44 39.98
C PRO C 263 3.45 11.67 39.76
N ILE C 264 4.35 11.73 40.73
CA ILE C 264 5.48 10.80 40.82
C ILE C 264 5.29 9.92 42.07
N VAL C 265 5.08 8.62 41.85
CA VAL C 265 4.84 7.69 42.95
C VAL C 265 6.13 6.95 43.29
N VAL C 266 6.51 6.98 44.56
CA VAL C 266 7.75 6.35 44.98
C VAL C 266 7.48 5.28 46.03
N PHE C 267 7.84 4.04 45.72
CA PHE C 267 7.69 2.96 46.67
C PHE C 267 8.99 2.79 47.43
N GLU C 268 8.95 1.98 48.50
CA GLU C 268 10.04 1.95 49.47
C GLU C 268 11.26 1.22 48.93
N ASP C 269 11.06 0.31 47.99
CA ASP C 269 12.20 -0.42 47.46
C ASP C 269 12.85 0.39 46.34
N VAL C 270 13.47 1.50 46.71
CA VAL C 270 14.18 2.34 45.74
C VAL C 270 15.50 2.88 46.26
N ASP C 271 16.38 3.23 45.34
CA ASP C 271 17.60 3.93 45.67
C ASP C 271 17.29 5.42 45.80
N ILE C 272 17.20 5.87 47.05
CA ILE C 272 16.64 7.19 47.36
C ILE C 272 17.38 8.34 46.69
N ASP C 273 18.71 8.30 46.64
CA ASP C 273 19.48 9.35 45.96
C ASP C 273 19.21 9.40 44.45
N LYS C 274 18.97 8.24 43.83
CA LYS C 274 18.73 8.22 42.39
C LYS C 274 17.35 8.80 42.13
N VAL C 275 16.36 8.30 42.86
CA VAL C 275 15.00 8.75 42.71
C VAL C 275 14.87 10.23 43.02
N VAL C 276 15.51 10.69 44.09
CA VAL C 276 15.45 12.11 44.43
C VAL C 276 15.92 12.99 43.26
N GLU C 277 16.98 12.60 42.55
CA GLU C 277 17.46 13.43 41.45
C GLU C 277 16.42 13.48 40.34
N TRP C 278 15.80 12.33 40.05
CA TRP C 278 14.72 12.27 39.08
C TRP C 278 13.55 13.13 39.52
N THR C 279 13.23 13.14 40.81
CA THR C 279 12.16 13.94 41.34
C THR C 279 12.42 15.44 41.09
N ILE C 280 13.67 15.85 41.23
CA ILE C 280 14.00 17.26 41.03
C ILE C 280 13.96 17.59 39.54
N PHE C 281 14.40 16.64 38.73
CA PHE C 281 14.33 16.77 37.30
C PHE C 281 12.86 16.89 36.88
N GLY C 282 12.00 16.05 37.45
CA GLY C 282 10.58 16.01 37.14
C GLY C 282 9.79 17.27 37.46
N CYS C 283 10.29 18.11 38.36
CA CYS C 283 9.50 19.26 38.81
C CYS C 283 10.21 20.61 38.77
N PHE C 284 11.54 20.62 38.74
CA PHE C 284 12.27 21.89 38.75
C PHE C 284 13.04 22.17 37.44
N TRP C 285 13.32 21.12 36.68
CA TRP C 285 13.97 21.27 35.37
C TRP C 285 13.09 22.12 34.44
N THR C 286 13.67 22.77 33.43
CA THR C 286 13.00 23.79 32.61
C THR C 286 12.44 24.91 33.50
N ASN C 287 13.11 25.14 34.63
CA ASN C 287 12.64 26.06 35.65
C ASN C 287 11.18 25.76 36.06
N GLY C 288 10.85 24.46 36.08
CA GLY C 288 9.55 24.01 36.54
C GLY C 288 8.43 24.19 35.54
N GLN C 289 8.77 24.63 34.33
CA GLN C 289 7.77 24.93 33.31
C GLN C 289 7.70 23.77 32.33
N ILE C 290 7.23 22.64 32.83
CA ILE C 290 7.07 21.42 32.07
C ILE C 290 5.62 21.01 32.15
N ALA C 291 4.97 20.83 31.00
CA ALA C 291 3.58 20.40 31.00
C ALA C 291 3.39 19.12 31.78
N SER C 292 4.32 18.19 31.61
CA SER C 292 4.26 16.87 32.21
C SER C 292 5.02 16.77 33.53
N ALA C 293 5.24 17.92 34.16
CA ALA C 293 6.00 18.00 35.41
C ALA C 293 5.41 17.11 36.46
N THR C 294 6.25 16.32 37.11
CA THR C 294 5.72 15.49 38.18
C THR C 294 5.74 16.38 39.43
N SER C 295 4.65 17.13 39.58
CA SER C 295 4.53 18.18 40.54
C SER C 295 3.80 17.71 41.80
N ARG C 296 3.37 16.45 41.80
CA ARG C 296 2.78 15.87 43.00
C ARG C 296 3.55 14.61 43.42
N LEU C 297 4.32 14.73 44.48
CA LEU C 297 5.10 13.60 44.97
C LEU C 297 4.26 12.75 45.89
N LEU C 298 4.11 11.47 45.54
CA LEU C 298 3.46 10.50 46.43
C LEU C 298 4.51 9.50 46.92
N VAL C 299 4.97 9.67 48.16
CA VAL C 299 6.10 8.90 48.66
C VAL C 299 5.69 7.95 49.79
N HIS C 300 6.15 6.72 49.70
CA HIS C 300 5.78 5.71 50.67
C HIS C 300 6.16 6.09 52.11
N GLU C 301 5.20 5.91 53.01
CA GLU C 301 5.32 6.17 54.46
C GLU C 301 6.65 5.78 55.11
N SER C 302 7.12 4.60 54.75
CA SER C 302 8.34 4.01 55.27
C SER C 302 9.58 4.86 54.99
N ILE C 303 9.64 5.44 53.81
CA ILE C 303 10.83 6.19 53.46
C ILE C 303 10.57 7.67 53.28
N ALA C 304 9.33 8.10 53.54
CA ALA C 304 8.93 9.50 53.38
C ALA C 304 9.93 10.47 54.03
N ALA C 305 9.97 11.06 55.23
N ALA C 305 10.38 10.45 55.28
CA ALA C 305 11.18 11.09 56.02
CA ALA C 305 11.23 11.50 55.81
C ALA C 305 12.32 10.39 55.30
C ALA C 305 12.58 11.53 55.10
N GLU C 306 13.48 11.06 55.21
N GLU C 306 13.31 10.42 55.18
CA GLU C 306 14.62 10.50 54.54
CA GLU C 306 14.59 10.32 54.57
C GLU C 306 14.65 10.82 53.10
C GLU C 306 14.62 10.79 53.16
N PHE C 307 13.60 10.42 52.42
CA PHE C 307 13.45 10.80 51.00
C PHE C 307 13.40 12.31 50.98
N VAL C 308 12.53 12.88 51.81
CA VAL C 308 12.37 14.33 51.80
C VAL C 308 13.63 15.01 52.33
N ASP C 309 14.21 14.45 53.39
CA ASP C 309 15.50 14.93 53.91
C ASP C 309 16.49 15.09 52.77
N LYS C 310 16.71 14.04 51.98
CA LYS C 310 17.67 14.10 50.88
C LYS C 310 17.18 14.95 49.71
N LEU C 311 15.85 15.08 49.57
CA LEU C 311 15.27 15.93 48.52
C LEU C 311 15.67 17.38 48.73
N VAL C 312 15.52 17.87 49.97
CA VAL C 312 15.89 19.24 50.27
C VAL C 312 17.41 19.46 50.15
N LYS C 313 18.22 18.44 50.43
CA LYS C 313 19.67 18.61 50.33
C LYS C 313 20.09 18.77 48.87
N TRP C 314 19.66 17.82 48.04
CA TRP C 314 19.77 17.96 46.58
C TRP C 314 19.19 19.29 46.09
N THR C 315 18.00 19.66 46.59
CA THR C 315 17.33 20.88 46.14
C THR C 315 18.11 22.14 46.52
N LYS C 316 18.60 22.20 47.76
CA LYS C 316 19.48 23.27 48.21
C LYS C 316 20.69 23.46 47.29
N ASN C 317 21.16 22.34 46.75
CA ASN C 317 22.40 22.33 45.99
C ASN C 317 22.22 22.69 44.51
N ILE C 318 21.01 23.09 44.13
CA ILE C 318 20.76 23.55 42.76
C ILE C 318 21.20 25.00 42.56
N LYS C 319 22.23 25.20 41.76
CA LYS C 319 22.69 26.56 41.50
C LYS C 319 21.65 27.37 40.75
N ILE C 320 21.26 28.50 41.34
CA ILE C 320 20.40 29.44 40.68
C ILE C 320 21.24 30.61 40.19
N SER C 321 21.22 30.88 38.89
CA SER C 321 22.04 31.95 38.34
C SER C 321 21.51 32.45 37.01
N ASP C 322 22.23 33.40 36.42
CA ASP C 322 21.96 33.80 35.06
C ASP C 322 22.20 32.57 34.20
N PRO C 323 21.28 32.31 33.24
CA PRO C 323 21.37 31.03 32.51
C PRO C 323 22.68 30.88 31.72
N PHE C 324 23.48 31.94 31.60
CA PHE C 324 24.75 31.79 30.89
C PHE C 324 25.92 31.45 31.80
N GLU C 325 25.74 31.61 33.10
CA GLU C 325 26.79 31.26 34.06
C GLU C 325 27.03 29.76 34.13
N GLU C 326 28.31 29.36 34.08
CA GLU C 326 28.66 27.95 34.14
C GLU C 326 28.08 27.27 35.38
N GLY C 327 27.57 26.06 35.16
CA GLY C 327 26.97 25.27 36.21
C GLY C 327 25.55 25.70 36.58
N CYS C 328 24.94 26.57 35.77
CA CYS C 328 23.55 26.95 36.03
C CYS C 328 22.63 25.75 35.88
N ARG C 329 21.74 25.60 36.85
CA ARG C 329 20.82 24.47 36.87
C ARG C 329 19.37 24.92 37.16
N LEU C 330 19.19 26.23 37.33
CA LEU C 330 17.88 26.85 37.43
C LEU C 330 17.98 28.34 37.09
N GLY C 331 17.33 28.72 35.99
CA GLY C 331 17.25 30.11 35.61
C GLY C 331 15.94 30.69 36.11
N PRO C 332 15.62 31.92 35.70
CA PRO C 332 14.37 32.59 36.08
C PRO C 332 13.18 32.00 35.35
N VAL C 333 11.97 32.23 35.85
CA VAL C 333 10.78 31.85 35.12
C VAL C 333 10.53 32.89 34.03
N ILE C 334 9.68 32.56 33.06
CA ILE C 334 9.60 33.29 31.79
C ILE C 334 9.16 34.77 31.84
N SER C 335 8.31 35.14 32.80
CA SER C 335 7.79 36.49 32.77
C SER C 335 7.32 36.95 34.14
N LYS C 336 7.16 38.26 34.27
CA LYS C 336 6.64 38.85 35.50
C LYS C 336 5.27 38.29 35.78
N GLY C 337 4.45 38.18 34.73
CA GLY C 337 3.11 37.60 34.86
C GLY C 337 3.11 36.20 35.42
N GLN C 338 3.99 35.35 34.90
CA GLN C 338 4.14 34.01 35.45
C GLN C 338 4.78 34.05 36.85
N TYR C 339 5.81 34.88 37.01
CA TYR C 339 6.44 35.08 38.32
C TYR C 339 5.40 35.37 39.39
N ASP C 340 4.48 36.29 39.08
CA ASP C 340 3.45 36.72 40.03
C ASP C 340 2.48 35.59 40.34
N LYS C 341 2.07 34.89 39.29
CA LYS C 341 1.09 33.81 39.44
C LYS C 341 1.66 32.69 40.32
N ILE C 342 2.95 32.41 40.18
CA ILE C 342 3.58 31.39 40.99
C ILE C 342 3.68 31.81 42.47
N MET C 343 4.09 33.04 42.72
CA MET C 343 4.15 33.52 44.11
C MET C 343 2.76 33.50 44.76
N LYS C 344 1.73 33.80 43.97
CA LYS C 344 0.37 33.75 44.45
C LYS C 344 -0.03 32.32 44.87
N PHE C 345 0.24 31.35 44.00
CA PHE C 345 0.02 29.94 44.35
C PHE C 345 0.68 29.62 45.69
N ILE C 346 1.96 29.98 45.81
CA ILE C 346 2.71 29.70 47.04
C ILE C 346 2.07 30.38 48.25
N SER C 347 1.47 31.55 48.03
CA SER C 347 0.83 32.25 49.13
C SER C 347 -0.44 31.56 49.59
N THR C 348 -1.35 31.28 48.66
CA THR C 348 -2.64 30.77 49.06
C THR C 348 -2.47 29.37 49.63
N ALA C 349 -1.39 28.68 49.25
CA ALA C 349 -1.06 27.40 49.85
C ALA C 349 -0.73 27.58 51.33
N LYS C 350 0.11 28.57 51.61
CA LYS C 350 0.35 28.99 52.99
C LYS C 350 -0.97 29.31 53.70
N SER C 351 -1.78 30.13 53.03
CA SER C 351 -3.04 30.60 53.58
C SER C 351 -4.08 29.50 53.78
N GLU C 352 -3.96 28.39 53.05
CA GLU C 352 -4.87 27.27 53.22
C GLU C 352 -4.30 26.21 54.17
N GLY C 353 -3.13 26.48 54.74
CA GLY C 353 -2.58 25.63 55.78
C GLY C 353 -1.46 24.69 55.39
N ALA C 354 -0.91 24.86 54.18
CA ALA C 354 0.22 24.06 53.74
C ALA C 354 1.52 24.57 54.38
N THR C 355 2.54 23.72 54.37
CA THR C 355 3.85 24.09 54.87
C THR C 355 4.84 24.27 53.72
N ILE C 356 5.54 25.40 53.74
CA ILE C 356 6.61 25.63 52.78
C ILE C 356 7.92 25.17 53.41
N LEU C 357 8.22 23.89 53.23
CA LEU C 357 9.36 23.27 53.86
C LEU C 357 10.69 23.82 53.35
N TYR C 358 10.73 24.17 52.06
CA TYR C 358 11.89 24.86 51.52
C TYR C 358 11.53 25.76 50.34
N GLY C 359 12.30 26.84 50.18
CA GLY C 359 12.18 27.71 49.03
C GLY C 359 10.95 28.58 49.16
N GLY C 360 10.23 28.75 48.05
CA GLY C 360 9.01 29.52 48.07
C GLY C 360 9.31 31.00 48.18
N SER C 361 10.54 31.36 47.84
CA SER C 361 10.87 32.78 47.85
C SER C 361 11.95 33.07 46.83
N ARG C 362 12.07 34.36 46.55
CA ARG C 362 13.09 34.87 45.65
C ARG C 362 14.47 34.65 46.25
N PRO C 363 15.45 34.21 45.43
CA PRO C 363 16.80 34.01 45.97
C PRO C 363 17.43 35.34 46.39
N GLU C 364 18.17 35.33 47.50
CA GLU C 364 18.71 36.55 48.10
C GLU C 364 19.73 37.27 47.20
N HIS C 365 20.68 36.50 46.68
CA HIS C 365 21.78 37.03 45.88
C HIS C 365 21.41 37.55 44.49
N LEU C 366 20.17 37.35 44.07
CA LEU C 366 19.73 37.76 42.72
C LEU C 366 18.67 38.85 42.81
N LYS C 367 19.11 40.09 42.67
CA LYS C 367 18.29 41.26 42.94
C LYS C 367 17.23 41.52 41.85
N LYS C 368 17.60 41.22 40.61
CA LYS C 368 16.68 41.37 39.49
C LYS C 368 16.48 40.05 38.74
N GLY C 369 15.37 39.95 38.00
CA GLY C 369 15.03 38.74 37.28
C GLY C 369 13.90 37.97 37.94
N TYR C 370 13.24 37.11 37.18
CA TYR C 370 12.07 36.42 37.71
C TYR C 370 12.48 35.13 38.40
N TYR C 371 13.41 35.24 39.33
CA TYR C 371 13.96 34.07 40.00
C TYR C 371 13.12 33.64 41.21
N ILE C 372 12.79 32.37 41.25
CA ILE C 372 12.10 31.76 42.36
C ILE C 372 12.89 30.54 42.81
N GLU C 373 13.08 30.37 44.11
CA GLU C 373 13.80 29.21 44.61
C GLU C 373 12.94 27.96 44.38
N PRO C 374 13.59 26.81 44.13
CA PRO C 374 12.82 25.58 44.04
C PRO C 374 12.06 25.38 45.35
N THR C 375 10.78 25.06 45.27
CA THR C 375 9.93 25.07 46.44
C THR C 375 9.37 23.68 46.74
N ILE C 376 9.47 23.27 47.99
CA ILE C 376 8.89 21.99 48.40
C ILE C 376 7.81 22.24 49.41
N VAL C 377 6.59 21.84 49.05
CA VAL C 377 5.39 22.09 49.86
C VAL C 377 4.88 20.82 50.50
N THR C 378 4.76 20.85 51.81
CA THR C 378 4.30 19.69 52.56
C THR C 378 3.05 20.05 53.34
N ASP C 379 2.56 19.09 54.13
CA ASP C 379 1.30 19.22 54.88
C ASP C 379 0.13 19.58 53.96
N ILE C 380 0.02 18.79 52.89
CA ILE C 380 -0.96 18.99 51.82
C ILE C 380 -2.30 18.29 52.08
N SER C 381 -3.37 19.04 51.92
CA SER C 381 -4.69 18.44 51.80
C SER C 381 -5.04 18.35 50.33
N THR C 382 -5.78 17.33 49.92
CA THR C 382 -6.13 17.20 48.51
C THR C 382 -7.18 18.25 48.07
N SER C 383 -7.59 19.09 49.01
CA SER C 383 -8.57 20.14 48.72
CA SER C 383 -8.57 20.15 48.75
C SER C 383 -7.89 21.46 48.40
N MET C 384 -6.60 21.56 48.74
CA MET C 384 -5.83 22.77 48.48
C MET C 384 -5.70 23.12 47.00
N GLN C 385 -5.68 24.42 46.70
CA GLN C 385 -5.50 24.88 45.32
C GLN C 385 -4.18 24.40 44.71
N ILE C 386 -3.14 24.36 45.54
CA ILE C 386 -1.81 23.96 45.10
C ILE C 386 -1.78 22.49 44.61
N TRP C 387 -2.59 21.64 45.22
CA TRP C 387 -2.65 20.22 44.82
C TRP C 387 -3.44 20.02 43.53
N LYS C 388 -4.40 20.90 43.27
CA LYS C 388 -5.30 20.76 42.14
C LYS C 388 -4.77 21.43 40.86
N GLU C 389 -4.24 22.63 40.99
CA GLU C 389 -3.97 23.47 39.82
C GLU C 389 -2.53 23.39 39.34
N GLU C 390 -2.36 23.52 38.02
CA GLU C 390 -1.04 23.55 37.42
C GLU C 390 -0.36 24.87 37.78
N VAL C 391 0.75 24.78 38.51
CA VAL C 391 1.49 25.95 38.93
C VAL C 391 2.44 26.44 37.84
N PHE C 392 3.11 25.50 37.18
CA PHE C 392 4.04 25.79 36.10
C PHE C 392 5.18 26.67 36.60
N GLY C 393 5.64 26.36 37.80
CA GLY C 393 6.86 26.91 38.36
C GLY C 393 7.53 25.79 39.12
N PRO C 394 8.74 26.05 39.65
CA PRO C 394 9.50 24.99 40.34
C PRO C 394 8.93 24.71 41.74
N VAL C 395 7.72 24.16 41.76
CA VAL C 395 6.99 23.98 43.00
C VAL C 395 6.45 22.56 43.09
N LEU C 396 7.04 21.79 44.00
CA LEU C 396 6.63 20.43 44.28
C LEU C 396 5.71 20.31 45.50
N CYS C 397 4.63 19.56 45.35
CA CYS C 397 3.80 19.14 46.47
C CYS C 397 4.16 17.72 46.89
N VAL C 398 4.16 17.49 48.20
CA VAL C 398 4.56 16.21 48.76
C VAL C 398 3.46 15.63 49.62
N LYS C 399 3.12 14.39 49.35
CA LYS C 399 2.14 13.66 50.15
C LYS C 399 2.60 12.21 50.38
N THR C 400 2.23 11.62 51.53
CA THR C 400 2.62 10.24 51.82
C THR C 400 1.46 9.28 51.57
N PHE C 401 1.79 8.00 51.39
CA PHE C 401 0.78 6.96 51.27
C PHE C 401 1.30 5.69 51.93
N SER C 402 0.41 4.83 52.39
CA SER C 402 0.85 3.56 52.95
C SER C 402 0.47 2.39 52.05
N SER C 403 -0.51 2.60 51.19
CA SER C 403 -0.97 1.49 50.36
C SER C 403 -0.89 1.79 48.86
N GLU C 404 -0.67 0.72 48.12
CA GLU C 404 -0.59 0.79 46.66
C GLU C 404 -1.86 1.38 46.07
N ASP C 405 -2.99 0.94 46.59
CA ASP C 405 -4.25 1.38 46.08
C ASP C 405 -4.58 2.79 46.53
N GLU C 406 -3.93 3.23 47.58
CA GLU C 406 -4.05 4.60 48.02
C GLU C 406 -3.18 5.50 47.13
N ALA C 407 -1.99 5.03 46.81
CA ALA C 407 -1.10 5.72 45.90
C ALA C 407 -1.84 5.99 44.58
N ILE C 408 -2.43 4.93 44.01
CA ILE C 408 -3.23 5.01 42.80
C ILE C 408 -4.40 5.97 42.93
N ALA C 409 -5.13 5.87 44.04
CA ALA C 409 -6.28 6.74 44.29
C ALA C 409 -5.89 8.21 44.26
N LEU C 410 -4.78 8.52 44.95
CA LEU C 410 -4.22 9.87 45.01
C LEU C 410 -3.60 10.30 43.67
N ALA C 411 -2.94 9.37 43.00
CA ALA C 411 -2.33 9.69 41.71
C ALA C 411 -3.39 10.08 40.68
N ASN C 412 -4.53 9.38 40.71
CA ASN C 412 -5.59 9.59 39.73
C ASN C 412 -6.60 10.66 40.13
N ASP C 413 -6.43 11.19 41.35
CA ASP C 413 -7.31 12.21 41.91
C ASP C 413 -7.02 13.58 41.33
N THR C 414 -7.33 13.74 40.05
CA THR C 414 -7.02 14.95 39.32
C THR C 414 -7.86 14.97 38.07
N GLU C 415 -8.21 16.15 37.58
CA GLU C 415 -8.94 16.09 36.33
C GLU C 415 -8.00 16.17 35.13
N TYR C 416 -6.70 16.33 35.40
CA TYR C 416 -5.67 16.19 34.39
C TYR C 416 -5.36 14.72 34.10
N GLY C 417 -4.54 14.49 33.08
CA GLY C 417 -4.13 13.15 32.76
C GLY C 417 -3.05 13.10 31.69
N LEU C 418 -2.03 13.92 31.84
CA LEU C 418 -0.97 13.93 30.87
C LEU C 418 0.00 12.77 31.11
N ALA C 419 0.75 12.81 32.21
CA ALA C 419 1.80 11.82 32.45
C ALA C 419 1.87 11.45 33.92
N ALA C 420 2.89 10.66 34.25
CA ALA C 420 3.11 10.17 35.61
C ALA C 420 4.45 9.46 35.63
N ALA C 421 4.97 9.23 36.84
CA ALA C 421 6.19 8.45 37.02
C ALA C 421 6.03 7.46 38.18
N VAL C 422 6.58 6.28 38.03
CA VAL C 422 6.52 5.27 39.08
C VAL C 422 7.91 4.73 39.35
N PHE C 423 8.27 4.69 40.63
CA PHE C 423 9.58 4.22 41.09
C PHE C 423 9.48 3.04 42.02
N SER C 424 10.15 1.94 41.66
CA SER C 424 10.14 0.69 42.41
C SER C 424 11.09 -0.25 41.68
N ASN C 425 11.93 -1.02 42.38
CA ASN C 425 12.71 -2.04 41.65
C ASN C 425 11.86 -3.25 41.36
N ASP C 426 10.70 -3.32 41.99
CA ASP C 426 9.74 -4.37 41.66
C ASP C 426 9.02 -3.98 40.38
N LEU C 427 9.40 -4.60 39.26
CA LEU C 427 8.92 -4.17 37.96
C LEU C 427 7.53 -4.72 37.70
N GLU C 428 7.16 -5.73 38.47
CA GLU C 428 5.79 -6.22 38.43
C GLU C 428 4.86 -5.17 39.06
N ARG C 429 5.31 -4.58 40.17
CA ARG C 429 4.61 -3.46 40.79
C ARG C 429 4.56 -2.27 39.84
N CYS C 430 5.68 -2.04 39.15
CA CYS C 430 5.75 -0.97 38.16
C CYS C 430 4.67 -1.12 37.11
N GLU C 431 4.59 -2.29 36.49
CA GLU C 431 3.63 -2.54 35.42
C GLU C 431 2.20 -2.36 35.94
N ARG C 432 1.96 -2.90 37.13
CA ARG C 432 0.68 -2.79 37.80
C ARG C 432 0.25 -1.32 37.91
N ILE C 433 1.13 -0.48 38.45
CA ILE C 433 0.84 0.94 38.61
C ILE C 433 0.67 1.63 37.25
N THR C 434 1.59 1.45 36.34
N THR C 434 1.64 1.50 36.38
CA THR C 434 1.55 2.07 35.05
CA THR C 434 1.60 1.90 34.98
C THR C 434 0.21 1.83 34.27
C THR C 434 0.19 1.83 34.34
N LYS C 435 -0.39 0.67 34.45
CA LYS C 435 -1.70 0.38 33.81
C LYS C 435 -2.87 1.11 34.47
N ALA C 436 -2.76 1.32 35.78
CA ALA C 436 -3.84 1.91 36.56
C ALA C 436 -3.85 3.44 36.47
N LEU C 437 -2.72 4.02 36.09
CA LEU C 437 -2.64 5.47 35.95
C LEU C 437 -3.46 5.94 34.74
N GLU C 438 -4.43 6.83 35.01
CA GLU C 438 -5.26 7.43 33.97
C GLU C 438 -4.54 8.63 33.32
N VAL C 439 -3.66 8.28 32.40
CA VAL C 439 -2.51 9.06 32.07
C VAL C 439 -2.13 8.77 30.60
N GLY C 440 -1.55 9.70 29.85
CA GLY C 440 -1.14 9.40 28.49
C GLY C 440 0.25 8.77 28.35
N ALA C 441 1.11 9.04 29.33
CA ALA C 441 2.49 8.60 29.27
C ALA C 441 2.96 8.26 30.67
N VAL C 442 3.70 7.17 30.82
CA VAL C 442 4.24 6.78 32.12
C VAL C 442 5.73 6.52 32.09
N TRP C 443 6.48 7.26 32.90
CA TRP C 443 7.89 6.98 33.08
C TRP C 443 8.10 6.00 34.24
N VAL C 444 8.85 4.94 33.98
CA VAL C 444 9.15 3.95 35.00
C VAL C 444 10.58 4.14 35.49
N ASN C 445 10.73 4.36 36.80
CA ASN C 445 12.04 4.58 37.44
C ASN C 445 12.86 5.68 36.76
N CYS C 446 12.14 6.63 36.17
CA CYS C 446 12.69 7.92 35.77
C CYS C 446 11.54 8.90 35.71
N SER C 447 11.82 10.13 35.32
CA SER C 447 10.78 11.13 35.08
C SER C 447 11.23 12.18 34.07
N GLN C 448 10.41 12.37 33.04
CA GLN C 448 10.57 13.37 31.96
C GLN C 448 11.43 13.02 30.70
N PRO C 449 12.15 11.86 30.66
CA PRO C 449 12.82 11.63 29.35
C PRO C 449 11.83 11.56 28.19
N CYS C 450 12.16 12.33 27.17
CA CYS C 450 11.26 12.63 26.07
C CYS C 450 11.87 12.31 24.70
N PHE C 451 11.50 11.16 24.14
CA PHE C 451 12.03 10.72 22.85
C PHE C 451 11.04 10.90 21.70
N VAL C 452 11.54 11.46 20.59
CA VAL C 452 10.71 11.71 19.41
C VAL C 452 10.19 10.39 18.84
N GLN C 453 10.86 9.28 19.14
CA GLN C 453 10.46 7.96 18.67
C GLN C 453 9.09 7.45 19.19
N ALA C 454 8.63 8.01 20.31
CA ALA C 454 7.46 7.47 21.02
C ALA C 454 6.27 8.45 21.03
N PRO C 455 5.03 7.92 21.00
CA PRO C 455 3.83 8.77 20.95
C PRO C 455 3.65 9.61 22.22
N TRP C 456 3.23 10.86 22.05
CA TRP C 456 3.15 11.80 23.16
C TRP C 456 1.80 12.52 23.22
N GLY C 457 1.10 12.39 24.36
CA GLY C 457 -0.15 13.12 24.56
C GLY C 457 -0.92 12.73 25.80
N GLY C 458 -1.95 13.50 26.10
CA GLY C 458 -2.72 13.28 27.32
C GLY C 458 -4.08 12.66 27.14
N ILE C 459 -4.78 12.51 28.27
CA ILE C 459 -6.21 12.19 28.29
C ILE C 459 -6.85 13.15 29.29
N LYS C 460 -8.17 13.11 29.40
CA LYS C 460 -8.94 13.95 30.32
C LYS C 460 -8.68 15.43 30.04
N ARG C 461 -8.43 16.25 31.06
CA ARG C 461 -8.33 17.67 30.81
C ARG C 461 -6.97 18.04 30.15
N SER C 462 -6.10 17.05 29.98
CA SER C 462 -4.80 17.29 29.35
C SER C 462 -4.91 17.23 27.84
N GLY C 463 -6.13 17.05 27.34
CA GLY C 463 -6.35 17.05 25.90
C GLY C 463 -6.46 15.68 25.23
N PHE C 464 -6.15 15.63 23.93
CA PHE C 464 -6.30 14.41 23.16
C PHE C 464 -5.44 14.46 21.90
N GLY C 465 -5.20 13.29 21.32
CA GLY C 465 -4.32 13.18 20.17
C GLY C 465 -2.93 12.82 20.63
N ARG C 466 -2.17 12.23 19.72
CA ARG C 466 -0.79 11.87 19.99
C ARG C 466 0.11 12.47 18.93
N GLU C 467 1.09 13.25 19.39
CA GLU C 467 2.16 13.76 18.56
C GLU C 467 3.39 12.83 18.66
N LEU C 468 4.38 13.07 17.80
CA LEU C 468 5.65 12.36 17.81
C LEU C 468 5.51 10.86 17.51
N GLY C 469 6.65 10.17 17.43
CA GLY C 469 6.67 8.76 17.06
C GLY C 469 6.01 8.48 15.71
N GLU C 470 5.53 7.26 15.53
CA GLU C 470 4.81 6.92 14.31
C GLU C 470 3.40 7.50 14.26
N TRP C 471 3.03 8.26 15.29
CA TRP C 471 1.71 8.90 15.33
C TRP C 471 1.73 10.31 14.73
N GLY C 472 2.90 10.94 14.80
CA GLY C 472 3.08 12.36 14.50
C GLY C 472 2.54 12.77 13.14
N ILE C 473 2.96 12.06 12.10
CA ILE C 473 2.62 12.42 10.73
C ILE C 473 1.12 12.22 10.40
N GLN C 474 0.50 11.25 11.08
CA GLN C 474 -0.89 10.89 10.80
C GLN C 474 -1.89 11.98 11.23
N ASN C 475 -1.45 12.90 12.07
CA ASN C 475 -2.30 14.04 12.42
C ASN C 475 -2.49 15.01 11.25
N TYR C 476 -1.65 14.86 10.22
CA TYR C 476 -1.61 15.81 9.10
C TYR C 476 -2.10 15.19 7.80
N LEU C 477 -2.77 14.05 7.93
CA LEU C 477 -3.13 13.20 6.80
C LEU C 477 -4.62 13.04 6.58
N ASN C 478 -4.99 13.02 5.31
CA ASN C 478 -6.26 12.51 4.84
C ASN C 478 -6.09 11.02 4.50
N ILE C 479 -6.57 10.15 5.37
CA ILE C 479 -6.61 8.73 5.07
C ILE C 479 -7.69 8.52 4.02
N LYS C 480 -7.30 8.37 2.75
CA LYS C 480 -8.28 8.24 1.68
C LYS C 480 -8.48 6.79 1.29
N GLN C 481 -9.70 6.30 1.47
CA GLN C 481 -10.09 4.98 1.01
C GLN C 481 -10.31 5.01 -0.49
N VAL C 482 -9.75 4.02 -1.18
CA VAL C 482 -9.99 3.88 -2.62
C VAL C 482 -10.45 2.45 -2.92
N THR C 483 -11.71 2.23 -3.25
N THR C 483 -11.63 2.37 -3.50
CA THR C 483 -12.20 0.89 -3.57
CA THR C 483 -12.31 1.10 -3.64
C THR C 483 -12.74 0.83 -5.00
C THR C 483 -12.81 0.86 -5.08
N GLN C 484 -12.26 -0.13 -5.77
CA GLN C 484 -12.49 -0.20 -7.19
C GLN C 484 -13.27 -1.44 -7.57
N ASP C 485 -14.25 -1.28 -8.48
CA ASP C 485 -14.95 -2.42 -9.08
C ASP C 485 -14.10 -2.96 -10.24
N ILE C 486 -13.59 -4.18 -10.11
CA ILE C 486 -12.79 -4.72 -11.20
C ILE C 486 -13.52 -5.74 -12.07
N SER C 487 -14.83 -5.90 -11.85
CA SER C 487 -15.57 -7.03 -12.46
C SER C 487 -15.96 -6.78 -13.89
N ASP C 488 -16.13 -5.51 -14.24
CA ASP C 488 -16.71 -5.12 -15.53
C ASP C 488 -18.06 -5.84 -15.76
N GLU C 489 -18.75 -6.14 -14.66
CA GLU C 489 -20.08 -6.71 -14.72
C GLU C 489 -21.11 -5.66 -14.30
N PRO C 490 -22.38 -5.86 -14.71
CA PRO C 490 -23.43 -5.01 -14.18
C PRO C 490 -23.58 -5.26 -12.68
N TRP C 491 -23.86 -4.22 -11.92
CA TRP C 491 -24.09 -4.36 -10.48
C TRP C 491 -25.24 -5.33 -10.25
N GLY C 492 -26.27 -5.24 -11.09
CA GLY C 492 -27.41 -6.16 -11.04
C GLY C 492 -28.30 -6.01 -9.83
N TRP C 493 -28.45 -4.78 -9.33
CA TRP C 493 -29.38 -4.51 -8.24
C TRP C 493 -30.73 -4.07 -8.78
N TYR C 494 -30.69 -3.15 -9.73
CA TYR C 494 -31.88 -2.63 -10.36
C TYR C 494 -32.20 -3.42 -11.63
N LYS C 495 -33.32 -3.11 -12.26
CA LYS C 495 -33.72 -3.83 -13.46
C LYS C 495 -33.59 -2.95 -14.69
N SER C 496 -32.98 -3.51 -15.73
CA SER C 496 -32.35 -2.72 -16.79
C SER C 496 -33.20 -1.82 -17.67
N PRO C 497 -34.24 -2.36 -18.30
CA PRO C 497 -34.70 -1.48 -19.39
C PRO C 497 -35.60 -0.36 -18.92
N PRO D 4 -46.56 -6.11 14.78
CA PRO D 4 -46.42 -5.24 15.97
C PRO D 4 -45.03 -4.66 16.14
N ILE D 5 -44.92 -3.49 16.71
CA ILE D 5 -43.64 -3.10 17.19
C ILE D 5 -43.65 -3.12 18.67
N PRO D 6 -42.48 -3.61 19.24
CA PRO D 6 -42.49 -3.64 20.71
C PRO D 6 -42.51 -2.24 21.33
N ALA D 7 -42.99 -2.13 22.54
CA ALA D 7 -42.88 -0.90 23.28
C ALA D 7 -41.88 -1.19 24.33
N ARG D 8 -40.69 -0.63 24.18
CA ARG D 8 -39.67 -0.90 25.21
C ARG D 8 -39.49 0.28 26.11
N GLN D 9 -38.67 0.08 27.14
CA GLN D 9 -38.19 1.16 27.97
C GLN D 9 -36.73 1.48 27.60
N LEU D 10 -36.10 2.35 28.38
CA LEU D 10 -34.68 2.59 28.19
C LEU D 10 -33.90 1.38 28.67
N PHE D 11 -32.73 1.18 28.08
CA PHE D 11 -31.86 0.07 28.47
C PHE D 11 -30.70 0.61 29.25
N ILE D 12 -30.73 0.37 30.57
CA ILE D 12 -29.69 0.90 31.44
C ILE D 12 -29.27 -0.15 32.45
N ASP D 13 -27.96 -0.36 32.55
CA ASP D 13 -27.37 -1.25 33.55
C ASP D 13 -28.02 -2.62 33.48
N GLY D 14 -28.17 -3.13 32.26
CA GLY D 14 -28.69 -4.47 32.03
C GLY D 14 -30.19 -4.66 32.26
N GLU D 15 -30.92 -3.59 32.54
CA GLU D 15 -32.37 -3.70 32.67
C GLU D 15 -33.15 -2.58 31.97
N TRP D 16 -34.48 -2.70 32.01
CA TRP D 16 -35.35 -1.84 31.24
C TRP D 16 -35.99 -0.80 32.14
N ARG D 17 -35.57 0.45 31.96
CA ARG D 17 -35.94 1.51 32.88
C ARG D 17 -36.74 2.63 32.22
N GLU D 18 -37.90 2.91 32.82
CA GLU D 18 -38.74 4.02 32.42
C GLU D 18 -37.96 5.33 32.47
N PRO D 19 -38.14 6.21 31.47
CA PRO D 19 -37.58 7.57 31.57
C PRO D 19 -38.03 8.18 32.88
N ILE D 20 -37.13 8.85 33.58
CA ILE D 20 -37.48 9.43 34.88
C ILE D 20 -38.66 10.42 34.79
N LYS D 21 -38.69 11.23 33.73
CA LYS D 21 -39.78 12.18 33.51
C LYS D 21 -40.93 11.58 32.68
N LYS D 22 -40.79 10.31 32.31
CA LYS D 22 -41.89 9.50 31.78
C LYS D 22 -42.46 9.97 30.45
N ASN D 23 -41.70 10.74 29.66
CA ASN D 23 -42.15 11.12 28.32
C ASN D 23 -41.90 10.00 27.33
N ARG D 24 -42.79 9.85 26.39
CA ARG D 24 -42.63 8.98 25.24
C ARG D 24 -43.01 9.69 23.92
N ILE D 25 -42.51 9.22 22.80
CA ILE D 25 -42.89 9.82 21.52
C ILE D 25 -43.26 8.77 20.50
N PRO D 26 -44.08 9.16 19.50
CA PRO D 26 -44.60 8.19 18.53
C PRO D 26 -43.56 7.52 17.65
N VAL D 27 -43.85 6.29 17.25
CA VAL D 27 -43.18 5.68 16.11
C VAL D 27 -44.18 5.67 14.95
N ILE D 28 -43.77 6.26 13.82
CA ILE D 28 -44.62 6.35 12.64
C ILE D 28 -44.01 5.56 11.47
N ASN D 29 -44.87 4.81 10.77
CA ASN D 29 -44.49 4.03 9.60
C ASN D 29 -44.48 4.93 8.35
N PRO D 30 -43.30 5.14 7.78
CA PRO D 30 -43.09 6.07 6.65
C PRO D 30 -43.97 5.73 5.46
N SER D 31 -44.34 4.45 5.39
CA SER D 31 -45.08 3.91 4.26
C SER D 31 -46.57 4.25 4.30
N THR D 32 -47.12 4.37 5.51
CA THR D 32 -48.57 4.56 5.71
C THR D 32 -48.89 5.89 6.41
N GLU D 33 -47.90 6.43 7.11
CA GLU D 33 -48.01 7.65 7.92
C GLU D 33 -48.82 7.42 9.20
N GLU D 34 -49.03 6.16 9.57
CA GLU D 34 -49.80 5.90 10.78
C GLU D 34 -48.89 5.56 11.96
N ILE D 35 -49.39 5.86 13.16
CA ILE D 35 -48.70 5.51 14.40
C ILE D 35 -48.69 4.01 14.64
N ILE D 36 -47.51 3.41 14.81
CA ILE D 36 -47.41 1.97 15.01
C ILE D 36 -46.88 1.61 16.39
N GLY D 37 -46.62 2.63 17.20
CA GLY D 37 -46.07 2.43 18.51
C GLY D 37 -45.47 3.68 19.08
N ASP D 38 -44.63 3.53 20.10
CA ASP D 38 -43.92 4.66 20.66
C ASP D 38 -42.63 4.20 21.30
N ILE D 39 -41.75 5.17 21.59
CA ILE D 39 -40.45 4.93 22.20
C ILE D 39 -40.25 5.88 23.37
N PRO D 40 -39.40 5.49 24.34
CA PRO D 40 -39.10 6.41 25.44
C PRO D 40 -38.38 7.65 24.94
N ALA D 41 -38.56 8.76 25.62
CA ALA D 41 -37.88 9.98 25.21
C ALA D 41 -37.05 10.50 26.38
N ALA D 42 -35.82 10.04 26.50
CA ALA D 42 -35.03 10.29 27.69
C ALA D 42 -34.67 11.77 27.81
N THR D 43 -34.31 12.15 29.03
CA THR D 43 -33.88 13.50 29.32
C THR D 43 -32.55 13.43 30.06
N ALA D 44 -32.02 14.59 30.43
CA ALA D 44 -30.74 14.67 31.15
C ALA D 44 -30.68 13.75 32.36
N GLU D 45 -31.80 13.62 33.08
CA GLU D 45 -31.85 12.76 34.26
C GLU D 45 -31.48 11.32 33.94
N ASP D 46 -31.99 10.82 32.82
CA ASP D 46 -31.70 9.46 32.37
C ASP D 46 -30.27 9.34 31.87
N VAL D 47 -29.77 10.41 31.24
CA VAL D 47 -28.38 10.44 30.81
C VAL D 47 -27.50 10.28 32.06
N GLU D 48 -27.83 11.00 33.12
CA GLU D 48 -27.08 10.90 34.38
C GLU D 48 -27.01 9.45 34.89
N VAL D 49 -28.15 8.77 34.91
CA VAL D 49 -28.24 7.41 35.40
C VAL D 49 -27.46 6.45 34.49
N ALA D 50 -27.61 6.65 33.18
CA ALA D 50 -26.93 5.80 32.23
C ALA D 50 -25.41 5.93 32.35
N VAL D 51 -24.83 7.13 32.45
N VAL D 51 -24.79 7.09 32.16
CA VAL D 51 -23.38 7.28 32.48
CA VAL D 51 -23.37 7.26 32.47
C VAL D 51 -22.80 6.85 33.82
C VAL D 51 -23.00 6.55 33.78
N VAL D 52 -23.58 7.01 34.87
CA VAL D 52 -23.10 6.46 36.14
C VAL D 52 -22.99 4.95 36.00
N ALA D 53 -24.07 4.32 35.55
CA ALA D 53 -24.07 2.91 35.26
C ALA D 53 -22.87 2.49 34.40
N ALA D 54 -22.63 3.24 33.33
CA ALA D 54 -21.51 2.93 32.44
C ALA D 54 -20.16 3.08 33.13
N ARG D 55 -20.04 4.11 33.94
CA ARG D 55 -18.82 4.40 34.66
C ARG D 55 -18.53 3.34 35.73
N ARG D 56 -19.59 2.86 36.35
CA ARG D 56 -19.52 1.74 37.29
C ARG D 56 -19.07 0.46 36.59
N ALA D 57 -19.65 0.14 35.43
CA ALA D 57 -19.24 -1.05 34.68
C ALA D 57 -17.77 -0.94 34.28
N PHE D 58 -17.32 0.29 34.05
CA PHE D 58 -15.96 0.49 33.62
C PHE D 58 -14.96 0.30 34.75
N ARG D 59 -15.24 0.91 35.90
CA ARG D 59 -14.34 0.82 37.05
C ARG D 59 -14.22 -0.62 37.52
N ARG D 60 -15.29 -1.38 37.32
CA ARG D 60 -15.32 -2.78 37.66
C ARG D 60 -14.06 -3.53 37.24
N ASN D 61 -13.46 -3.16 36.13
CA ASN D 61 -12.31 -3.85 35.60
C ASN D 61 -12.60 -5.24 35.15
N ASN D 62 -13.84 -5.60 35.34
CA ASN D 62 -14.57 -6.73 34.78
C ASN D 62 -14.60 -6.84 33.24
N TRP D 63 -14.44 -5.72 32.54
CA TRP D 63 -14.64 -5.68 31.09
C TRP D 63 -13.49 -4.93 30.41
N SER D 64 -13.16 -3.78 30.98
CA SER D 64 -12.11 -2.91 30.44
C SER D 64 -10.70 -3.49 30.64
N ALA D 65 -10.46 -4.14 31.77
CA ALA D 65 -9.11 -4.67 32.02
C ALA D 65 -9.00 -6.13 31.57
N THR D 66 -9.99 -6.64 30.83
CA THR D 66 -9.89 -7.98 30.27
C THR D 66 -9.07 -8.03 28.99
N SER D 67 -8.82 -9.25 28.51
CA SER D 67 -8.13 -9.40 27.23
C SER D 67 -9.12 -9.03 26.13
N GLY D 68 -8.62 -8.67 24.96
CA GLY D 68 -9.47 -8.46 23.82
C GLY D 68 -10.08 -9.78 23.37
N ALA D 69 -9.30 -10.85 23.45
CA ALA D 69 -9.81 -12.19 23.15
C ALA D 69 -11.06 -12.47 23.96
N HIS D 70 -11.04 -12.09 25.25
CA HIS D 70 -12.19 -12.29 26.11
C HIS D 70 -13.40 -11.51 25.62
N ARG D 71 -13.19 -10.26 25.19
CA ARG D 71 -14.31 -9.44 24.75
C ARG D 71 -14.83 -9.88 23.40
N ALA D 72 -13.94 -10.43 22.59
CA ALA D 72 -14.29 -10.94 21.27
C ALA D 72 -15.37 -12.02 21.34
N THR D 73 -15.38 -12.81 22.42
CA THR D 73 -16.37 -13.87 22.53
C THR D 73 -17.78 -13.27 22.62
N TYR D 74 -17.89 -12.17 23.36
CA TYR D 74 -19.14 -11.43 23.42
C TYR D 74 -19.50 -10.81 22.06
N LEU D 75 -18.51 -10.27 21.36
CA LEU D 75 -18.78 -9.69 20.06
C LEU D 75 -19.29 -10.75 19.09
N ARG D 76 -18.74 -11.96 19.19
CA ARG D 76 -19.14 -13.04 18.30
C ARG D 76 -20.48 -13.60 18.70
N ALA D 77 -20.75 -13.63 20.00
CA ALA D 77 -22.05 -14.05 20.47
C ALA D 77 -23.14 -13.11 19.92
N ILE D 78 -22.88 -11.80 20.00
CA ILE D 78 -23.82 -10.81 19.47
C ILE D 78 -24.07 -11.01 17.98
N ALA D 79 -22.99 -11.22 17.24
CA ALA D 79 -23.09 -11.51 15.83
C ALA D 79 -24.00 -12.72 15.60
N ALA D 80 -23.74 -13.80 16.35
CA ALA D 80 -24.54 -15.00 16.27
C ALA D 80 -26.01 -14.73 16.59
N LYS D 81 -26.27 -13.90 17.59
CA LYS D 81 -27.65 -13.66 18.01
C LYS D 81 -28.40 -12.80 16.99
N ILE D 82 -27.72 -11.84 16.40
CA ILE D 82 -28.32 -11.05 15.33
C ILE D 82 -28.65 -11.93 14.12
N THR D 83 -27.75 -12.83 13.78
CA THR D 83 -28.01 -13.75 12.67
C THR D 83 -29.18 -14.69 13.02
N GLU D 84 -29.15 -15.27 14.20
CA GLU D 84 -30.27 -16.09 14.69
C GLU D 84 -31.59 -15.34 14.56
N LYS D 85 -31.65 -14.12 15.09
CA LYS D 85 -32.87 -13.32 15.10
C LYS D 85 -33.03 -12.44 13.86
N LYS D 86 -32.33 -12.81 12.80
CA LYS D 86 -32.30 -12.05 11.56
C LYS D 86 -33.64 -11.53 11.06
N ASP D 87 -34.61 -12.44 10.89
CA ASP D 87 -35.91 -12.09 10.30
C ASP D 87 -36.65 -11.02 11.13
N HIS D 88 -36.60 -11.17 12.44
CA HIS D 88 -37.20 -10.24 13.37
C HIS D 88 -36.60 -8.84 13.17
N PHE D 89 -35.27 -8.79 13.08
CA PHE D 89 -34.57 -7.53 12.95
C PHE D 89 -34.76 -6.89 11.57
N VAL D 90 -34.76 -7.67 10.49
N VAL D 90 -34.73 -7.65 10.50
CA VAL D 90 -34.93 -7.03 9.19
CA VAL D 90 -34.97 -7.16 9.15
C VAL D 90 -36.34 -6.44 9.04
C VAL D 90 -36.36 -6.47 9.03
N LYS D 91 -37.36 -7.08 9.63
CA LYS D 91 -38.77 -6.66 9.59
C LYS D 91 -38.96 -5.37 10.37
N LEU D 92 -38.36 -5.28 11.53
CA LEU D 92 -38.45 -4.08 12.35
C LEU D 92 -37.71 -2.90 11.66
N GLU D 93 -36.53 -3.18 11.11
CA GLU D 93 -35.77 -2.13 10.41
C GLU D 93 -36.54 -1.65 9.21
N THR D 94 -37.22 -2.57 8.54
CA THR D 94 -37.96 -2.23 7.35
C THR D 94 -39.13 -1.31 7.67
N ILE D 95 -39.92 -1.68 8.67
CA ILE D 95 -41.12 -0.94 8.96
C ILE D 95 -40.80 0.44 9.58
N ASP D 96 -39.70 0.51 10.32
CA ASP D 96 -39.31 1.72 11.06
C ASP D 96 -38.66 2.75 10.15
N SER D 97 -37.85 2.27 9.21
CA SER D 97 -36.98 3.14 8.41
C SER D 97 -37.53 3.41 7.02
N GLY D 98 -38.38 2.50 6.54
CA GLY D 98 -38.94 2.64 5.21
C GLY D 98 -38.05 2.21 4.04
N LYS D 99 -36.86 1.69 4.32
CA LYS D 99 -36.02 1.20 3.22
C LYS D 99 -36.56 -0.14 2.74
N PRO D 100 -36.44 -0.41 1.44
CA PRO D 100 -36.88 -1.68 0.86
C PRO D 100 -36.42 -2.86 1.71
N PHE D 101 -37.25 -3.89 1.83
CA PHE D 101 -36.91 -5.09 2.58
C PHE D 101 -35.57 -5.68 2.16
N ASP D 102 -35.29 -5.71 0.87
CA ASP D 102 -34.03 -6.29 0.40
C ASP D 102 -32.85 -5.47 0.87
N GLU D 103 -33.07 -4.18 1.11
CA GLU D 103 -32.00 -3.35 1.65
C GLU D 103 -31.78 -3.68 3.12
N ALA D 104 -32.88 -3.84 3.86
CA ALA D 104 -32.79 -4.13 5.28
C ALA D 104 -32.05 -5.43 5.54
N VAL D 105 -32.24 -6.43 4.67
CA VAL D 105 -31.60 -7.72 4.94
C VAL D 105 -30.07 -7.57 4.88
N LEU D 106 -29.57 -6.79 3.93
CA LEU D 106 -28.14 -6.49 3.82
C LEU D 106 -27.67 -5.71 5.05
N ASP D 107 -28.47 -4.75 5.50
CA ASP D 107 -28.15 -4.00 6.71
C ASP D 107 -27.88 -4.96 7.87
N ILE D 108 -28.81 -5.89 8.09
CA ILE D 108 -28.72 -6.82 9.22
C ILE D 108 -27.60 -7.84 8.99
N ASP D 109 -27.37 -8.26 7.73
CA ASP D 109 -26.16 -9.03 7.40
C ASP D 109 -24.91 -8.22 7.78
N ASP D 110 -24.92 -6.94 7.41
CA ASP D 110 -23.80 -6.07 7.70
C ASP D 110 -23.58 -5.87 9.22
N VAL D 111 -24.64 -5.82 10.05
CA VAL D 111 -24.30 -5.61 11.45
C VAL D 111 -23.68 -6.88 12.02
N ALA D 112 -24.16 -8.05 11.62
CA ALA D 112 -23.56 -9.30 12.10
C ALA D 112 -22.10 -9.34 11.64
N SER D 113 -21.88 -9.13 10.36
CA SER D 113 -20.57 -8.93 9.79
C SER D 113 -19.67 -7.96 10.54
N CYS D 114 -20.27 -6.89 11.00
CA CYS D 114 -19.48 -5.86 11.67
C CYS D 114 -18.99 -6.32 13.04
N PHE D 115 -19.86 -6.99 13.80
CA PHE D 115 -19.44 -7.50 15.10
C PHE D 115 -18.40 -8.60 14.95
N GLU D 116 -18.56 -9.43 13.92
CA GLU D 116 -17.57 -10.47 13.58
C GLU D 116 -16.19 -9.89 13.37
N TYR D 117 -16.10 -8.88 12.51
CA TYR D 117 -14.86 -8.17 12.21
C TYR D 117 -14.20 -7.58 13.44
N PHE D 118 -14.99 -6.85 14.22
CA PHE D 118 -14.41 -6.18 15.39
C PHE D 118 -14.07 -7.17 16.50
N ALA D 119 -14.61 -8.39 16.42
CA ALA D 119 -14.14 -9.46 17.30
C ALA D 119 -12.69 -9.77 16.90
N GLY D 120 -12.47 -9.88 15.59
CA GLY D 120 -11.14 -10.04 15.04
C GLY D 120 -10.19 -8.94 15.48
N GLN D 121 -10.69 -7.71 15.53
CA GLN D 121 -9.89 -6.56 15.94
C GLN D 121 -9.58 -6.60 17.42
N ALA D 122 -10.50 -7.13 18.22
CA ALA D 122 -10.30 -7.22 19.67
C ALA D 122 -9.22 -8.23 20.00
N GLU D 123 -9.27 -9.38 19.32
CA GLU D 123 -8.22 -10.39 19.41
C GLU D 123 -6.86 -9.84 18.97
N ALA D 124 -6.87 -9.05 17.92
CA ALA D 124 -5.62 -8.52 17.38
C ALA D 124 -5.03 -7.52 18.36
N LEU D 125 -5.87 -6.98 19.23
CA LEU D 125 -5.49 -5.95 20.17
C LEU D 125 -4.47 -6.50 21.19
N ASP D 126 -4.71 -7.70 21.67
CA ASP D 126 -3.71 -8.39 22.47
C ASP D 126 -2.47 -8.57 21.60
N GLY D 127 -1.30 -8.43 22.16
CA GLY D 127 -0.15 -8.71 21.32
C GLY D 127 0.22 -7.56 20.40
N LYS D 128 -0.71 -6.63 20.19
CA LYS D 128 -0.34 -5.26 19.90
C LYS D 128 0.08 -4.60 21.22
N GLN D 129 -0.28 -5.23 22.34
CA GLN D 129 0.05 -4.68 23.65
C GLN D 129 1.53 -4.77 23.88
N LYS D 130 2.08 -3.75 24.56
CA LYS D 130 3.50 -3.65 24.86
C LYS D 130 4.36 -3.62 23.60
N ALA D 131 3.78 -3.18 22.49
CA ALA D 131 4.51 -3.00 21.25
C ALA D 131 5.74 -2.16 21.51
N PRO D 132 6.92 -2.72 21.25
CA PRO D 132 8.16 -2.03 21.59
C PRO D 132 8.44 -0.81 20.71
N VAL D 133 9.02 0.22 21.31
CA VAL D 133 9.50 1.39 20.58
C VAL D 133 11.01 1.49 20.73
N THR D 134 11.72 1.36 19.64
CA THR D 134 13.18 1.32 19.71
C THR D 134 13.77 2.71 19.94
N LEU D 135 14.61 2.84 20.96
CA LEU D 135 15.17 4.16 21.30
C LEU D 135 16.67 4.19 21.02
N PRO D 136 17.22 5.38 20.75
CA PRO D 136 18.65 5.52 20.46
C PRO D 136 19.55 5.26 21.69
N MET D 137 19.09 5.72 22.85
CA MET D 137 19.88 5.60 24.09
C MET D 137 19.64 4.28 24.82
N GLU D 138 20.71 3.50 25.01
CA GLU D 138 20.59 2.17 25.61
C GLU D 138 20.02 2.19 27.03
N ARG D 139 20.16 3.31 27.72
CA ARG D 139 19.69 3.44 29.10
C ARG D 139 18.16 3.30 29.24
N PHE D 140 17.44 3.61 28.17
CA PHE D 140 15.98 3.62 28.25
C PHE D 140 15.36 2.61 27.31
N LYS D 141 14.22 2.07 27.74
CA LYS D 141 13.39 1.25 26.90
C LYS D 141 11.99 1.87 26.84
N SER D 142 11.24 1.55 25.80
CA SER D 142 9.90 2.12 25.65
C SER D 142 8.96 1.18 24.93
N HIS D 143 7.70 1.21 25.34
CA HIS D 143 6.67 0.49 24.61
C HIS D 143 5.32 1.22 24.69
N VAL D 144 4.36 0.74 23.93
CA VAL D 144 3.04 1.34 23.88
C VAL D 144 2.00 0.40 24.49
N LEU D 145 1.17 0.92 25.41
CA LEU D 145 -0.02 0.18 25.84
C LEU D 145 -1.26 0.76 25.17
N ARG D 146 -2.20 -0.11 24.82
CA ARG D 146 -3.46 0.35 24.24
C ARG D 146 -4.61 0.04 25.19
N GLN D 147 -5.04 1.04 25.97
CA GLN D 147 -6.11 0.80 26.91
C GLN D 147 -7.39 1.55 26.47
N PRO D 148 -8.55 1.06 26.91
CA PRO D 148 -9.79 1.77 26.60
C PRO D 148 -9.78 3.15 27.22
N LEU D 149 -10.38 4.13 26.55
CA LEU D 149 -10.45 5.48 27.10
C LEU D 149 -11.31 5.55 28.36
N GLY D 150 -12.47 4.92 28.32
CA GLY D 150 -13.40 4.99 29.44
C GLY D 150 -14.85 4.88 28.99
N VAL D 151 -15.68 5.80 29.48
CA VAL D 151 -17.09 5.86 29.12
C VAL D 151 -17.25 6.70 27.85
N VAL D 152 -17.91 6.17 26.83
CA VAL D 152 -18.07 6.93 25.60
C VAL D 152 -19.54 7.11 25.21
N GLY D 153 -19.84 8.27 24.62
CA GLY D 153 -21.18 8.54 24.13
C GLY D 153 -21.25 8.34 22.63
N LEU D 154 -22.23 7.55 22.19
CA LEU D 154 -22.38 7.20 20.78
C LEU D 154 -23.67 7.77 20.24
N ILE D 155 -23.57 8.64 19.25
CA ILE D 155 -24.77 9.26 18.71
C ILE D 155 -24.87 8.98 17.21
N SER D 156 -26.01 8.46 16.78
CA SER D 156 -26.13 7.91 15.43
C SER D 156 -27.41 8.33 14.69
N PRO D 157 -27.37 8.26 13.35
CA PRO D 157 -28.50 8.66 12.51
C PRO D 157 -29.43 7.52 12.14
N TRP D 158 -30.53 7.88 11.49
CA TRP D 158 -31.64 6.96 11.24
C TRP D 158 -31.58 6.21 9.92
N ASN D 159 -30.61 6.52 9.04
CA ASN D 159 -30.68 5.96 7.69
C ASN D 159 -30.27 4.48 7.62
N TYR D 160 -29.38 4.05 8.50
CA TYR D 160 -29.14 2.63 8.72
C TYR D 160 -29.17 2.45 10.24
N PRO D 161 -30.38 2.35 10.81
CA PRO D 161 -30.58 2.50 12.26
C PRO D 161 -29.63 1.62 13.08
N LEU D 162 -29.73 0.31 12.91
CA LEU D 162 -28.89 -0.58 13.69
C LEU D 162 -27.47 -0.57 13.15
N LEU D 163 -27.30 -0.52 11.83
CA LEU D 163 -25.93 -0.55 11.28
C LEU D 163 -25.08 0.67 11.72
N MET D 164 -25.64 1.87 11.65
CA MET D 164 -24.92 3.07 12.12
C MET D 164 -24.54 2.94 13.59
N ALA D 165 -25.45 2.40 14.40
CA ALA D 165 -25.16 2.22 15.82
C ALA D 165 -24.03 1.22 16.03
N THR D 166 -24.04 0.10 15.32
N THR D 166 -24.02 0.15 15.31
CA THR D 166 -23.04 -0.93 15.60
CA THR D 166 -23.08 -0.93 15.43
C THR D 166 -21.63 -0.51 15.10
C THR D 166 -21.66 -0.47 15.10
N TRP D 167 -21.59 0.38 14.11
CA TRP D 167 -20.33 0.98 13.65
C TRP D 167 -19.58 1.64 14.79
N LYS D 168 -20.33 2.08 15.80
CA LYS D 168 -19.74 2.64 17.00
C LYS D 168 -19.70 1.64 18.15
N ILE D 169 -20.81 0.92 18.40
CA ILE D 169 -20.83 -0.09 19.46
C ILE D 169 -19.70 -1.12 19.30
N ALA D 170 -19.53 -1.67 18.09
CA ALA D 170 -18.56 -2.77 17.92
C ALA D 170 -17.12 -2.37 18.27
N PRO D 171 -16.61 -1.24 17.74
CA PRO D 171 -15.25 -0.87 18.14
C PRO D 171 -15.11 -0.47 19.62
N ALA D 172 -16.11 0.23 20.16
CA ALA D 172 -16.05 0.68 21.56
C ALA D 172 -15.94 -0.51 22.51
N LEU D 173 -16.74 -1.53 22.26
CA LEU D 173 -16.71 -2.75 23.05
C LEU D 173 -15.41 -3.50 22.81
N ALA D 174 -14.97 -3.54 21.55
CA ALA D 174 -13.70 -4.17 21.22
C ALA D 174 -12.56 -3.54 22.02
N ALA D 175 -12.56 -2.21 22.12
CA ALA D 175 -11.47 -1.50 22.75
C ALA D 175 -11.48 -1.65 24.26
N GLY D 176 -12.62 -2.07 24.79
CA GLY D 176 -12.80 -2.21 26.23
C GLY D 176 -13.51 -1.05 26.91
N CYS D 177 -14.19 -0.20 26.12
CA CYS D 177 -14.91 0.92 26.71
C CYS D 177 -16.28 0.45 27.17
N THR D 178 -16.96 1.27 27.95
CA THR D 178 -18.41 1.11 28.17
C THR D 178 -19.09 2.29 27.46
N ALA D 179 -20.37 2.16 27.12
CA ALA D 179 -20.98 3.15 26.23
C ALA D 179 -22.43 3.51 26.56
N VAL D 180 -22.81 4.71 26.13
CA VAL D 180 -24.20 5.14 26.08
C VAL D 180 -24.50 5.46 24.62
N LEU D 181 -25.48 4.77 24.06
CA LEU D 181 -25.87 4.96 22.69
C LEU D 181 -27.11 5.83 22.66
N LYS D 182 -27.14 6.81 21.78
CA LYS D 182 -28.33 7.57 21.55
C LYS D 182 -28.66 7.63 20.08
N PRO D 183 -29.52 6.70 19.64
CA PRO D 183 -30.00 6.57 18.27
C PRO D 183 -30.89 7.72 17.87
N SER D 184 -31.19 7.80 16.58
CA SER D 184 -32.12 8.82 16.09
C SER D 184 -33.56 8.57 16.54
N GLU D 185 -34.22 9.65 16.94
CA GLU D 185 -35.64 9.63 17.27
C GLU D 185 -36.50 9.27 16.05
N LEU D 186 -35.93 9.33 14.84
CA LEU D 186 -36.67 8.97 13.63
C LEU D 186 -36.70 7.44 13.38
N ALA D 187 -35.78 6.70 14.01
CA ALA D 187 -35.73 5.26 13.81
C ALA D 187 -34.98 4.55 14.92
N SER D 188 -35.66 4.32 16.04
CA SER D 188 -35.01 3.80 17.24
C SER D 188 -35.37 2.36 17.59
N VAL D 189 -36.25 1.74 16.82
CA VAL D 189 -36.82 0.46 17.23
C VAL D 189 -35.81 -0.71 17.32
N THR D 190 -34.97 -0.89 16.29
CA THR D 190 -34.05 -2.04 16.33
C THR D 190 -32.94 -1.79 17.34
N CYS D 191 -32.54 -0.52 17.52
CA CYS D 191 -31.54 -0.16 18.52
C CYS D 191 -32.00 -0.48 19.93
N LEU D 192 -33.27 -0.21 20.23
CA LEU D 192 -33.77 -0.55 21.56
C LEU D 192 -33.80 -2.06 21.66
N GLU D 193 -34.22 -2.70 20.58
CA GLU D 193 -34.24 -4.15 20.51
C GLU D 193 -32.87 -4.76 20.78
N PHE D 194 -31.80 -4.05 20.41
CA PHE D 194 -30.44 -4.55 20.57
C PHE D 194 -30.12 -4.83 22.04
N GLY D 195 -30.78 -4.09 22.91
CA GLY D 195 -30.70 -4.28 24.33
C GLY D 195 -30.98 -5.69 24.79
N GLU D 196 -31.95 -6.35 24.17
CA GLU D 196 -32.35 -7.68 24.59
C GLU D 196 -31.25 -8.62 24.23
N VAL D 197 -30.72 -8.42 23.04
CA VAL D 197 -29.55 -9.13 22.61
C VAL D 197 -28.44 -9.07 23.68
N CYS D 198 -28.08 -7.89 24.14
CA CYS D 198 -26.99 -7.74 25.10
C CYS D 198 -27.24 -8.64 26.31
N ASN D 199 -28.47 -8.64 26.81
CA ASN D 199 -28.81 -9.51 27.93
C ASN D 199 -28.70 -10.98 27.52
N GLU D 200 -29.18 -11.33 26.34
CA GLU D 200 -29.14 -12.72 25.88
C GLU D 200 -27.72 -13.28 25.80
N VAL D 201 -26.75 -12.48 25.35
CA VAL D 201 -25.36 -12.95 25.29
C VAL D 201 -24.66 -12.69 26.60
N GLY D 202 -25.40 -12.11 27.55
CA GLY D 202 -24.87 -11.88 28.89
C GLY D 202 -23.84 -10.76 29.02
N LEU D 203 -23.92 -9.77 28.15
CA LEU D 203 -23.06 -8.60 28.29
C LEU D 203 -23.16 -8.01 29.71
N PRO D 204 -22.02 -7.78 30.35
CA PRO D 204 -22.05 -7.23 31.71
C PRO D 204 -22.88 -5.92 31.82
N PRO D 205 -23.63 -5.78 32.91
CA PRO D 205 -24.53 -4.65 33.13
C PRO D 205 -23.80 -3.31 33.07
N GLY D 206 -24.28 -2.38 32.24
CA GLY D 206 -23.69 -1.05 32.17
C GLY D 206 -22.65 -0.87 31.09
N VAL D 207 -22.22 -1.97 30.46
CA VAL D 207 -21.24 -1.88 29.38
C VAL D 207 -21.82 -1.16 28.16
N LEU D 208 -23.09 -1.41 27.87
CA LEU D 208 -23.82 -0.63 26.87
C LEU D 208 -25.20 -0.21 27.39
N ASN D 209 -25.48 1.08 27.27
CA ASN D 209 -26.74 1.65 27.67
C ASN D 209 -27.35 2.37 26.48
N ILE D 210 -28.66 2.23 26.34
CA ILE D 210 -29.35 2.71 25.15
C ILE D 210 -30.46 3.68 25.55
N LEU D 211 -30.29 4.93 25.15
CA LEU D 211 -31.24 5.97 25.48
C LEU D 211 -31.83 6.51 24.20
N THR D 212 -33.14 6.39 24.04
CA THR D 212 -33.81 6.99 22.89
C THR D 212 -34.39 8.33 23.28
N GLY D 213 -34.62 9.21 22.31
CA GLY D 213 -35.13 10.54 22.59
C GLY D 213 -34.73 11.57 21.55
N LEU D 214 -35.10 12.81 21.79
CA LEU D 214 -34.76 13.91 20.88
C LEU D 214 -33.32 14.36 21.09
N GLY D 215 -32.73 14.90 20.01
CA GLY D 215 -31.36 15.39 20.05
C GLY D 215 -31.06 16.30 21.22
N PRO D 216 -31.77 17.43 21.35
CA PRO D 216 -31.45 18.36 22.44
C PRO D 216 -31.74 17.77 23.82
N ASP D 217 -32.66 16.82 23.95
CA ASP D 217 -33.04 16.35 25.27
C ASP D 217 -32.24 15.17 25.79
N ALA D 218 -31.85 14.27 24.90
CA ALA D 218 -31.14 13.05 25.28
C ALA D 218 -29.71 13.08 24.75
N GLY D 219 -29.54 13.69 23.58
CA GLY D 219 -28.24 13.79 22.93
C GLY D 219 -27.34 14.83 23.55
N ALA D 220 -27.80 16.08 23.63
CA ALA D 220 -27.00 17.16 24.20
C ALA D 220 -26.51 16.89 25.64
N PRO D 221 -27.38 16.37 26.54
CA PRO D 221 -26.82 16.10 27.87
C PRO D 221 -25.73 15.04 27.87
N LEU D 222 -25.75 14.13 26.90
CA LEU D 222 -24.76 13.08 26.83
C LEU D 222 -23.41 13.68 26.46
N VAL D 223 -23.45 14.63 25.51
CA VAL D 223 -22.25 15.28 25.01
C VAL D 223 -21.63 16.19 26.07
N SER D 224 -22.47 16.88 26.82
CA SER D 224 -21.98 17.86 27.78
C SER D 224 -21.62 17.21 29.12
N HIS D 225 -21.90 15.92 29.28
CA HIS D 225 -21.73 15.29 30.59
C HIS D 225 -20.26 15.19 31.02
N PRO D 226 -19.96 15.73 32.22
CA PRO D 226 -18.59 15.83 32.75
C PRO D 226 -17.86 14.48 32.88
N ASP D 227 -18.58 13.37 32.92
CA ASP D 227 -17.93 12.07 33.08
C ASP D 227 -17.91 11.19 31.83
N VAL D 228 -18.29 11.73 30.68
CA VAL D 228 -18.20 10.97 29.44
C VAL D 228 -16.88 11.40 28.81
N ASP D 229 -16.04 10.45 28.43
CA ASP D 229 -14.67 10.76 28.04
C ASP D 229 -14.48 11.10 26.57
N LYS D 230 -15.42 10.70 25.72
CA LYS D 230 -15.29 10.90 24.27
C LYS D 230 -16.63 10.74 23.58
N ILE D 231 -16.85 11.47 22.50
CA ILE D 231 -18.11 11.40 21.77
C ILE D 231 -17.85 10.94 20.33
N ALA D 232 -18.53 9.88 19.92
CA ALA D 232 -18.53 9.46 18.53
C ALA D 232 -19.83 9.88 17.88
N PHE D 233 -19.75 10.83 16.96
CA PHE D 233 -20.96 11.43 16.39
C PHE D 233 -21.09 11.24 14.89
N THR D 234 -22.30 10.87 14.47
CA THR D 234 -22.65 10.81 13.06
C THR D 234 -23.98 11.53 12.87
N GLY D 235 -23.99 12.47 11.94
CA GLY D 235 -25.15 13.34 11.77
C GLY D 235 -24.86 14.43 10.76
N SER D 236 -25.69 15.47 10.80
CA SER D 236 -25.53 16.56 9.86
C SER D 236 -24.35 17.40 10.31
N SER D 237 -23.81 18.19 9.38
CA SER D 237 -22.70 19.07 9.69
C SER D 237 -23.07 20.15 10.69
N ALA D 238 -24.28 20.70 10.56
CA ALA D 238 -24.76 21.72 11.50
C ALA D 238 -24.82 21.19 12.92
N THR D 239 -25.33 19.96 13.08
CA THR D 239 -25.40 19.33 14.39
C THR D 239 -24.00 18.99 14.89
N GLY D 240 -23.13 18.53 13.99
CA GLY D 240 -21.78 18.17 14.39
C GLY D 240 -21.05 19.37 14.99
N SER D 241 -21.29 20.53 14.39
CA SER D 241 -20.74 21.79 14.88
C SER D 241 -21.16 22.08 16.32
N LYS D 242 -22.46 21.91 16.59
CA LYS D 242 -22.97 22.09 17.94
C LYS D 242 -22.45 21.05 18.90
N VAL D 243 -22.30 19.80 18.43
CA VAL D 243 -21.79 18.75 19.30
C VAL D 243 -20.36 19.07 19.69
N MET D 244 -19.56 19.54 18.71
CA MET D 244 -18.14 19.75 18.97
C MET D 244 -17.91 21.00 19.84
N ALA D 245 -18.79 21.98 19.72
CA ALA D 245 -18.72 23.19 20.53
C ALA D 245 -19.02 22.85 21.98
N SER D 246 -19.94 21.94 22.19
CA SER D 246 -20.28 21.50 23.53
C SER D 246 -19.14 20.63 24.11
N ALA D 247 -18.56 19.76 23.27
CA ALA D 247 -17.47 18.91 23.72
C ALA D 247 -16.29 19.77 24.17
N ALA D 248 -16.04 20.84 23.42
CA ALA D 248 -14.92 21.75 23.66
C ALA D 248 -14.89 22.32 25.06
N GLN D 249 -16.04 22.46 25.71
CA GLN D 249 -16.11 23.00 27.06
C GLN D 249 -15.29 22.18 28.05
N LEU D 250 -15.15 20.89 27.78
CA LEU D 250 -14.41 19.99 28.65
C LEU D 250 -13.29 19.32 27.87
N VAL D 251 -12.91 19.98 26.80
N VAL D 251 -12.93 20.01 26.67
CA VAL D 251 -11.88 19.53 25.89
CA VAL D 251 -11.85 19.54 25.79
C VAL D 251 -12.03 18.03 25.53
C VAL D 251 -12.03 18.04 25.51
N LYS D 252 -13.27 17.65 25.36
CA LYS D 252 -13.66 16.29 25.11
C LYS D 252 -13.44 15.93 23.64
N PRO D 253 -12.68 14.86 23.37
CA PRO D 253 -12.44 14.49 21.98
C PRO D 253 -13.72 14.01 21.29
N VAL D 254 -13.82 14.26 19.98
CA VAL D 254 -14.95 13.82 19.18
C VAL D 254 -14.46 13.26 17.87
N THR D 255 -15.23 12.32 17.32
CA THR D 255 -15.13 12.03 15.89
C THR D 255 -16.42 12.52 15.24
N LEU D 256 -16.31 13.12 14.05
CA LEU D 256 -17.46 13.71 13.36
C LEU D 256 -17.63 13.16 11.97
N GLU D 257 -18.65 12.33 11.80
CA GLU D 257 -19.00 11.83 10.48
C GLU D 257 -20.21 12.60 10.02
N LEU D 258 -20.02 13.54 9.09
CA LEU D 258 -21.08 14.49 8.77
C LEU D 258 -21.69 14.27 7.39
N GLY D 259 -22.33 15.30 6.86
CA GLY D 259 -23.02 15.19 5.60
C GLY D 259 -22.08 15.24 4.40
N GLY D 260 -22.67 15.22 3.20
CA GLY D 260 -21.89 15.24 1.97
C GLY D 260 -22.68 15.81 0.80
N LYS D 261 -21.95 16.18 -0.25
CA LYS D 261 -22.52 16.48 -1.55
C LYS D 261 -21.57 15.88 -2.59
N SER D 262 -21.51 14.55 -2.57
CA SER D 262 -20.49 13.80 -3.32
C SER D 262 -20.73 13.75 -4.83
N PRO D 263 -19.68 13.99 -5.62
CA PRO D 263 -19.78 13.97 -7.09
C PRO D 263 -19.50 12.60 -7.70
N ILE D 264 -20.19 12.26 -8.78
CA ILE D 264 -19.88 11.05 -9.52
C ILE D 264 -19.41 11.52 -10.89
N VAL D 265 -18.17 11.18 -11.24
CA VAL D 265 -17.57 11.73 -12.44
C VAL D 265 -17.53 10.67 -13.54
N VAL D 266 -18.17 10.97 -14.67
CA VAL D 266 -18.23 10.00 -15.78
C VAL D 266 -17.57 10.53 -17.06
N PHE D 267 -16.57 9.80 -17.52
CA PHE D 267 -15.87 10.19 -18.74
C PHE D 267 -16.47 9.47 -19.95
N GLU D 268 -16.12 9.96 -21.14
CA GLU D 268 -16.69 9.44 -22.38
C GLU D 268 -16.41 7.95 -22.59
N ASP D 269 -15.32 7.45 -22.03
CA ASP D 269 -14.89 6.09 -22.35
C ASP D 269 -15.43 5.05 -21.39
N VAL D 270 -16.75 4.94 -21.31
CA VAL D 270 -17.38 3.98 -20.38
C VAL D 270 -18.50 3.16 -21.02
N ASP D 271 -18.87 2.06 -20.36
CA ASP D 271 -20.09 1.33 -20.69
C ASP D 271 -21.32 2.04 -20.07
N ILE D 272 -22.05 2.78 -20.90
CA ILE D 272 -23.11 3.66 -20.41
C ILE D 272 -24.19 2.94 -19.59
N ASP D 273 -24.54 1.70 -19.97
CA ASP D 273 -25.54 0.96 -19.20
C ASP D 273 -25.04 0.52 -17.83
N LYS D 274 -23.76 0.19 -17.74
CA LYS D 274 -23.18 -0.25 -16.47
C LYS D 274 -23.06 0.92 -15.48
N VAL D 275 -22.68 2.09 -15.99
CA VAL D 275 -22.46 3.25 -15.14
C VAL D 275 -23.79 3.87 -14.70
N VAL D 276 -24.77 3.85 -15.60
CA VAL D 276 -26.11 4.36 -15.25
C VAL D 276 -26.68 3.58 -14.05
N GLU D 277 -26.45 2.28 -14.00
CA GLU D 277 -26.97 1.54 -12.86
C GLU D 277 -26.29 1.99 -11.59
N TRP D 278 -24.98 2.25 -11.66
CA TRP D 278 -24.23 2.67 -10.50
C TRP D 278 -24.64 4.09 -10.09
N THR D 279 -24.98 4.92 -11.07
CA THR D 279 -25.40 6.29 -10.81
C THR D 279 -26.75 6.30 -10.07
N ILE D 280 -27.58 5.31 -10.36
CA ILE D 280 -28.87 5.19 -9.71
C ILE D 280 -28.68 4.71 -8.27
N PHE D 281 -27.89 3.67 -8.12
CA PHE D 281 -27.50 3.15 -6.82
C PHE D 281 -26.85 4.26 -5.97
N GLY D 282 -25.94 5.00 -6.58
CA GLY D 282 -25.23 6.08 -5.94
C GLY D 282 -26.13 7.13 -5.33
N CYS D 283 -27.29 7.38 -5.93
CA CYS D 283 -28.12 8.51 -5.52
C CYS D 283 -29.54 8.15 -5.07
N PHE D 284 -30.07 6.99 -5.46
CA PHE D 284 -31.48 6.65 -5.14
C PHE D 284 -31.60 5.47 -4.19
N TRP D 285 -30.52 4.70 -4.04
CA TRP D 285 -30.50 3.60 -3.09
C TRP D 285 -30.63 4.16 -1.66
N THR D 286 -31.12 3.34 -0.74
CA THR D 286 -31.49 3.81 0.60
C THR D 286 -32.47 5.00 0.50
N ASN D 287 -33.27 4.99 -0.57
CA ASN D 287 -34.21 6.08 -0.86
C ASN D 287 -33.55 7.46 -0.89
N GLY D 288 -32.30 7.51 -1.39
CA GLY D 288 -31.58 8.76 -1.47
C GLY D 288 -30.93 9.22 -0.18
N GLN D 289 -31.16 8.51 0.92
CA GLN D 289 -30.71 8.96 2.23
C GLN D 289 -29.34 8.38 2.58
N ILE D 290 -28.34 8.77 1.78
CA ILE D 290 -26.98 8.28 1.91
C ILE D 290 -26.12 9.50 2.15
N ALA D 291 -25.32 9.47 3.20
CA ALA D 291 -24.38 10.54 3.44
C ALA D 291 -23.43 10.73 2.27
N SER D 292 -22.95 9.60 1.74
CA SER D 292 -22.00 9.61 0.62
C SER D 292 -22.67 9.49 -0.76
N ALA D 293 -23.98 9.70 -0.81
CA ALA D 293 -24.71 9.73 -2.09
C ALA D 293 -23.99 10.57 -3.14
N THR D 294 -23.66 9.94 -4.25
CA THR D 294 -23.16 10.70 -5.37
C THR D 294 -24.35 11.45 -6.00
N SER D 295 -24.65 12.59 -5.39
CA SER D 295 -25.84 13.36 -5.74
C SER D 295 -25.56 14.37 -6.85
N ARG D 296 -24.29 14.49 -7.23
CA ARG D 296 -23.91 15.38 -8.32
C ARG D 296 -23.28 14.60 -9.47
N LEU D 297 -24.04 14.44 -10.54
CA LEU D 297 -23.53 13.75 -11.73
C LEU D 297 -22.77 14.73 -12.59
N LEU D 298 -21.49 14.43 -12.80
CA LEU D 298 -20.67 15.16 -13.75
C LEU D 298 -20.33 14.21 -14.89
N VAL D 299 -20.97 14.42 -16.03
CA VAL D 299 -20.80 13.53 -17.18
C VAL D 299 -20.26 14.30 -18.39
N HIS D 300 -19.36 13.67 -19.14
CA HIS D 300 -18.65 14.36 -20.21
C HIS D 300 -19.60 14.79 -21.33
N GLU D 301 -19.40 16.00 -21.83
CA GLU D 301 -20.30 16.62 -22.79
C GLU D 301 -20.63 15.72 -23.98
N SER D 302 -19.66 14.90 -24.38
CA SER D 302 -19.78 14.08 -25.59
C SER D 302 -20.68 12.85 -25.43
N ILE D 303 -21.02 12.46 -24.21
CA ILE D 303 -21.99 11.35 -24.07
C ILE D 303 -23.15 11.75 -23.13
N ALA D 304 -23.18 13.01 -22.73
CA ALA D 304 -24.18 13.50 -21.78
C ALA D 304 -25.60 13.26 -22.28
N ALA D 305 -25.84 13.61 -23.55
CA ALA D 305 -27.15 13.44 -24.16
C ALA D 305 -27.62 12.00 -24.08
N GLU D 306 -26.79 11.06 -24.53
CA GLU D 306 -27.19 9.65 -24.47
C GLU D 306 -27.28 9.15 -23.03
N PHE D 307 -26.29 9.51 -22.21
CA PHE D 307 -26.21 9.02 -20.84
C PHE D 307 -27.48 9.36 -20.08
N VAL D 308 -27.83 10.64 -20.14
CA VAL D 308 -29.02 11.14 -19.48
C VAL D 308 -30.27 10.44 -20.02
N ASP D 309 -30.29 10.15 -21.31
CA ASP D 309 -31.43 9.44 -21.88
C ASP D 309 -31.62 8.07 -21.22
N LYS D 310 -30.57 7.26 -21.18
CA LYS D 310 -30.68 5.92 -20.60
C LYS D 310 -30.86 6.00 -19.08
N LEU D 311 -30.29 7.04 -18.49
CA LEU D 311 -30.46 7.28 -17.07
C LEU D 311 -31.95 7.33 -16.69
N VAL D 312 -32.79 7.98 -17.50
CA VAL D 312 -34.19 8.13 -17.12
C VAL D 312 -34.99 6.83 -17.35
N LYS D 313 -34.67 6.10 -18.41
CA LYS D 313 -35.32 4.82 -18.67
C LYS D 313 -35.05 3.85 -17.52
N TRP D 314 -33.80 3.84 -17.06
CA TRP D 314 -33.42 3.03 -15.91
C TRP D 314 -34.20 3.51 -14.68
N THR D 315 -34.24 4.83 -14.50
CA THR D 315 -34.89 5.44 -13.35
C THR D 315 -36.42 5.25 -13.36
N LYS D 316 -37.02 5.34 -14.54
CA LYS D 316 -38.45 5.04 -14.69
C LYS D 316 -38.79 3.61 -14.27
N ASN D 317 -37.82 2.71 -14.38
CA ASN D 317 -38.09 1.28 -14.20
C ASN D 317 -37.92 0.81 -12.76
N ILE D 318 -37.62 1.75 -11.87
CA ILE D 318 -37.51 1.44 -10.45
C ILE D 318 -38.89 1.27 -9.81
N LYS D 319 -39.14 0.09 -9.26
CA LYS D 319 -40.39 -0.16 -8.56
C LYS D 319 -40.46 0.62 -7.25
N ILE D 320 -41.33 1.64 -7.22
CA ILE D 320 -41.64 2.35 -5.99
C ILE D 320 -42.82 1.68 -5.33
N SER D 321 -42.67 1.25 -4.07
CA SER D 321 -43.77 0.62 -3.38
C SER D 321 -43.59 0.55 -1.88
N ASP D 322 -44.56 -0.06 -1.21
CA ASP D 322 -44.39 -0.43 0.18
C ASP D 322 -43.15 -1.31 0.24
N PRO D 323 -42.29 -1.06 1.24
CA PRO D 323 -40.97 -1.70 1.36
C PRO D 323 -41.06 -3.20 1.47
N PHE D 324 -42.19 -3.69 1.95
CA PHE D 324 -42.40 -5.12 2.11
C PHE D 324 -42.89 -5.81 0.84
N GLU D 325 -43.31 -5.03 -0.16
CA GLU D 325 -43.77 -5.64 -1.42
C GLU D 325 -42.63 -6.27 -2.21
N GLU D 326 -42.88 -7.46 -2.75
CA GLU D 326 -41.86 -8.11 -3.60
C GLU D 326 -41.44 -7.21 -4.79
N GLY D 327 -40.12 -7.16 -4.97
CA GLY D 327 -39.51 -6.38 -6.02
C GLY D 327 -39.27 -4.91 -5.66
N CYS D 328 -39.67 -4.50 -4.46
CA CYS D 328 -39.52 -3.09 -4.07
C CYS D 328 -38.07 -2.65 -4.15
N ARG D 329 -37.83 -1.59 -4.92
CA ARG D 329 -36.51 -1.01 -5.05
C ARG D 329 -36.45 0.43 -4.58
N LEU D 330 -37.60 0.97 -4.17
CA LEU D 330 -37.68 2.31 -3.63
C LEU D 330 -38.86 2.40 -2.68
N GLY D 331 -38.58 2.75 -1.42
CA GLY D 331 -39.59 2.94 -0.41
C GLY D 331 -39.79 4.41 -0.13
N PRO D 332 -40.55 4.75 0.92
CA PRO D 332 -40.78 6.17 1.22
C PRO D 332 -39.60 6.79 1.98
N VAL D 333 -39.43 8.10 1.89
CA VAL D 333 -38.44 8.76 2.75
C VAL D 333 -38.89 8.68 4.21
N ILE D 334 -37.98 8.99 5.12
CA ILE D 334 -38.08 8.58 6.52
C ILE D 334 -39.24 9.18 7.31
N SER D 335 -39.57 10.44 7.02
CA SER D 335 -40.45 11.19 7.90
C SER D 335 -41.17 12.28 7.15
N LYS D 336 -42.30 12.72 7.72
CA LYS D 336 -43.01 13.88 7.20
C LYS D 336 -42.08 15.07 7.12
N GLY D 337 -41.31 15.30 8.18
CA GLY D 337 -40.34 16.37 8.18
C GLY D 337 -39.34 16.36 7.03
N GLN D 338 -38.84 15.18 6.69
CA GLN D 338 -37.85 15.07 5.60
C GLN D 338 -38.53 15.17 4.26
N TYR D 339 -39.71 14.57 4.15
CA TYR D 339 -40.55 14.66 2.96
C TYR D 339 -40.78 16.12 2.56
N ASP D 340 -41.22 16.92 3.55
CA ASP D 340 -41.42 18.36 3.35
C ASP D 340 -40.15 19.06 2.89
N LYS D 341 -39.04 18.74 3.54
CA LYS D 341 -37.75 19.34 3.22
C LYS D 341 -37.32 19.05 1.77
N ILE D 342 -37.45 17.79 1.37
CA ILE D 342 -37.06 17.39 0.02
C ILE D 342 -37.94 18.05 -1.06
N MET D 343 -39.26 18.06 -0.84
CA MET D 343 -40.19 18.77 -1.72
C MET D 343 -39.82 20.25 -1.83
N LYS D 344 -39.45 20.86 -0.70
CA LYS D 344 -39.02 22.24 -0.71
C LYS D 344 -37.75 22.41 -1.54
N PHE D 345 -36.79 21.50 -1.38
CA PHE D 345 -35.58 21.54 -2.23
C PHE D 345 -35.93 21.51 -3.72
N ILE D 346 -36.92 20.69 -4.07
CA ILE D 346 -37.31 20.52 -5.46
C ILE D 346 -38.03 21.76 -6.00
N SER D 347 -38.91 22.37 -5.19
CA SER D 347 -39.60 23.60 -5.60
C SER D 347 -38.61 24.73 -5.84
N THR D 348 -37.63 24.83 -4.95
CA THR D 348 -36.65 25.90 -4.99
C THR D 348 -35.76 25.76 -6.22
N ALA D 349 -35.42 24.53 -6.58
CA ALA D 349 -34.65 24.28 -7.80
C ALA D 349 -35.44 24.76 -9.04
N LYS D 350 -36.73 24.46 -9.09
CA LYS D 350 -37.60 24.96 -10.17
C LYS D 350 -37.58 26.48 -10.19
N SER D 351 -37.78 27.07 -9.03
CA SER D 351 -37.85 28.51 -8.91
C SER D 351 -36.55 29.22 -9.33
N GLU D 352 -35.43 28.53 -9.14
CA GLU D 352 -34.13 29.10 -9.43
C GLU D 352 -33.77 28.92 -10.89
N GLY D 353 -34.58 28.12 -11.59
CA GLY D 353 -34.42 28.00 -13.02
C GLY D 353 -33.92 26.66 -13.51
N ALA D 354 -33.86 25.66 -12.62
CA ALA D 354 -33.46 24.33 -13.03
C ALA D 354 -34.60 23.57 -13.71
N THR D 355 -34.26 22.56 -14.51
CA THR D 355 -35.28 21.78 -15.20
C THR D 355 -35.46 20.38 -14.62
N ILE D 356 -36.59 20.11 -13.98
CA ILE D 356 -36.88 18.79 -13.49
C ILE D 356 -37.12 17.91 -14.70
N LEU D 357 -36.12 17.11 -15.02
CA LEU D 357 -36.16 16.26 -16.19
C LEU D 357 -37.13 15.13 -15.97
N TYR D 358 -37.03 14.53 -14.79
CA TYR D 358 -37.88 13.42 -14.42
C TYR D 358 -38.20 13.47 -12.93
N GLY D 359 -39.40 12.99 -12.57
CA GLY D 359 -39.79 12.84 -11.18
C GLY D 359 -40.07 14.16 -10.51
N GLY D 360 -39.72 14.26 -9.24
CA GLY D 360 -39.84 15.53 -8.54
C GLY D 360 -41.21 15.66 -7.93
N SER D 361 -42.00 14.61 -8.07
CA SER D 361 -43.35 14.62 -7.57
C SER D 361 -43.64 13.33 -6.81
N ARG D 362 -44.78 13.26 -6.16
CA ARG D 362 -45.19 12.06 -5.49
C ARG D 362 -45.68 11.07 -6.54
N PRO D 363 -45.42 9.78 -6.40
CA PRO D 363 -45.97 8.84 -7.37
C PRO D 363 -47.51 8.70 -7.35
N GLU D 364 -48.12 8.66 -8.53
CA GLU D 364 -49.58 8.61 -8.60
C GLU D 364 -50.19 7.35 -7.96
N HIS D 365 -49.44 6.25 -7.90
CA HIS D 365 -50.03 5.00 -7.39
C HIS D 365 -49.93 4.81 -5.87
N LEU D 366 -49.35 5.79 -5.18
CA LEU D 366 -49.22 5.76 -3.73
C LEU D 366 -49.70 7.06 -3.15
N LYS D 367 -50.95 7.08 -2.71
CA LYS D 367 -51.53 8.34 -2.27
C LYS D 367 -51.16 8.64 -0.83
N LYS D 368 -50.83 7.61 -0.06
CA LYS D 368 -50.39 7.83 1.31
C LYS D 368 -48.91 7.42 1.49
N GLY D 369 -48.27 7.94 2.53
CA GLY D 369 -46.89 7.57 2.82
C GLY D 369 -45.91 8.55 2.19
N TYR D 370 -44.72 8.68 2.75
CA TYR D 370 -43.82 9.74 2.31
C TYR D 370 -43.08 9.36 1.02
N TYR D 371 -43.84 9.13 -0.05
CA TYR D 371 -43.27 8.65 -1.30
C TYR D 371 -42.93 9.79 -2.24
N ILE D 372 -41.68 9.79 -2.68
CA ILE D 372 -41.20 10.79 -3.63
C ILE D 372 -40.59 10.01 -4.77
N GLU D 373 -40.86 10.45 -5.98
CA GLU D 373 -40.26 9.84 -7.17
C GLU D 373 -38.77 10.14 -7.27
N PRO D 374 -37.98 9.17 -7.75
CA PRO D 374 -36.57 9.50 -7.99
C PRO D 374 -36.54 10.64 -8.99
N THR D 375 -35.69 11.63 -8.75
CA THR D 375 -35.77 12.90 -9.44
C THR D 375 -34.45 13.21 -10.15
N ILE D 376 -34.53 13.56 -11.44
CA ILE D 376 -33.37 14.00 -12.21
C ILE D 376 -33.50 15.47 -12.51
N VAL D 377 -32.49 16.24 -12.14
CA VAL D 377 -32.54 17.69 -12.31
C VAL D 377 -31.39 18.20 -13.18
N THR D 378 -31.74 18.96 -14.22
CA THR D 378 -30.79 19.46 -15.20
C THR D 378 -30.86 20.97 -15.36
N ASP D 379 -30.17 21.50 -16.34
CA ASP D 379 -30.00 22.94 -16.48
C ASP D 379 -29.52 23.57 -15.18
N ILE D 380 -28.56 22.92 -14.57
CA ILE D 380 -28.04 23.34 -13.28
C ILE D 380 -27.04 24.46 -13.44
N SER D 381 -27.10 25.42 -12.53
CA SER D 381 -26.03 26.39 -12.32
C SER D 381 -25.40 26.13 -10.95
N THR D 382 -24.07 26.25 -10.87
CA THR D 382 -23.37 25.92 -9.63
C THR D 382 -23.78 26.82 -8.48
N SER D 383 -24.48 27.92 -8.75
CA SER D 383 -24.92 28.79 -7.68
CA SER D 383 -24.95 28.81 -7.70
C SER D 383 -26.32 28.40 -7.17
N MET D 384 -26.88 27.34 -7.74
CA MET D 384 -28.20 26.86 -7.30
C MET D 384 -28.11 26.08 -5.99
N GLN D 385 -29.13 26.27 -5.16
CA GLN D 385 -29.19 25.64 -3.85
C GLN D 385 -29.10 24.13 -3.97
N ILE D 386 -29.78 23.59 -4.97
CA ILE D 386 -29.87 22.15 -5.18
C ILE D 386 -28.49 21.56 -5.49
N TRP D 387 -27.58 22.42 -5.91
CA TRP D 387 -26.22 22.01 -6.27
C TRP D 387 -25.30 22.01 -5.07
N LYS D 388 -25.51 22.96 -4.17
CA LYS D 388 -24.65 23.10 -3.01
C LYS D 388 -25.08 22.21 -1.84
N GLU D 389 -26.37 22.19 -1.55
N GLU D 389 -26.36 22.20 -1.54
CA GLU D 389 -26.87 21.62 -0.30
CA GLU D 389 -26.88 21.66 -0.28
C GLU D 389 -27.24 20.15 -0.36
C GLU D 389 -27.24 20.16 -0.34
N GLU D 390 -27.04 19.46 0.75
CA GLU D 390 -27.44 18.07 0.87
C GLU D 390 -28.96 17.95 0.91
N VAL D 391 -29.51 17.15 0.01
CA VAL D 391 -30.95 17.02 -0.06
C VAL D 391 -31.39 15.80 0.77
N PHE D 392 -30.55 14.81 0.83
CA PHE D 392 -30.85 13.58 1.49
C PHE D 392 -32.19 12.97 1.05
N GLY D 393 -32.46 13.01 -0.23
CA GLY D 393 -33.63 12.37 -0.81
C GLY D 393 -33.22 11.91 -2.19
N PRO D 394 -34.07 11.10 -2.85
CA PRO D 394 -33.61 10.52 -4.12
C PRO D 394 -33.64 11.57 -5.25
N VAL D 395 -32.75 12.56 -5.13
CA VAL D 395 -32.68 13.70 -6.04
C VAL D 395 -31.26 13.88 -6.58
N LEU D 396 -31.13 13.82 -7.91
CA LEU D 396 -29.81 13.89 -8.54
C LEU D 396 -29.66 15.09 -9.46
N CYS D 397 -28.53 15.77 -9.33
CA CYS D 397 -28.20 16.92 -10.18
C CYS D 397 -27.25 16.51 -11.28
N VAL D 398 -27.45 17.06 -12.46
CA VAL D 398 -26.63 16.70 -13.61
C VAL D 398 -26.03 17.94 -14.27
N LYS D 399 -24.71 17.96 -14.38
CA LYS D 399 -23.98 18.98 -15.14
C LYS D 399 -23.00 18.28 -16.07
N THR D 400 -22.46 19.01 -17.05
CA THR D 400 -21.53 18.41 -17.99
C THR D 400 -20.16 19.10 -17.95
N PHE D 401 -19.16 18.38 -18.45
CA PHE D 401 -17.81 18.92 -18.46
C PHE D 401 -17.08 18.52 -19.73
N SER D 402 -16.07 19.30 -20.06
CA SER D 402 -15.22 19.02 -21.22
C SER D 402 -13.88 18.46 -20.75
N SER D 403 -13.13 19.34 -20.09
CA SER D 403 -11.79 19.07 -19.57
C SER D 403 -11.75 18.18 -18.32
N GLU D 404 -10.66 17.45 -18.14
CA GLU D 404 -10.42 16.71 -16.89
C GLU D 404 -10.18 17.67 -15.71
N ASP D 405 -9.43 18.74 -15.94
CA ASP D 405 -9.22 19.83 -14.97
C ASP D 405 -10.56 20.41 -14.52
N GLU D 406 -11.52 20.39 -15.44
CA GLU D 406 -12.82 21.01 -15.21
C GLU D 406 -13.69 20.11 -14.34
N ALA D 407 -13.65 18.80 -14.63
CA ALA D 407 -14.32 17.81 -13.80
C ALA D 407 -13.83 17.93 -12.36
N ILE D 408 -12.52 17.95 -12.19
CA ILE D 408 -11.91 18.03 -10.87
C ILE D 408 -12.34 19.29 -10.13
N ALA D 409 -12.27 20.44 -10.80
CA ALA D 409 -12.63 21.69 -10.16
C ALA D 409 -14.13 21.74 -9.81
N LEU D 410 -14.97 21.16 -10.67
CA LEU D 410 -16.42 21.11 -10.42
C LEU D 410 -16.74 20.11 -9.32
N ALA D 411 -16.08 18.96 -9.36
CA ALA D 411 -16.20 17.96 -8.30
C ALA D 411 -15.79 18.53 -6.93
N ASN D 412 -14.71 19.31 -6.87
CA ASN D 412 -14.24 19.85 -5.59
C ASN D 412 -14.94 21.13 -5.20
N ASP D 413 -15.82 21.64 -6.07
CA ASP D 413 -16.59 22.85 -5.79
C ASP D 413 -17.72 22.55 -4.82
N THR D 414 -17.35 22.14 -3.62
CA THR D 414 -18.28 21.94 -2.52
C THR D 414 -17.57 22.15 -1.19
N GLU D 415 -18.31 22.53 -0.17
CA GLU D 415 -17.71 22.66 1.15
C GLU D 415 -17.58 21.29 1.82
N TYR D 416 -18.37 20.35 1.32
CA TYR D 416 -18.31 18.99 1.79
C TYR D 416 -17.06 18.32 1.23
N GLY D 417 -16.84 17.08 1.67
CA GLY D 417 -15.72 16.29 1.27
C GLY D 417 -15.77 14.88 1.82
N LEU D 418 -16.90 14.23 1.67
CA LEU D 418 -17.04 12.89 2.20
C LEU D 418 -16.54 11.83 1.22
N ALA D 419 -17.16 11.78 0.05
CA ALA D 419 -16.84 10.73 -0.92
C ALA D 419 -16.92 11.23 -2.36
N ALA D 420 -16.61 10.33 -3.30
CA ALA D 420 -16.71 10.63 -4.73
C ALA D 420 -16.61 9.32 -5.49
N ALA D 421 -17.10 9.32 -6.73
CA ALA D 421 -16.98 8.18 -7.61
C ALA D 421 -16.49 8.62 -8.98
N VAL D 422 -15.61 7.83 -9.59
CA VAL D 422 -15.10 8.19 -10.91
C VAL D 422 -15.16 6.98 -11.84
N PHE D 423 -15.70 7.22 -13.03
CA PHE D 423 -15.91 6.19 -14.04
C PHE D 423 -15.14 6.50 -15.32
N SER D 424 -14.19 5.64 -15.64
CA SER D 424 -13.43 5.75 -16.90
C SER D 424 -12.76 4.41 -17.13
N ASN D 425 -12.67 3.98 -18.39
CA ASN D 425 -12.00 2.71 -18.67
C ASN D 425 -10.50 2.90 -18.63
N ASP D 426 -10.07 4.14 -18.86
CA ASP D 426 -8.69 4.56 -18.65
C ASP D 426 -8.36 4.64 -17.15
N LEU D 427 -7.73 3.58 -16.62
CA LEU D 427 -7.41 3.50 -15.19
C LEU D 427 -6.35 4.50 -14.73
N GLU D 428 -5.49 4.93 -15.65
CA GLU D 428 -4.52 5.96 -15.32
C GLU D 428 -5.26 7.27 -15.12
N ARG D 429 -6.33 7.48 -15.88
CA ARG D 429 -7.14 8.68 -15.70
C ARG D 429 -7.81 8.59 -14.34
N CYS D 430 -8.38 7.42 -14.05
CA CYS D 430 -9.03 7.16 -12.78
C CYS D 430 -8.15 7.56 -11.60
N GLU D 431 -6.95 6.99 -11.55
CA GLU D 431 -6.03 7.26 -10.45
C GLU D 431 -5.71 8.76 -10.34
N ARG D 432 -5.49 9.39 -11.48
CA ARG D 432 -5.26 10.83 -11.54
C ARG D 432 -6.46 11.59 -10.89
N ILE D 433 -7.68 11.19 -11.25
CA ILE D 433 -8.86 11.84 -10.69
C ILE D 433 -8.99 11.54 -9.20
N THR D 434 -8.76 10.30 -8.81
N THR D 434 -8.82 10.29 -8.85
CA THR D 434 -8.92 9.88 -7.42
CA THR D 434 -8.81 9.80 -7.48
C THR D 434 -8.03 10.70 -6.48
C THR D 434 -7.98 10.63 -6.52
N LYS D 435 -6.82 10.98 -6.95
CA LYS D 435 -5.85 11.73 -6.15
C LYS D 435 -6.25 13.19 -6.00
N ALA D 436 -6.80 13.78 -7.05
CA ALA D 436 -7.18 15.18 -6.99
C ALA D 436 -8.40 15.44 -6.11
N LEU D 437 -9.32 14.47 -6.04
CA LEU D 437 -10.58 14.67 -5.32
C LEU D 437 -10.39 14.98 -3.83
N GLU D 438 -10.86 16.14 -3.38
CA GLU D 438 -10.75 16.57 -1.98
C GLU D 438 -11.78 15.85 -1.11
N VAL D 439 -11.54 14.57 -0.87
CA VAL D 439 -12.52 13.77 -0.14
C VAL D 439 -11.83 12.71 0.69
N GLY D 440 -12.63 11.94 1.41
CA GLY D 440 -12.11 10.87 2.26
C GLY D 440 -12.20 9.45 1.70
N ALA D 441 -12.98 9.27 0.65
CA ALA D 441 -13.21 7.94 0.05
C ALA D 441 -13.55 8.05 -1.45
N VAL D 442 -12.84 7.29 -2.28
CA VAL D 442 -13.12 7.33 -3.72
C VAL D 442 -13.48 5.96 -4.25
N TRP D 443 -14.63 5.85 -4.91
CA TRP D 443 -15.00 4.62 -5.58
C TRP D 443 -14.59 4.72 -7.05
N VAL D 444 -13.96 3.67 -7.56
CA VAL D 444 -13.53 3.67 -8.96
C VAL D 444 -14.39 2.67 -9.75
N ASN D 445 -15.09 3.19 -10.76
CA ASN D 445 -15.99 2.37 -11.58
C ASN D 445 -17.08 1.67 -10.78
N CYS D 446 -17.54 2.35 -9.74
CA CYS D 446 -18.66 1.97 -8.91
C CYS D 446 -19.01 3.12 -7.95
N SER D 447 -20.07 2.96 -7.20
CA SER D 447 -20.50 3.98 -6.25
C SER D 447 -21.17 3.25 -5.08
N GLN D 448 -20.69 3.55 -3.87
CA GLN D 448 -21.32 3.15 -2.61
C GLN D 448 -21.05 1.80 -1.95
N PRO D 449 -20.24 0.91 -2.52
CA PRO D 449 -19.92 -0.30 -1.74
C PRO D 449 -19.14 0.02 -0.46
N CYS D 450 -19.69 -0.49 0.63
CA CYS D 450 -19.25 -0.16 1.98
C CYS D 450 -18.76 -1.40 2.70
N PHE D 451 -17.45 -1.54 2.81
CA PHE D 451 -16.87 -2.70 3.48
C PHE D 451 -16.31 -2.30 4.83
N VAL D 452 -16.64 -3.08 5.85
CA VAL D 452 -16.22 -2.77 7.21
C VAL D 452 -14.70 -2.89 7.33
N GLN D 453 -14.08 -3.57 6.35
CA GLN D 453 -12.63 -3.73 6.32
C GLN D 453 -11.84 -2.45 6.08
N ALA D 454 -12.47 -1.43 5.50
CA ALA D 454 -11.73 -0.23 5.04
C ALA D 454 -12.08 1.04 5.83
N PRO D 455 -11.10 1.95 6.03
CA PRO D 455 -11.37 3.18 6.78
C PRO D 455 -12.42 4.07 6.12
N TRP D 456 -13.28 4.65 6.95
CA TRP D 456 -14.39 5.46 6.46
C TRP D 456 -14.52 6.80 7.17
N GLY D 457 -14.40 7.90 6.43
CA GLY D 457 -14.67 9.23 6.97
C GLY D 457 -14.40 10.34 5.98
N GLY D 458 -14.75 11.56 6.36
CA GLY D 458 -14.65 12.69 5.44
C GLY D 458 -13.52 13.65 5.73
N ILE D 459 -13.43 14.69 4.91
CA ILE D 459 -12.59 15.84 5.21
C ILE D 459 -13.47 17.07 5.02
N LYS D 460 -12.93 18.27 5.26
CA LYS D 460 -13.69 19.51 5.12
C LYS D 460 -14.99 19.57 6.01
N ARG D 461 -16.08 20.07 5.42
CA ARG D 461 -17.36 20.12 6.12
C ARG D 461 -17.92 18.74 6.46
N SER D 462 -17.42 17.70 5.80
CA SER D 462 -17.92 16.34 6.02
C SER D 462 -17.35 15.75 7.33
N GLY D 463 -16.56 16.55 8.05
CA GLY D 463 -16.07 16.14 9.35
C GLY D 463 -14.64 15.61 9.33
N PHE D 464 -14.35 14.71 10.26
CA PHE D 464 -13.01 14.20 10.49
C PHE D 464 -13.03 12.95 11.34
N GLY D 465 -11.92 12.23 11.32
CA GLY D 465 -11.84 10.95 11.98
C GLY D 465 -12.15 9.85 10.98
N ARG D 466 -11.60 8.66 11.24
CA ARG D 466 -11.89 7.52 10.40
C ARG D 466 -12.52 6.43 11.24
N GLU D 467 -13.65 5.93 10.76
CA GLU D 467 -14.33 4.80 11.37
C GLU D 467 -14.24 3.56 10.47
N LEU D 468 -14.28 2.40 11.11
CA LEU D 468 -14.20 1.11 10.44
C LEU D 468 -12.79 0.66 10.11
N GLY D 469 -12.65 -0.53 9.53
CA GLY D 469 -11.33 -1.08 9.27
C GLY D 469 -10.45 -1.17 10.52
N GLU D 470 -9.14 -1.04 10.29
CA GLU D 470 -8.16 -1.07 11.36
C GLU D 470 -8.03 0.29 12.06
N TRP D 471 -8.86 1.26 11.66
CA TRP D 471 -8.95 2.56 12.32
C TRP D 471 -10.04 2.57 13.38
N GLY D 472 -11.01 1.67 13.23
CA GLY D 472 -12.20 1.68 14.08
C GLY D 472 -11.93 1.68 15.58
N ILE D 473 -11.20 0.69 16.02
CA ILE D 473 -10.97 0.49 17.44
C ILE D 473 -10.10 1.62 18.06
N GLN D 474 -9.19 2.18 17.26
CA GLN D 474 -8.28 3.21 17.74
C GLN D 474 -9.01 4.39 18.37
N ASN D 475 -10.11 4.80 17.73
CA ASN D 475 -10.89 5.95 18.20
C ASN D 475 -11.33 5.88 19.66
N TYR D 476 -11.15 4.71 20.27
CA TYR D 476 -11.67 4.42 21.61
C TYR D 476 -10.56 4.07 22.61
N LEU D 477 -9.31 4.28 22.19
CA LEU D 477 -8.15 3.92 23.00
C LEU D 477 -7.38 5.11 23.59
N ASN D 478 -6.84 4.89 24.79
CA ASN D 478 -5.71 5.65 25.29
C ASN D 478 -4.44 4.96 24.80
N ILE D 479 -3.72 5.61 23.88
CA ILE D 479 -2.37 5.18 23.50
C ILE D 479 -1.38 5.61 24.58
N LYS D 480 -0.97 4.69 25.42
CA LYS D 480 -0.15 5.06 26.56
C LYS D 480 1.31 4.72 26.31
N GLN D 481 2.17 5.74 26.32
CA GLN D 481 3.62 5.55 26.23
C GLN D 481 4.15 5.06 27.57
N VAL D 482 4.97 4.01 27.55
CA VAL D 482 5.64 3.54 28.76
C VAL D 482 7.14 3.48 28.50
N THR D 483 7.90 4.19 29.29
CA THR D 483 9.28 4.42 29.02
C THR D 483 10.08 4.25 30.31
N GLN D 484 11.06 3.34 30.32
CA GLN D 484 11.74 3.08 31.57
C GLN D 484 13.24 3.18 31.50
N ASP D 485 13.79 3.62 32.63
CA ASP D 485 15.21 3.64 32.90
C ASP D 485 15.61 2.26 33.40
N ILE D 486 16.43 1.54 32.64
CA ILE D 486 16.90 0.23 33.07
C ILE D 486 18.35 0.25 33.49
N SER D 487 18.91 1.43 33.78
CA SER D 487 20.34 1.55 34.01
C SER D 487 20.76 1.39 35.47
N ASP D 488 19.88 1.77 36.39
CA ASP D 488 20.24 1.84 37.80
C ASP D 488 21.50 2.71 38.04
N GLU D 489 21.74 3.65 37.12
CA GLU D 489 22.80 4.64 37.30
C GLU D 489 22.17 5.97 37.68
N PRO D 490 22.93 6.84 38.35
CA PRO D 490 22.38 8.19 38.58
C PRO D 490 22.13 8.88 37.25
N TRP D 491 21.05 9.66 37.16
CA TRP D 491 20.76 10.47 35.97
C TRP D 491 21.97 11.30 35.57
N GLY D 492 22.56 12.00 36.55
CA GLY D 492 23.78 12.74 36.31
C GLY D 492 23.61 14.17 35.79
N TRP D 493 22.41 14.73 35.98
CA TRP D 493 22.17 16.08 35.53
C TRP D 493 22.45 17.09 36.65
N TYR D 494 22.01 16.75 37.86
CA TYR D 494 22.23 17.63 39.01
C TYR D 494 23.45 17.20 39.81
N LYS D 495 23.91 18.09 40.69
CA LYS D 495 25.07 17.79 41.53
C LYS D 495 24.66 17.36 42.94
N SER D 496 25.32 16.34 43.46
CA SER D 496 25.04 15.83 44.81
C SER D 496 25.38 16.85 45.90
PA NAD E . -10.96 -15.69 -18.36
O1A NAD E . -9.85 -14.89 -18.16
O2A NAD E . -12.25 -15.22 -18.16
O5B NAD E . -10.83 -16.95 -17.45
C5B NAD E . -9.77 -17.86 -17.51
C4B NAD E . -9.50 -18.61 -16.20
O4B NAD E . -9.21 -17.75 -15.15
C3B NAD E . -10.65 -19.49 -15.83
O3B NAD E . -10.11 -20.68 -15.39
C2B NAD E . -11.35 -18.67 -14.78
O2B NAD E . -12.09 -19.33 -13.84
C1B NAD E . -10.16 -17.92 -14.19
N9A NAD E . -10.41 -16.68 -13.51
C8A NAD E . -11.36 -15.85 -13.77
N7A NAD E . -11.31 -14.81 -13.00
C5A NAD E . -10.30 -14.97 -12.18
C6A NAD E . -9.64 -14.25 -11.09
N6A NAD E . -10.07 -13.09 -10.66
N1A NAD E . -8.59 -14.82 -10.52
C2A NAD E . -8.09 -15.97 -10.88
N3A NAD E . -8.63 -16.67 -11.85
C4A NAD E . -9.70 -16.22 -12.53
O3 NAD E . -10.84 -16.25 -19.80
PN NAD E . -11.69 -17.29 -20.59
O1N NAD E . -12.91 -16.69 -20.93
O2N NAD E . -11.74 -18.53 -20.01
O5D NAD E . -11.00 -17.59 -21.92
C5D NAD E . -10.95 -16.77 -23.03
C4D NAD E . -9.84 -15.75 -22.97
O4D NAD E . -8.62 -16.42 -22.91
C3D NAD E . -9.83 -14.92 -24.25
O3D NAD E . -9.52 -13.65 -23.89
C2D NAD E . -8.68 -15.54 -25.06
O2D NAD E . -7.98 -14.66 -25.87
C1D NAD E . -7.78 -16.18 -23.97
N1N NAD E . -6.96 -17.31 -24.42
C2N NAD E . -5.69 -17.08 -24.66
C3N NAD E . -4.79 -18.03 -25.13
C7N NAD E . -3.35 -17.66 -25.37
O7N NAD E . -2.52 -18.49 -25.60
N7N NAD E . -2.97 -16.44 -25.27
C4N NAD E . -5.28 -19.31 -25.33
C5N NAD E . -6.63 -19.53 -25.07
C6N NAD E . -7.44 -18.53 -24.62
OH 0D8 F . 1.06 -22.11 -31.92
N3 0D8 F . -3.30 -20.34 -30.99
CA3 0D8 F . -2.29 -21.26 -30.57
C7 0D8 F . -1.19 -21.36 -31.61
C8 0D8 F . -0.09 -22.27 -31.11
C FMT G . -5.63 -19.89 -28.78
O1 FMT G . -5.29 -19.28 -29.78
O2 FMT G . -6.89 -19.82 -28.35
O1 PG4 H . 16.74 -22.81 -26.70
C1 PG4 H . 16.27 -21.53 -26.36
C2 PG4 H . 15.19 -21.82 -25.32
O2 PG4 H . 15.10 -20.67 -24.49
C3 PG4 H . 16.11 -20.66 -23.52
C4 PG4 H . 15.98 -19.36 -22.71
O3 PG4 H . 17.13 -19.32 -21.87
C5 PG4 H . 18.34 -19.72 -22.51
C6 PG4 H . 19.46 -19.72 -21.47
O4 PG4 H . 20.66 -20.20 -22.20
C7 PG4 H . 20.76 -21.61 -22.26
C8 PG4 H . 21.68 -21.94 -23.42
K K I . -20.00 -26.61 -20.86
PA NAD J . 14.71 0.68 -3.36
O1A NAD J . 13.83 -0.37 -3.56
O2A NAD J . 14.54 1.54 -2.29
O5B NAD J . 15.01 1.56 -4.62
C5B NAD J . 15.44 1.02 -5.82
C4B NAD J . 15.03 1.83 -7.07
O4B NAD J . 13.68 1.86 -7.24
C3B NAD J . 15.57 3.26 -6.95
O3B NAD J . 16.20 3.68 -8.12
C2B NAD J . 14.32 3.99 -6.55
O2B NAD J . 14.28 5.32 -6.84
C1B NAD J . 13.28 3.19 -7.27
N9A NAD J . 11.94 3.34 -6.72
C8A NAD J . 11.60 3.55 -5.50
N7A NAD J . 10.29 3.56 -5.36
C5A NAD J . 9.77 3.39 -6.53
C6A NAD J . 8.45 3.28 -7.13
N6A NAD J . 7.34 3.40 -6.42
N1A NAD J . 8.44 3.11 -8.42
C2A NAD J . 9.50 2.97 -9.16
N3A NAD J . 10.71 3.01 -8.70
C4A NAD J . 10.89 3.23 -7.42
O3 NAD J . 16.11 -0.05 -3.22
PN NAD J . 17.50 0.48 -2.72
O1N NAD J . 17.42 1.03 -1.44
O2N NAD J . 18.09 1.11 -3.77
O5D NAD J . 18.52 -0.73 -2.65
C5D NAD J . 18.49 -1.74 -1.70
C4D NAD J . 17.74 -2.99 -2.17
O4D NAD J . 18.21 -3.44 -3.41
C3D NAD J . 18.07 -4.06 -1.15
O3D NAD J . 16.91 -4.60 -0.65
C2D NAD J . 19.00 -5.01 -1.93
O2D NAD J . 18.83 -6.34 -1.68
C1D NAD J . 18.60 -4.75 -3.36
N1N NAD J . 19.54 -5.18 -4.42
C2N NAD J . 19.30 -6.31 -5.02
C3N NAD J . 20.09 -6.82 -6.03
C7N NAD J . 19.77 -8.13 -6.71
O7N NAD J . 20.38 -8.52 -7.64
N7N NAD J . 18.79 -8.81 -6.22
C4N NAD J . 21.18 -6.07 -6.37
C5N NAD J . 21.40 -4.88 -5.73
C6N NAD J . 20.58 -4.47 -4.74
OH 0D8 K . 26.74 -12.88 -9.57
N3 0D8 K . 25.68 -10.40 -5.65
CA3 0D8 K . 25.95 -10.29 -7.05
C7 0D8 K . 26.58 -11.56 -7.58
C8 0D8 K . 26.62 -11.55 -9.09
C FMT L . 24.30 -7.26 -4.90
O1 FMT L . 24.10 -8.40 -4.55
O2 FMT L . 23.80 -6.25 -4.18
C1 AE3 M . 35.08 -10.87 -9.84
C2 AE3 M . 35.24 -11.86 -8.75
O2 AE3 M . 35.02 -11.29 -7.47
C3 AE3 M . 33.67 -10.93 -7.36
C4 AE3 M . 33.38 -10.03 -6.18
O3 AE3 M . 32.02 -9.75 -6.39
C5 AE3 M . 31.79 -8.71 -7.34
C6 AE3 M . 30.34 -8.39 -7.58
O4 AE3 M . 30.08 -7.04 -7.85
K K N . 25.79 10.17 -2.40
PA NAD O . -1.13 29.39 26.41
O1A NAD O . -2.22 28.53 26.37
O2A NAD O . -1.29 30.61 27.14
O5B NAD O . -0.56 29.82 25.00
C5B NAD O . -0.33 28.89 24.00
C4B NAD O . -0.30 29.50 22.62
O4B NAD O . -1.60 29.75 22.23
C3B NAD O . 0.49 30.78 22.60
O3B NAD O . 1.19 30.84 21.41
C2B NAD O . -0.64 31.77 22.68
O2B NAD O . -0.41 32.98 22.08
C1B NAD O . -1.77 31.10 21.99
N9A NAD O . -3.08 31.61 22.43
C8A NAD O . -3.45 32.16 23.55
N7A NAD O . -4.74 32.43 23.55
C5A NAD O . -5.24 32.07 22.40
C6A NAD O . -6.54 32.09 21.69
N6A NAD O . -7.65 32.56 22.20
N1A NAD O . -6.55 31.57 20.47
C2A NAD O . -5.50 31.08 19.88
N3A NAD O . -4.32 31.07 20.44
C4A NAD O . -4.13 31.52 21.66
O3 NAD O . 0.06 28.52 27.00
PN NAD O . 1.51 28.90 27.47
O1N NAD O . 1.50 29.70 28.62
O2N NAD O . 2.27 29.24 26.37
O5D NAD O . 2.18 27.54 27.80
C5D NAD O . 1.92 26.84 28.98
C4D NAD O . 0.79 25.85 28.86
O4D NAD O . 1.21 25.01 27.87
C3D NAD O . 0.86 25.06 30.12
O3D NAD O . -0.39 24.86 30.63
C2D NAD O . 1.56 23.75 29.74
O2D NAD O . 1.03 22.60 30.31
C1D NAD O . 1.30 23.68 28.25
N1N NAD O . 2.20 22.84 27.47
C2N NAD O . 1.80 21.63 27.08
C3N NAD O . 2.56 20.77 26.32
C7N NAD O . 2.09 19.38 25.91
O7N NAD O . 2.67 18.65 25.21
N7N NAD O . 0.96 18.97 26.36
C4N NAD O . 3.82 21.21 25.97
C5N NAD O . 4.24 22.49 26.37
C6N NAD O . 3.41 23.29 27.11
OH 0D8 P . 7.94 12.46 25.34
N3 0D8 P . 7.19 16.22 28.22
CA3 0D8 P . 7.55 15.83 26.90
C7 0D8 P . 7.72 14.32 26.83
C8 0D8 P . 8.01 13.87 25.41
OH 0D8 Q . 16.17 12.44 26.11
N3 0D8 Q . 13.54 15.73 28.15
CA3 0D8 Q . 14.58 14.73 28.54
C7 0D8 Q . 15.30 14.29 27.27
C8 0D8 Q . 15.85 12.87 27.48
C FMT R . 6.44 19.89 28.03
O1 FMT R . 6.11 18.89 28.63
O2 FMT R . 6.11 21.09 28.50
O1 PG4 S . -2.51 0.59 10.30
C1 PG4 S . -3.71 0.98 10.96
C2 PG4 S . -3.69 2.48 10.76
O2 PG4 S . -4.38 3.05 11.86
C3 PG4 S . -3.52 3.28 12.92
C4 PG4 S . -2.83 4.59 12.56
O3 PG4 S . -2.83 5.35 13.75
C5 PG4 S . -2.10 4.74 14.79
C6 PG4 S . -0.62 5.03 14.51
O4 PG4 S . -0.08 3.81 14.04
C7 PG4 S . 1.17 3.46 14.68
C8 PG4 S . 1.58 2.06 14.20
K K T . 11.33 36.31 26.28
PA NAD U . -28.85 14.91 12.79
O1A NAD U . -27.67 15.67 12.79
O2A NAD U . -30.04 15.55 12.82
O5B NAD U . -28.88 13.95 14.01
C5B NAD U . -27.92 12.98 14.35
C4B NAD U . -28.07 12.49 15.76
O4B NAD U . -27.67 13.47 16.66
C3B NAD U . -29.47 12.04 16.15
O3B NAD U . -29.37 10.94 17.00
C2B NAD U . -29.97 13.26 16.85
O2B NAD U . -31.05 13.09 17.70
C1B NAD U . -28.70 13.80 17.51
N9A NAD U . -28.72 15.23 17.80
C8A NAD U . -29.42 16.17 17.25
N7A NAD U . -29.16 17.35 17.80
C5A NAD U . -28.29 17.16 18.73
C6A NAD U . -27.55 17.99 19.72
N6A NAD U . -27.69 19.28 19.85
N1A NAD U . -26.71 17.34 20.51
C2A NAD U . -26.51 16.05 20.46
N3A NAD U . -27.14 15.26 19.61
C4A NAD U . -28.00 15.76 18.73
O3 NAD U . -28.75 13.94 11.58
PN NAD U . -29.77 12.94 11.03
O1N NAD U . -30.86 13.59 10.42
O2N NAD U . -30.06 11.95 11.94
O5D NAD U . -28.92 12.16 9.98
C5D NAD U . -28.65 12.67 8.71
C4D NAD U . -27.25 13.23 8.60
O4D NAD U . -26.32 12.30 9.01
C3D NAD U . -26.98 13.57 7.14
O3D NAD U . -26.54 14.89 7.14
C2D NAD U . -25.94 12.56 6.72
O2D NAD U . -24.94 13.07 5.91
C1D NAD U . -25.31 12.16 8.07
N1N NAD U . -24.67 10.86 8.03
C2N NAD U . -23.37 10.82 7.91
C3N NAD U . -22.69 9.62 7.84
C7N NAD U . -21.21 9.61 7.68
O7N NAD U . -20.62 8.60 7.67
N7N NAD U . -20.57 10.73 7.56
C4N NAD U . -23.42 8.44 7.86
C5N NAD U . -24.78 8.54 7.99
C6N NAD U . -25.38 9.77 8.05
OH 0D8 V . -17.62 2.54 3.41
N3 0D8 V . -21.37 5.43 2.96
CA3 0D8 V . -20.68 4.55 3.84
C7 0D8 V . -19.65 3.74 3.06
C8 0D8 V . -18.88 2.82 3.99
C FMT W . -24.17 6.71 4.72
O1 FMT W . -23.27 7.20 4.08
O2 FMT W . -25.26 7.41 5.00
K K X . -39.98 5.47 11.99
#